data_3S6A
# 
_entry.id   3S6A 
# 
_audit_conform.dict_name       mmcif_pdbx.dic 
_audit_conform.dict_version    5.379 
_audit_conform.dict_location   http://mmcif.pdb.org/dictionaries/ascii/mmcif_pdbx.dic 
# 
loop_
_database_2.database_id 
_database_2.database_code 
_database_2.pdbx_database_accession 
_database_2.pdbx_DOI 
PDB   3S6A         pdb_00003s6a 10.2210/pdb3s6a/pdb 
RCSB  RCSB065814   ?            ?                   
WWPDB D_1000065814 ?            ?                   
# 
loop_
_pdbx_database_related.db_name 
_pdbx_database_related.db_id 
_pdbx_database_related.details 
_pdbx_database_related.content_type 
PDB 2g03 . unspecified 
PDB 3se5 . unspecified 
PDB 3SN9 . unspecified 
# 
_pdbx_database_status.entry_id                        3S6A 
_pdbx_database_status.deposit_site                    RCSB 
_pdbx_database_status.process_site                    RCSB 
_pdbx_database_status.recvd_initial_deposition_date   2011-05-25 
_pdbx_database_status.status_code                     REL 
_pdbx_database_status.status_code_sf                  REL 
_pdbx_database_status.status_code_mr                  ? 
_pdbx_database_status.SG_entry                        ? 
_pdbx_database_status.status_code_cs                  ? 
_pdbx_database_status.pdb_format_compatible           Y 
_pdbx_database_status.methods_development_category    ? 
_pdbx_database_status.status_code_nmr_data            ? 
# 
loop_
_audit_author.name 
_audit_author.pdbx_ordinal 
'Stanger, F.'  1 
'Goepfert, A.' 2 
'Schirmer, T.' 3 
# 
_citation.id                        primary 
_citation.title                     'Adenylylation control by intra- or intermolecular active-site obstruction in Fic proteins.' 
_citation.journal_abbrev            Nature 
_citation.journal_volume            482 
_citation.page_first                107 
_citation.page_last                 110 
_citation.year                      2012 
_citation.journal_id_ASTM           NATUAS 
_citation.country                   UK 
_citation.journal_id_ISSN           0028-0836 
_citation.journal_id_CSD            0006 
_citation.book_publisher            ? 
_citation.pdbx_database_id_PubMed   22266942 
_citation.pdbx_database_id_DOI      10.1038/nature10729 
# 
loop_
_citation_author.citation_id 
_citation_author.name 
_citation_author.ordinal 
_citation_author.identifier_ORCID 
primary 'Engel, P.'     1 ? 
primary 'Goepfert, A.'  2 ? 
primary 'Stanger, F.V.' 3 ? 
primary 'Harms, A.'     4 ? 
primary 'Schmidt, A.'   5 ? 
primary 'Schirmer, T.'  6 ? 
primary 'Dehio, C.'     7 ? 
# 
_cell.length_a           148.960 
_cell.length_b           148.960 
_cell.length_c           75.799 
_cell.angle_alpha        90.000 
_cell.angle_beta         90.000 
_cell.angle_gamma        120.000 
_cell.entry_id           3S6A 
_cell.pdbx_unique_axis   ? 
_cell.Z_PDB              12 
_cell.length_a_esd       ? 
_cell.length_b_esd       ? 
_cell.length_c_esd       ? 
_cell.angle_alpha_esd    ? 
_cell.angle_beta_esd     ? 
_cell.angle_gamma_esd    ? 
# 
_symmetry.Int_Tables_number                181 
_symmetry.space_group_name_H-M             'P 64 2 2' 
_symmetry.entry_id                         3S6A 
_symmetry.pdbx_full_space_group_name_H-M   ? 
_symmetry.cell_setting                     ? 
_symmetry.space_group_name_Hall            ? 
# 
loop_
_entity.id 
_entity.type 
_entity.src_method 
_entity.pdbx_description 
_entity.formula_weight 
_entity.pdbx_number_of_molecules 
_entity.pdbx_ec 
_entity.pdbx_mutation 
_entity.pdbx_fragment 
_entity.details 
1 polymer     man 'Cell filamentation protein Fic-related protein' 22123.150 1   ? ? ? ? 
2 non-polymer syn 'PHOSPHOAMINOPHOSPHONIC ACID-ADENYLATE ESTER'    506.196   1   ? ? ? ? 
3 water       nat water                                            18.015    184 ? ? ? ? 
# 
_entity_poly.entity_id                      1 
_entity_poly.type                           'polypeptide(L)' 
_entity_poly.nstd_linkage                   no 
_entity_poly.nstd_monomer                   no 
_entity_poly.pdbx_seq_one_letter_code       
;MHHHHHHMKSIDEQSLHNARRLFESGDIDRIEVGTTAGLQQIHRYLFGGLYDFAGQIREDNISKGGFRFANAMYLKEALV
KIEQMPERTFEEIIAKYVEMNIAHPFLEGNGRSTRIWLDLVLKKNLKKVVNWQNVSKTLYLQAMERSPVNDLELRFLLKD
NLTDDVDNREIIFKGIEQSYYYEGYEKG
;
_entity_poly.pdbx_seq_one_letter_code_can   
;MHHHHHHMKSIDEQSLHNARRLFESGDIDRIEVGTTAGLQQIHRYLFGGLYDFAGQIREDNISKGGFRFANAMYLKEALV
KIEQMPERTFEEIIAKYVEMNIAHPFLEGNGRSTRIWLDLVLKKNLKKVVNWQNVSKTLYLQAMERSPVNDLELRFLLKD
NLTDDVDNREIIFKGIEQSYYYEGYEKG
;
_entity_poly.pdbx_strand_id                 A 
_entity_poly.pdbx_target_identifier         ? 
# 
loop_
_entity_poly_seq.entity_id 
_entity_poly_seq.num 
_entity_poly_seq.mon_id 
_entity_poly_seq.hetero 
1 1   MET n 
1 2   HIS n 
1 3   HIS n 
1 4   HIS n 
1 5   HIS n 
1 6   HIS n 
1 7   HIS n 
1 8   MET n 
1 9   LYS n 
1 10  SER n 
1 11  ILE n 
1 12  ASP n 
1 13  GLU n 
1 14  GLN n 
1 15  SER n 
1 16  LEU n 
1 17  HIS n 
1 18  ASN n 
1 19  ALA n 
1 20  ARG n 
1 21  ARG n 
1 22  LEU n 
1 23  PHE n 
1 24  GLU n 
1 25  SER n 
1 26  GLY n 
1 27  ASP n 
1 28  ILE n 
1 29  ASP n 
1 30  ARG n 
1 31  ILE n 
1 32  GLU n 
1 33  VAL n 
1 34  GLY n 
1 35  THR n 
1 36  THR n 
1 37  ALA n 
1 38  GLY n 
1 39  LEU n 
1 40  GLN n 
1 41  GLN n 
1 42  ILE n 
1 43  HIS n 
1 44  ARG n 
1 45  TYR n 
1 46  LEU n 
1 47  PHE n 
1 48  GLY n 
1 49  GLY n 
1 50  LEU n 
1 51  TYR n 
1 52  ASP n 
1 53  PHE n 
1 54  ALA n 
1 55  GLY n 
1 56  GLN n 
1 57  ILE n 
1 58  ARG n 
1 59  GLU n 
1 60  ASP n 
1 61  ASN n 
1 62  ILE n 
1 63  SER n 
1 64  LYS n 
1 65  GLY n 
1 66  GLY n 
1 67  PHE n 
1 68  ARG n 
1 69  PHE n 
1 70  ALA n 
1 71  ASN n 
1 72  ALA n 
1 73  MET n 
1 74  TYR n 
1 75  LEU n 
1 76  LYS n 
1 77  GLU n 
1 78  ALA n 
1 79  LEU n 
1 80  VAL n 
1 81  LYS n 
1 82  ILE n 
1 83  GLU n 
1 84  GLN n 
1 85  MET n 
1 86  PRO n 
1 87  GLU n 
1 88  ARG n 
1 89  THR n 
1 90  PHE n 
1 91  GLU n 
1 92  GLU n 
1 93  ILE n 
1 94  ILE n 
1 95  ALA n 
1 96  LYS n 
1 97  TYR n 
1 98  VAL n 
1 99  GLU n 
1 100 MET n 
1 101 ASN n 
1 102 ILE n 
1 103 ALA n 
1 104 HIS n 
1 105 PRO n 
1 106 PHE n 
1 107 LEU n 
1 108 GLU n 
1 109 GLY n 
1 110 ASN n 
1 111 GLY n 
1 112 ARG n 
1 113 SER n 
1 114 THR n 
1 115 ARG n 
1 116 ILE n 
1 117 TRP n 
1 118 LEU n 
1 119 ASP n 
1 120 LEU n 
1 121 VAL n 
1 122 LEU n 
1 123 LYS n 
1 124 LYS n 
1 125 ASN n 
1 126 LEU n 
1 127 LYS n 
1 128 LYS n 
1 129 VAL n 
1 130 VAL n 
1 131 ASN n 
1 132 TRP n 
1 133 GLN n 
1 134 ASN n 
1 135 VAL n 
1 136 SER n 
1 137 LYS n 
1 138 THR n 
1 139 LEU n 
1 140 TYR n 
1 141 LEU n 
1 142 GLN n 
1 143 ALA n 
1 144 MET n 
1 145 GLU n 
1 146 ARG n 
1 147 SER n 
1 148 PRO n 
1 149 VAL n 
1 150 ASN n 
1 151 ASP n 
1 152 LEU n 
1 153 GLU n 
1 154 LEU n 
1 155 ARG n 
1 156 PHE n 
1 157 LEU n 
1 158 LEU n 
1 159 LYS n 
1 160 ASP n 
1 161 ASN n 
1 162 LEU n 
1 163 THR n 
1 164 ASP n 
1 165 ASP n 
1 166 VAL n 
1 167 ASP n 
1 168 ASN n 
1 169 ARG n 
1 170 GLU n 
1 171 ILE n 
1 172 ILE n 
1 173 PHE n 
1 174 LYS n 
1 175 GLY n 
1 176 ILE n 
1 177 GLU n 
1 178 GLN n 
1 179 SER n 
1 180 TYR n 
1 181 TYR n 
1 182 TYR n 
1 183 GLU n 
1 184 GLY n 
1 185 TYR n 
1 186 GLU n 
1 187 LYS n 
1 188 GLY n 
# 
_entity_src_gen.entity_id                          1 
_entity_src_gen.pdbx_src_id                        1 
_entity_src_gen.pdbx_alt_source_flag               sample 
_entity_src_gen.pdbx_seq_type                      ? 
_entity_src_gen.pdbx_beg_seq_num                   ? 
_entity_src_gen.pdbx_end_seq_num                   ? 
_entity_src_gen.gene_src_common_name               ? 
_entity_src_gen.gene_src_genus                     ? 
_entity_src_gen.pdbx_gene_src_gene                 NMB0255 
_entity_src_gen.gene_src_species                   ? 
_entity_src_gen.gene_src_strain                    'serogroup B' 
_entity_src_gen.gene_src_tissue                    ? 
_entity_src_gen.gene_src_tissue_fraction           ? 
_entity_src_gen.gene_src_details                   ? 
_entity_src_gen.pdbx_gene_src_fragment             ? 
_entity_src_gen.pdbx_gene_src_scientific_name      'Neisseria meningitidis' 
_entity_src_gen.pdbx_gene_src_ncbi_taxonomy_id     491 
_entity_src_gen.pdbx_gene_src_variant              ? 
_entity_src_gen.pdbx_gene_src_cell_line            ? 
_entity_src_gen.pdbx_gene_src_atcc                 ? 
_entity_src_gen.pdbx_gene_src_organ                ? 
_entity_src_gen.pdbx_gene_src_organelle            ? 
_entity_src_gen.pdbx_gene_src_cell                 ? 
_entity_src_gen.pdbx_gene_src_cellular_location    ? 
_entity_src_gen.host_org_common_name               ? 
_entity_src_gen.pdbx_host_org_scientific_name      'Escherichia coli' 
_entity_src_gen.pdbx_host_org_ncbi_taxonomy_id     562 
_entity_src_gen.host_org_genus                     ? 
_entity_src_gen.pdbx_host_org_gene                 ? 
_entity_src_gen.pdbx_host_org_organ                ? 
_entity_src_gen.host_org_species                   ? 
_entity_src_gen.pdbx_host_org_tissue               ? 
_entity_src_gen.pdbx_host_org_tissue_fraction      ? 
_entity_src_gen.pdbx_host_org_strain               'BL21(DE3)' 
_entity_src_gen.pdbx_host_org_variant              ? 
_entity_src_gen.pdbx_host_org_cell_line            ? 
_entity_src_gen.pdbx_host_org_atcc                 ? 
_entity_src_gen.pdbx_host_org_culture_collection   ? 
_entity_src_gen.pdbx_host_org_cell                 ? 
_entity_src_gen.pdbx_host_org_organelle            ? 
_entity_src_gen.pdbx_host_org_cellular_location    ? 
_entity_src_gen.pdbx_host_org_vector_type          plasmid 
_entity_src_gen.pdbx_host_org_vector               ? 
_entity_src_gen.host_org_details                   ? 
_entity_src_gen.expression_system_id               ? 
_entity_src_gen.plasmid_name                       pRSFDuet1 
_entity_src_gen.plasmid_details                    ? 
_entity_src_gen.pdbx_description                   ? 
# 
_struct_ref.id                         1 
_struct_ref.db_name                    UNP 
_struct_ref.db_code                    Q7DDR9_NEIMB 
_struct_ref.pdbx_db_accession          Q7DDR9 
_struct_ref.entity_id                  1 
_struct_ref.pdbx_seq_one_letter_code   
;MKSIDEQSLHNARRLFESGDIDRIEVGTTAGLQQIHRYLFGGLYDFAGQIREDNISKGGFRFANAMYLKEALVKIEQMPE
RTFEEIIAKYVEMNIAHPFLEGNGRSTRIWLDLVLKKNLKKVVNWQNVSKTLYLQAMERSPVNDLELRFLLKDNLTDDVD
NREIIFKGIEQSYYYEGYEKG
;
_struct_ref.pdbx_align_begin           11 
_struct_ref.pdbx_db_isoform            ? 
# 
_struct_ref_seq.align_id                      1 
_struct_ref_seq.ref_id                        1 
_struct_ref_seq.pdbx_PDB_id_code              3S6A 
_struct_ref_seq.pdbx_strand_id                A 
_struct_ref_seq.seq_align_beg                 8 
_struct_ref_seq.pdbx_seq_align_beg_ins_code   ? 
_struct_ref_seq.seq_align_end                 188 
_struct_ref_seq.pdbx_seq_align_end_ins_code   ? 
_struct_ref_seq.pdbx_db_accession             Q7DDR9 
_struct_ref_seq.db_align_beg                  11 
_struct_ref_seq.pdbx_db_align_beg_ins_code    ? 
_struct_ref_seq.db_align_end                  191 
_struct_ref_seq.pdbx_db_align_end_ins_code    ? 
_struct_ref_seq.pdbx_auth_seq_align_beg       11 
_struct_ref_seq.pdbx_auth_seq_align_end       191 
# 
loop_
_struct_ref_seq_dif.align_id 
_struct_ref_seq_dif.pdbx_pdb_id_code 
_struct_ref_seq_dif.mon_id 
_struct_ref_seq_dif.pdbx_pdb_strand_id 
_struct_ref_seq_dif.seq_num 
_struct_ref_seq_dif.pdbx_pdb_ins_code 
_struct_ref_seq_dif.pdbx_seq_db_name 
_struct_ref_seq_dif.pdbx_seq_db_accession_code 
_struct_ref_seq_dif.db_mon_id 
_struct_ref_seq_dif.pdbx_seq_db_seq_num 
_struct_ref_seq_dif.details 
_struct_ref_seq_dif.pdbx_auth_seq_num 
_struct_ref_seq_dif.pdbx_ordinal 
1 3S6A MET A 1 ? UNP Q7DDR9 ? ? 'expression tag' 4  1 
1 3S6A HIS A 2 ? UNP Q7DDR9 ? ? 'expression tag' 5  2 
1 3S6A HIS A 3 ? UNP Q7DDR9 ? ? 'expression tag' 6  3 
1 3S6A HIS A 4 ? UNP Q7DDR9 ? ? 'expression tag' 7  4 
1 3S6A HIS A 5 ? UNP Q7DDR9 ? ? 'expression tag' 8  5 
1 3S6A HIS A 6 ? UNP Q7DDR9 ? ? 'expression tag' 9  6 
1 3S6A HIS A 7 ? UNP Q7DDR9 ? ? 'expression tag' 10 7 
# 
loop_
_chem_comp.id 
_chem_comp.type 
_chem_comp.mon_nstd_flag 
_chem_comp.name 
_chem_comp.pdbx_synonyms 
_chem_comp.formula 
_chem_comp.formula_weight 
ALA 'L-peptide linking' y ALANINE                                       ? 'C3 H7 N O2'        89.093  
ANP non-polymer         . 'PHOSPHOAMINOPHOSPHONIC ACID-ADENYLATE ESTER' ? 'C10 H17 N6 O12 P3' 506.196 
ARG 'L-peptide linking' y ARGININE                                      ? 'C6 H15 N4 O2 1'    175.209 
ASN 'L-peptide linking' y ASPARAGINE                                    ? 'C4 H8 N2 O3'       132.118 
ASP 'L-peptide linking' y 'ASPARTIC ACID'                               ? 'C4 H7 N O4'        133.103 
GLN 'L-peptide linking' y GLUTAMINE                                     ? 'C5 H10 N2 O3'      146.144 
GLU 'L-peptide linking' y 'GLUTAMIC ACID'                               ? 'C5 H9 N O4'        147.129 
GLY 'peptide linking'   y GLYCINE                                       ? 'C2 H5 N O2'        75.067  
HIS 'L-peptide linking' y HISTIDINE                                     ? 'C6 H10 N3 O2 1'    156.162 
HOH non-polymer         . WATER                                         ? 'H2 O'              18.015  
ILE 'L-peptide linking' y ISOLEUCINE                                    ? 'C6 H13 N O2'       131.173 
LEU 'L-peptide linking' y LEUCINE                                       ? 'C6 H13 N O2'       131.173 
LYS 'L-peptide linking' y LYSINE                                        ? 'C6 H15 N2 O2 1'    147.195 
MET 'L-peptide linking' y METHIONINE                                    ? 'C5 H11 N O2 S'     149.211 
PHE 'L-peptide linking' y PHENYLALANINE                                 ? 'C9 H11 N O2'       165.189 
PRO 'L-peptide linking' y PROLINE                                       ? 'C5 H9 N O2'        115.130 
SER 'L-peptide linking' y SERINE                                        ? 'C3 H7 N O3'        105.093 
THR 'L-peptide linking' y THREONINE                                     ? 'C4 H9 N O3'        119.119 
TRP 'L-peptide linking' y TRYPTOPHAN                                    ? 'C11 H12 N2 O2'     204.225 
TYR 'L-peptide linking' y TYROSINE                                      ? 'C9 H11 N O3'       181.189 
VAL 'L-peptide linking' y VALINE                                        ? 'C5 H11 N O2'       117.146 
# 
_exptl.crystals_number   1 
_exptl.entry_id          3S6A 
_exptl.method            'X-RAY DIFFRACTION' 
# 
_exptl_crystal.id                    1 
_exptl_crystal.density_percent_sol   78.7 
_exptl_crystal.density_Matthews      5.8 
_exptl_crystal.density_meas          ? 
_exptl_crystal.description           ? 
_exptl_crystal.F_000                 ? 
_exptl_crystal.preparation           ? 
# 
_exptl_crystal_grow.crystal_id      1 
_exptl_crystal_grow.method          'VAPOR DIFFUSION, HANGING DROP' 
_exptl_crystal_grow.pH              6.0 
_exptl_crystal_grow.temp            277 
_exptl_crystal_grow.pdbx_details    
'5% 2-propanol, 0.1M MES, 0.1M Ca-acetate, pH 6.0, vapor diffusion, hanging drop, temperature 277K' 
_exptl_crystal_grow.temp_details    ? 
_exptl_crystal_grow.pdbx_pH_range   ? 
# 
_diffrn.id                     1 
_diffrn.ambient_temp           100 
_diffrn.ambient_temp_details   ? 
_diffrn.crystal_id             1 
# 
_diffrn_detector.diffrn_id              1 
_diffrn_detector.detector               CCD 
_diffrn_detector.type                   'MARMOSAIC 225 mm CCD' 
_diffrn_detector.pdbx_collection_date   2011-04-14 
_diffrn_detector.details                ? 
# 
_diffrn_radiation.diffrn_id                        1 
_diffrn_radiation.pdbx_diffrn_protocol             'SINGLE WAVELENGTH' 
_diffrn_radiation.monochromator                    ? 
_diffrn_radiation.wavelength_id                    1 
_diffrn_radiation.pdbx_monochromatic_or_laue_m_l   M 
_diffrn_radiation.pdbx_scattering_type             x-ray 
# 
_diffrn_radiation_wavelength.id           1 
_diffrn_radiation_wavelength.wavelength   1.0000 
_diffrn_radiation_wavelength.wt           1.0 
# 
_diffrn_source.diffrn_id                   1 
_diffrn_source.source                      SYNCHROTRON 
_diffrn_source.type                        'SLS BEAMLINE X06DA' 
_diffrn_source.pdbx_wavelength_list        1.0000 
_diffrn_source.pdbx_wavelength             ? 
_diffrn_source.pdbx_synchrotron_site       SLS 
_diffrn_source.pdbx_synchrotron_beamline   X06DA 
# 
_reflns.d_resolution_low             65.35 
_reflns.d_resolution_high            2.15 
_reflns.number_obs                   27218 
_reflns.pdbx_Rmerge_I_obs            0.093 
_reflns.pdbx_netI_over_sigmaI        18.5111 
_reflns.percent_possible_obs         99.11 
_reflns.pdbx_redundancy              13.65 
_reflns.observed_criterion_sigma_F   0 
_reflns.observed_criterion_sigma_I   -3.0 
_reflns.entry_id                     3S6A 
_reflns.number_all                   27218 
_reflns.pdbx_Rsym_value              ? 
_reflns.B_iso_Wilson_estimate        ? 
_reflns.R_free_details               ? 
_reflns.limit_h_max                  ? 
_reflns.limit_h_min                  ? 
_reflns.limit_k_max                  ? 
_reflns.limit_k_min                  ? 
_reflns.limit_l_max                  ? 
_reflns.limit_l_min                  ? 
_reflns.observed_criterion_F_max     ? 
_reflns.observed_criterion_F_min     ? 
_reflns.pdbx_chi_squared             ? 
_reflns.pdbx_scaling_rejects         ? 
_reflns.pdbx_ordinal                 1 
_reflns.pdbx_diffrn_id               1 
# 
loop_
_reflns_shell.d_res_low 
_reflns_shell.d_res_high 
_reflns_shell.number_measured_all 
_reflns_shell.number_unique_all 
_reflns_shell.Rmerge_I_obs 
_reflns_shell.meanI_over_sigI_obs 
_reflns_shell.percent_possible_all 
_reflns_shell.pdbx_redundancy 
_reflns_shell.percent_possible_obs 
_reflns_shell.pdbx_Rsym_value 
_reflns_shell.number_measured_obs 
_reflns_shell.number_unique_obs 
_reflns_shell.pdbx_chi_squared 
_reflns_shell.pdbx_ordinal 
_reflns_shell.pdbx_diffrn_id 
2.27  2.15 32385 3678 0.47 1.60  93.93  8.81  ? ? ? ? ? 1  1 
2.40  2.27 52237 3721 0.37 2.03  100.00 14.04 ? ? ? ? ? 2  1 
2.57  2.40 51464 3517 0.28 2.69  100.00 14.63 ? ? ? ? ? 3  1 
2.78  2.57 48176 3280 0.19 4.02  100.00 14.69 ? ? ? ? ? 4  1 
3.04  2.78 44873 3046 0.13 5.86  100.00 14.73 ? ? ? ? ? 5  1 
3.40  3.04 40236 2748 0.08 8.84  100.00 14.64 ? ? ? ? ? 6  1 
3.93  3.40 35699 2451 0.07 8.75  100.00 14.57 ? ? ? ? ? 7  1 
4.81  3.93 30327 2108 0.08 6.92  100.00 14.39 ? ? ? ? ? 8  1 
6.80  4.81 23424 1671 0.04 12.79 100.00 14.02 ? ? ? ? ? 9  1 
65.35 6.80 12661 998  0.02 21.41 99.91  12.69 ? ? ? ? ? 10 1 
# 
_refine.entry_id                                 3S6A 
_refine.ls_d_res_high                            2.200 
_refine.ls_d_res_low                             15.000 
_refine.pdbx_ls_sigma_F                          0.00 
_refine.ls_percent_reflns_obs                    99.960 
_refine.ls_number_reflns_obs                     25536 
_refine.pdbx_ls_cross_valid_method               THROUGHOUT 
_refine.pdbx_R_Free_selection_details            RANDOM 
_refine.details                                  'HYDROGENS HAVE BEEN ADDED IN THE RIDING POSITIONS' 
_refine.ls_R_factor_obs                          0.190 
_refine.ls_R_factor_R_work                       0.188 
_refine.ls_R_factor_R_free                       0.213 
_refine.ls_percent_reflns_R_free                 5.100 
_refine.ls_number_reflns_R_free                  1290 
_refine.B_iso_mean                               38.518 
_refine.aniso_B[1][1]                            -3.570 
_refine.aniso_B[2][2]                            -3.570 
_refine.aniso_B[3][3]                            5.350 
_refine.aniso_B[1][2]                            -1.780 
_refine.aniso_B[1][3]                            0.000 
_refine.aniso_B[2][3]                            0.000 
_refine.correlation_coeff_Fo_to_Fc               0.957 
_refine.correlation_coeff_Fo_to_Fc_free          0.945 
_refine.pdbx_overall_ESU_R_Free                  0.125 
_refine.overall_SU_ML                            0.085 
_refine.overall_SU_B                             3.463 
_refine.solvent_model_details                    'BABINET MODEL WITH MASK' 
_refine.pdbx_solvent_vdw_probe_radii             1.400 
_refine.pdbx_solvent_ion_probe_radii             0.800 
_refine.pdbx_solvent_shrinkage_radii             0.800 
_refine.pdbx_method_to_determine_struct          'FOURIER SYNTHESIS' 
_refine.pdbx_stereochemistry_target_values       'MAXIMUM LIKELIHOOD' 
_refine.B_iso_max                                82.53 
_refine.B_iso_min                                14.44 
_refine.occupancy_max                            1.00 
_refine.occupancy_min                            0.00 
_refine.pdbx_ls_sigma_I                          ? 
_refine.ls_number_reflns_all                     25536 
_refine.ls_R_factor_all                          0.190 
_refine.ls_redundancy_reflns_obs                 ? 
_refine.pdbx_data_cutoff_high_absF               ? 
_refine.pdbx_data_cutoff_low_absF                ? 
_refine.ls_number_parameters                     ? 
_refine.ls_number_restraints                     ? 
_refine.ls_R_factor_R_free_error                 ? 
_refine.ls_R_factor_R_free_error_details         ? 
_refine.pdbx_starting_model                      'PDB entry 2g03' 
_refine.pdbx_stereochem_target_val_spec_case     ? 
_refine.solvent_model_param_bsol                 ? 
_refine.solvent_model_param_ksol                 ? 
_refine.pdbx_isotropic_thermal_model             ? 
_refine.overall_SU_R_Cruickshank_DPI             ? 
_refine.overall_SU_R_free                        ? 
_refine.pdbx_data_cutoff_high_rms_absF           ? 
_refine.ls_wR_factor_R_free                      ? 
_refine.ls_wR_factor_R_work                      ? 
_refine.overall_FOM_free_R_set                   ? 
_refine.overall_FOM_work_R_set                   ? 
_refine.pdbx_overall_phase_error                 ? 
_refine.pdbx_diffrn_id                           1 
_refine.pdbx_refine_id                           'X-RAY DIFFRACTION' 
_refine.pdbx_overall_ESU_R                       ? 
_refine.pdbx_TLS_residual_ADP_flag               ? 
_refine.pdbx_overall_SU_R_free_Cruickshank_DPI   ? 
_refine.pdbx_overall_SU_R_Blow_DPI               ? 
_refine.pdbx_overall_SU_R_free_Blow_DPI          ? 
# 
_refine_hist.pdbx_refine_id                   'X-RAY DIFFRACTION' 
_refine_hist.cycle_id                         LAST 
_refine_hist.pdbx_number_atoms_protein        1465 
_refine_hist.pdbx_number_atoms_nucleic_acid   0 
_refine_hist.pdbx_number_atoms_ligand         27 
_refine_hist.number_atoms_solvent             184 
_refine_hist.number_atoms_total               1676 
_refine_hist.d_res_high                       2.200 
_refine_hist.d_res_low                        15.000 
# 
loop_
_refine_ls_restr.type 
_refine_ls_restr.number 
_refine_ls_restr.dev_ideal 
_refine_ls_restr.dev_ideal_target 
_refine_ls_restr.weight 
_refine_ls_restr.pdbx_restraint_function 
_refine_ls_restr.pdbx_refine_id 
r_bond_refined_d       1521 0.012  0.022  ? ? 'X-RAY DIFFRACTION' 
r_bond_other_d         1048 0.001  0.020  ? ? 'X-RAY DIFFRACTION' 
r_angle_refined_deg    2053 1.244  1.979  ? ? 'X-RAY DIFFRACTION' 
r_angle_other_deg      2534 0.833  3.000  ? ? 'X-RAY DIFFRACTION' 
r_dihedral_angle_1_deg 177  5.206  5.000  ? ? 'X-RAY DIFFRACTION' 
r_dihedral_angle_2_deg 82   35.284 24.268 ? ? 'X-RAY DIFFRACTION' 
r_dihedral_angle_3_deg 276  14.195 15.000 ? ? 'X-RAY DIFFRACTION' 
r_dihedral_angle_4_deg 12   19.316 15.000 ? ? 'X-RAY DIFFRACTION' 
r_chiral_restr         218  0.074  0.200  ? ? 'X-RAY DIFFRACTION' 
r_gen_planes_refined   1676 0.005  0.020  ? ? 'X-RAY DIFFRACTION' 
r_gen_planes_other     325  0.001  0.020  ? ? 'X-RAY DIFFRACTION' 
r_mcbond_it            880  1.175  1.500  ? ? 'X-RAY DIFFRACTION' 
r_mcbond_other         364  0.297  1.500  ? ? 'X-RAY DIFFRACTION' 
r_mcangle_it           1413 2.259  2.000  ? ? 'X-RAY DIFFRACTION' 
r_scbond_it            641  3.712  3.000  ? ? 'X-RAY DIFFRACTION' 
r_scangle_it           640  5.971  4.500  ? ? 'X-RAY DIFFRACTION' 
# 
_refine_ls_shell.d_res_high                       2.200 
_refine_ls_shell.d_res_low                        2.256 
_refine_ls_shell.pdbx_total_number_of_bins_used   20 
_refine_ls_shell.percent_reflns_obs               99.560 
_refine_ls_shell.number_reflns_R_work             1726 
_refine_ls_shell.R_factor_all                     ? 
_refine_ls_shell.R_factor_R_work                  0.310 
_refine_ls_shell.R_factor_R_free                  0.314 
_refine_ls_shell.percent_reflns_R_free            ? 
_refine_ls_shell.number_reflns_R_free             76 
_refine_ls_shell.R_factor_R_free_error            ? 
_refine_ls_shell.number_reflns_all                1802 
_refine_ls_shell.number_reflns_obs                ? 
_refine_ls_shell.redundancy_reflns_obs            ? 
_refine_ls_shell.pdbx_refine_id                   'X-RAY DIFFRACTION' 
# 
_struct.entry_id                  3S6A 
_struct.title                     'Fic protein from NEISSERIA MENINGITIDIS in complex with AMPPNP' 
_struct.pdbx_model_details        ? 
_struct.pdbx_CASP_flag            ? 
_struct.pdbx_model_type_details   ? 
# 
_struct_keywords.entry_id        3S6A 
_struct_keywords.text            'AMPylation, adenylylation, TRANSFERASE' 
_struct_keywords.pdbx_keywords   TRANSFERASE 
# 
loop_
_struct_asym.id 
_struct_asym.pdbx_blank_PDB_chainid_flag 
_struct_asym.pdbx_modified 
_struct_asym.entity_id 
_struct_asym.details 
A N N 1 ? 
B N N 2 ? 
C N N 3 ? 
# 
_struct_biol.id        1 
_struct_biol.details   ? 
# 
loop_
_struct_conf.conf_type_id 
_struct_conf.id 
_struct_conf.pdbx_PDB_helix_id 
_struct_conf.beg_label_comp_id 
_struct_conf.beg_label_asym_id 
_struct_conf.beg_label_seq_id 
_struct_conf.pdbx_beg_PDB_ins_code 
_struct_conf.end_label_comp_id 
_struct_conf.end_label_asym_id 
_struct_conf.end_label_seq_id 
_struct_conf.pdbx_end_PDB_ins_code 
_struct_conf.beg_auth_comp_id 
_struct_conf.beg_auth_asym_id 
_struct_conf.beg_auth_seq_id 
_struct_conf.end_auth_comp_id 
_struct_conf.end_auth_asym_id 
_struct_conf.end_auth_seq_id 
_struct_conf.pdbx_PDB_helix_class 
_struct_conf.details 
_struct_conf.pdbx_PDB_helix_length 
HELX_P HELX_P1  1  LYS A 9   ? SER A 25  ? LYS A 12  SER A 28  1 ? 17 
HELX_P HELX_P2  2  GLY A 26  ? ILE A 31  ? GLY A 29  ILE A 34  5 ? 6  
HELX_P HELX_P3  3  THR A 35  ? GLY A 48  ? THR A 38  GLY A 51  1 ? 14 
HELX_P HELX_P4  4  ASN A 71  ? GLN A 84  ? ASN A 74  GLN A 87  1 ? 14 
HELX_P HELX_P5  5  THR A 89  ? HIS A 104 ? THR A 92  HIS A 107 1 ? 16 
HELX_P HELX_P6  6  GLY A 109 ? LYS A 127 ? GLY A 112 LYS A 130 1 ? 19 
HELX_P HELX_P7  7  TRP A 132 ? VAL A 135 ? TRP A 135 VAL A 138 5 ? 4  
HELX_P HELX_P8  8  SER A 136 ? SER A 147 ? SER A 139 SER A 150 1 ? 12 
HELX_P HELX_P9  9  ASP A 151 ? ASP A 160 ? ASP A 154 ASP A 163 1 ? 10 
HELX_P HELX_P10 10 ASN A 168 ? GLU A 183 ? ASN A 171 GLU A 186 1 ? 16 
# 
_struct_conf_type.id          HELX_P 
_struct_conf_type.criteria    ? 
_struct_conf_type.reference   ? 
# 
loop_
_struct_sheet.id 
_struct_sheet.type 
_struct_sheet.number_strands 
_struct_sheet.details 
A ? 2 ? 
B ? 2 ? 
# 
loop_
_struct_sheet_order.sheet_id 
_struct_sheet_order.range_id_1 
_struct_sheet_order.range_id_2 
_struct_sheet_order.offset 
_struct_sheet_order.sense 
A 1 2 ? anti-parallel 
B 1 2 ? anti-parallel 
# 
loop_
_struct_sheet_range.sheet_id 
_struct_sheet_range.id 
_struct_sheet_range.beg_label_comp_id 
_struct_sheet_range.beg_label_asym_id 
_struct_sheet_range.beg_label_seq_id 
_struct_sheet_range.pdbx_beg_PDB_ins_code 
_struct_sheet_range.end_label_comp_id 
_struct_sheet_range.end_label_asym_id 
_struct_sheet_range.end_label_seq_id 
_struct_sheet_range.pdbx_end_PDB_ins_code 
_struct_sheet_range.beg_auth_comp_id 
_struct_sheet_range.beg_auth_asym_id 
_struct_sheet_range.beg_auth_seq_id 
_struct_sheet_range.end_auth_comp_id 
_struct_sheet_range.end_auth_asym_id 
_struct_sheet_range.end_auth_seq_id 
A 1 SER A 63  ? LYS A 64  ? SER A 66  LYS A 67  
A 2 PHE A 67  ? ARG A 68  ? PHE A 70  ARG A 71  
B 1 VAL A 129 ? VAL A 130 ? VAL A 132 VAL A 133 
B 2 LEU A 162 ? THR A 163 ? LEU A 165 THR A 166 
# 
loop_
_pdbx_struct_sheet_hbond.sheet_id 
_pdbx_struct_sheet_hbond.range_id_1 
_pdbx_struct_sheet_hbond.range_id_2 
_pdbx_struct_sheet_hbond.range_1_label_atom_id 
_pdbx_struct_sheet_hbond.range_1_label_comp_id 
_pdbx_struct_sheet_hbond.range_1_label_asym_id 
_pdbx_struct_sheet_hbond.range_1_label_seq_id 
_pdbx_struct_sheet_hbond.range_1_PDB_ins_code 
_pdbx_struct_sheet_hbond.range_1_auth_atom_id 
_pdbx_struct_sheet_hbond.range_1_auth_comp_id 
_pdbx_struct_sheet_hbond.range_1_auth_asym_id 
_pdbx_struct_sheet_hbond.range_1_auth_seq_id 
_pdbx_struct_sheet_hbond.range_2_label_atom_id 
_pdbx_struct_sheet_hbond.range_2_label_comp_id 
_pdbx_struct_sheet_hbond.range_2_label_asym_id 
_pdbx_struct_sheet_hbond.range_2_label_seq_id 
_pdbx_struct_sheet_hbond.range_2_PDB_ins_code 
_pdbx_struct_sheet_hbond.range_2_auth_atom_id 
_pdbx_struct_sheet_hbond.range_2_auth_comp_id 
_pdbx_struct_sheet_hbond.range_2_auth_asym_id 
_pdbx_struct_sheet_hbond.range_2_auth_seq_id 
A 1 2 N LYS A 64  ? N LYS A 67  O PHE A 67  ? O PHE A 70  
B 1 2 N VAL A 129 ? N VAL A 132 O THR A 163 ? O THR A 166 
# 
_struct_site.id                   AC1 
_struct_site.pdbx_evidence_code   Software 
_struct_site.pdbx_auth_asym_id    A 
_struct_site.pdbx_auth_comp_id    ANP 
_struct_site.pdbx_auth_seq_id     300 
_struct_site.pdbx_auth_ins_code   ? 
_struct_site.pdbx_num_residues    15 
_struct_site.details              'BINDING SITE FOR RESIDUE ANP A 300' 
# 
loop_
_struct_site_gen.id 
_struct_site_gen.site_id 
_struct_site_gen.pdbx_num_res 
_struct_site_gen.label_comp_id 
_struct_site_gen.label_asym_id 
_struct_site_gen.label_seq_id 
_struct_site_gen.pdbx_auth_ins_code 
_struct_site_gen.auth_comp_id 
_struct_site_gen.auth_asym_id 
_struct_site_gen.auth_seq_id 
_struct_site_gen.label_atom_id 
_struct_site_gen.label_alt_id 
_struct_site_gen.symmetry 
_struct_site_gen.details 
1  AC1 15 LYS A 64  ? LYS A 67  . ? 1_555 ? 
2  AC1 15 PHE A 69  ? PHE A 72  . ? 1_555 ? 
3  AC1 15 ASN A 101 ? ASN A 104 . ? 1_555 ? 
4  AC1 15 HIS A 104 ? HIS A 107 . ? 1_555 ? 
5  AC1 15 GLU A 108 ? GLU A 111 . ? 1_555 ? 
6  AC1 15 GLY A 109 ? GLY A 112 . ? 1_555 ? 
7  AC1 15 ASN A 110 ? ASN A 113 . ? 1_555 ? 
8  AC1 15 GLY A 111 ? GLY A 114 . ? 1_555 ? 
9  AC1 15 ARG A 115 ? ARG A 118 . ? 1_555 ? 
10 AC1 15 TYR A 140 ? TYR A 143 . ? 1_555 ? 
11 AC1 15 MET A 144 ? MET A 147 . ? 1_555 ? 
12 AC1 15 GLU A 145 ? GLU A 148 . ? 1_555 ? 
13 AC1 15 GLU A 183 ? GLU A 186 . ? 1_555 ? 
14 AC1 15 HOH C .   ? HOH A 477 . ? 1_555 ? 
15 AC1 15 HOH C .   ? HOH A 534 . ? 1_555 ? 
# 
_atom_sites.entry_id                    3S6A 
_atom_sites.fract_transf_matrix[1][1]   -0.00590858 
_atom_sites.fract_transf_matrix[1][2]   -0.00496354 
_atom_sites.fract_transf_matrix[1][3]   0.00073471 
_atom_sites.fract_transf_matrix[2][1]   0.00034417 
_atom_sites.fract_transf_matrix[2][2]   -0.00696452 
_atom_sites.fract_transf_matrix[2][3]   -0.00338681 
_atom_sites.fract_transf_matrix[3][1]   0.00555906 
_atom_sites.fract_transf_matrix[3][2]   -0.00500915 
_atom_sites.fract_transf_matrix[3][3]   0.01086557 
_atom_sites.fract_transf_vector[1]      0.115804 
_atom_sites.fract_transf_vector[2]      0.488587 
_atom_sites.fract_transf_vector[3]      0.008783 
# 
loop_
_atom_type.symbol 
C 
N 
O 
P 
S 
# 
loop_
_atom_site.group_PDB 
_atom_site.id 
_atom_site.type_symbol 
_atom_site.label_atom_id 
_atom_site.label_alt_id 
_atom_site.label_comp_id 
_atom_site.label_asym_id 
_atom_site.label_entity_id 
_atom_site.label_seq_id 
_atom_site.pdbx_PDB_ins_code 
_atom_site.Cartn_x 
_atom_site.Cartn_y 
_atom_site.Cartn_z 
_atom_site.occupancy 
_atom_site.B_iso_or_equiv 
_atom_site.pdbx_formal_charge 
_atom_site.auth_seq_id 
_atom_site.auth_comp_id 
_atom_site.auth_asym_id 
_atom_site.auth_atom_id 
_atom_site.pdbx_PDB_model_num 
ATOM   1    N N     . LYS A 1 9   ? -7.185  -13.752 -12.780 1.00 69.59 ? 12  LYS A N     1 
ATOM   2    C CA    . LYS A 1 9   ? -8.459  -13.019 -12.500 1.00 70.27 ? 12  LYS A CA    1 
ATOM   3    C C     . LYS A 1 9   ? -9.220  -13.638 -11.315 1.00 69.84 ? 12  LYS A C     1 
ATOM   4    O O     . LYS A 1 9   ? -9.787  -12.911 -10.490 1.00 70.22 ? 12  LYS A O     1 
ATOM   5    C CB    . LYS A 1 9   ? -9.350  -12.972 -13.751 1.00 70.42 ? 12  LYS A CB    1 
ATOM   6    N N     . SER A 1 10  ? -9.233  -14.971 -11.237 1.00 68.82 ? 13  SER A N     1 
ATOM   7    C CA    . SER A 1 10  ? -9.821  -15.689 -10.090 1.00 67.70 ? 13  SER A CA    1 
ATOM   8    C C     . SER A 1 10  ? -9.006  -15.445 -8.819  1.00 65.68 ? 13  SER A C     1 
ATOM   9    O O     . SER A 1 10  ? -9.564  -15.405 -7.711  1.00 64.89 ? 13  SER A O     1 
ATOM   10   C CB    . SER A 1 10  ? -9.887  -17.198 -10.362 1.00 68.40 ? 13  SER A CB    1 
ATOM   11   O OG    . SER A 1 10  ? -8.594  -17.788 -10.286 1.00 69.06 ? 13  SER A OG    1 
ATOM   12   N N     . ILE A 1 11  ? -7.685  -15.316 -8.997  1.00 63.11 ? 14  ILE A N     1 
ATOM   13   C CA    . ILE A 1 11  ? -6.762  -14.934 -7.917  1.00 60.28 ? 14  ILE A CA    1 
ATOM   14   C C     . ILE A 1 11  ? -7.171  -13.596 -7.305  1.00 57.09 ? 14  ILE A C     1 
ATOM   15   O O     . ILE A 1 11  ? -7.184  -13.447 -6.088  1.00 54.14 ? 14  ILE A O     1 
ATOM   16   C CB    . ILE A 1 11  ? -5.301  -14.828 -8.435  1.00 60.52 ? 14  ILE A CB    1 
ATOM   17   C CG1   . ILE A 1 11  ? -4.787  -16.205 -8.872  1.00 63.18 ? 14  ILE A CG1   1 
ATOM   18   C CG2   . ILE A 1 11  ? -4.372  -14.224 -7.380  1.00 60.34 ? 14  ILE A CG2   1 
ATOM   19   C CD1   . ILE A 1 11  ? -4.933  -17.297 -7.812  1.00 65.85 ? 14  ILE A CD1   1 
ATOM   20   N N     . ASP A 1 12  ? -7.506  -12.638 -8.166  1.00 55.38 ? 15  ASP A N     1 
ATOM   21   C CA    . ASP A 1 12  ? -7.918  -11.307 -7.728  1.00 55.40 ? 15  ASP A CA    1 
ATOM   22   C C     . ASP A 1 12  ? -9.233  -11.370 -6.936  1.00 54.32 ? 15  ASP A C     1 
ATOM   23   O O     . ASP A 1 12  ? -9.364  -10.737 -5.883  1.00 53.70 ? 15  ASP A O     1 
ATOM   24   C CB    . ASP A 1 12  ? -8.051  -10.342 -8.930  1.00 55.57 ? 15  ASP A CB    1 
ATOM   25   C CG    . ASP A 1 12  ? -6.695  -9.765  -9.403  1.00 58.39 ? 15  ASP A CG    1 
ATOM   26   O OD1   . ASP A 1 12  ? -5.628  -10.117 -8.840  1.00 55.96 ? 15  ASP A OD1   1 
ATOM   27   O OD2   . ASP A 1 12  ? -6.705  -8.930  -10.347 1.00 62.21 ? 15  ASP A OD2   1 
ATOM   28   N N     . GLU A 1 13  ? -10.184 -12.151 -7.441  1.00 53.57 ? 16  GLU A N     1 
ATOM   29   C CA    . GLU A 1 13  ? -11.493 -12.315 -6.811  1.00 52.93 ? 16  GLU A CA    1 
ATOM   30   C C     . GLU A 1 13  ? -11.373 -12.830 -5.375  1.00 50.15 ? 16  GLU A C     1 
ATOM   31   O O     . GLU A 1 13  ? -11.974 -12.262 -4.467  1.00 49.30 ? 16  GLU A O     1 
ATOM   32   C CB    . GLU A 1 13  ? -12.358 -13.244 -7.660  1.00 54.34 ? 16  GLU A CB    1 
ATOM   33   C CG    . GLU A 1 13  ? -13.824 -13.367 -7.241  1.00 60.68 ? 16  GLU A CG    1 
ATOM   34   C CD    . GLU A 1 13  ? -14.621 -14.249 -8.213  1.00 69.49 ? 16  GLU A CD    1 
ATOM   35   O OE1   . GLU A 1 13  ? -14.638 -13.940 -9.429  1.00 73.93 ? 16  GLU A OE1   1 
ATOM   36   O OE2   . GLU A 1 13  ? -15.218 -15.259 -7.766  1.00 74.66 ? 16  GLU A OE2   1 
ATOM   37   N N     . GLN A 1 14  ? -10.578 -13.876 -5.167  1.00 47.43 ? 17  GLN A N     1 
ATOM   38   C CA    . GLN A 1 14  ? -10.346 -14.409 -3.818  1.00 46.57 ? 17  GLN A CA    1 
ATOM   39   C C     . GLN A 1 14  ? -9.595  -13.404 -2.952  1.00 44.16 ? 17  GLN A C     1 
ATOM   40   O O     . GLN A 1 14  ? -9.795  -13.334 -1.727  1.00 44.61 ? 17  GLN A O     1 
ATOM   41   C CB    . GLN A 1 14  ? -9.546  -15.722 -3.866  1.00 46.82 ? 17  GLN A CB    1 
ATOM   42   C CG    . GLN A 1 14  ? -10.242 -16.870 -4.611  1.00 54.79 ? 17  GLN A CG    1 
ATOM   43   C CD    . GLN A 1 14  ? -9.491  -18.218 -4.530  1.00 61.39 ? 17  GLN A CD    1 
ATOM   44   O OE1   . GLN A 1 14  ? -9.307  -18.790 -3.439  1.00 66.04 ? 17  GLN A OE1   1 
ATOM   45   N NE2   . GLN A 1 14  ? -9.081  -18.738 -5.692  1.00 62.20 ? 17  GLN A NE2   1 
ATOM   46   N N     . SER A 1 15  ? -8.702  -12.646 -3.585  1.00 41.23 ? 18  SER A N     1 
ATOM   47   C CA    . SER A 1 15  ? -7.865  -11.692 -2.869  1.00 39.50 ? 18  SER A CA    1 
ATOM   48   C C     . SER A 1 15  ? -8.705  -10.527 -2.384  1.00 37.09 ? 18  SER A C     1 
ATOM   49   O O     . SER A 1 15  ? -8.518  -10.032 -1.284  1.00 34.79 ? 18  SER A O     1 
ATOM   50   C CB    . SER A 1 15  ? -6.733  -11.180 -3.764  1.00 38.82 ? 18  SER A CB    1 
ATOM   51   O OG    . SER A 1 15  ? -5.822  -10.440 -2.983  1.00 40.44 ? 18  SER A OG    1 
ATOM   52   N N     . LEU A 1 16  ? -9.627  -10.103 -3.234  1.00 36.28 ? 19  LEU A N     1 
ATOM   53   C CA    . LEU A 1 16  ? -10.590 -9.082  -2.887  1.00 37.51 ? 19  LEU A CA    1 
ATOM   54   C C     . LEU A 1 16  ? -11.431 -9.505  -1.672  1.00 37.65 ? 19  LEU A C     1 
ATOM   55   O O     . LEU A 1 16  ? -11.632 -8.710  -0.758  1.00 36.18 ? 19  LEU A O     1 
ATOM   56   C CB    . LEU A 1 16  ? -11.492 -8.797  -4.094  1.00 37.37 ? 19  LEU A CB    1 
ATOM   57   C CG    . LEU A 1 16  ? -12.531 -7.700  -3.900  1.00 40.53 ? 19  LEU A CG    1 
ATOM   58   C CD1   . LEU A 1 16  ? -11.865 -6.423  -3.442  1.00 40.05 ? 19  LEU A CD1   1 
ATOM   59   C CD2   . LEU A 1 16  ? -13.327 -7.471  -5.184  1.00 41.27 ? 19  LEU A CD2   1 
ATOM   60   N N     . HIS A 1 17  ? -11.896 -10.754 -1.664  1.00 38.99 ? 20  HIS A N     1 
ATOM   61   C CA    . HIS A 1 17  ? -12.632 -11.295 -0.514  1.00 41.55 ? 20  HIS A CA    1 
ATOM   62   C C     . HIS A 1 17  ? -11.759 -11.282 0.746   1.00 39.74 ? 20  HIS A C     1 
ATOM   63   O O     . HIS A 1 17  ? -12.248 -10.948 1.820   1.00 39.01 ? 20  HIS A O     1 
ATOM   64   C CB    . HIS A 1 17  ? -13.179 -12.711 -0.797  1.00 43.32 ? 20  HIS A CB    1 
ATOM   65   C CG    . HIS A 1 17  ? -13.689 -13.423 0.426   1.00 55.38 ? 20  HIS A CG    1 
ATOM   66   N ND1   . HIS A 1 17  ? -14.853 -13.060 1.081   1.00 65.71 ? 20  HIS A ND1   1 
ATOM   67   C CD2   . HIS A 1 17  ? -13.191 -14.481 1.114   1.00 63.48 ? 20  HIS A CD2   1 
ATOM   68   C CE1   . HIS A 1 17  ? -15.041 -13.858 2.121   1.00 66.56 ? 20  HIS A CE1   1 
ATOM   69   N NE2   . HIS A 1 17  ? -14.048 -14.730 2.163   1.00 66.19 ? 20  HIS A NE2   1 
ATOM   70   N N     . ASN A 1 18  ? -10.465 -11.601 0.614   1.00 38.80 ? 21  ASN A N     1 
ATOM   71   C CA    . ASN A 1 18  ? -9.539  -11.553 1.762   1.00 37.19 ? 21  ASN A CA    1 
ATOM   72   C C     . ASN A 1 18  ? -9.355  -10.131 2.290   1.00 36.52 ? 21  ASN A C     1 
ATOM   73   O O     . ASN A 1 18  ? -9.221  -9.913  3.502   1.00 36.11 ? 21  ASN A O     1 
ATOM   74   C CB    . ASN A 1 18  ? -8.168  -12.110 1.387   1.00 37.76 ? 21  ASN A CB    1 
ATOM   75   C CG    . ASN A 1 18  ? -8.189  -13.595 1.093   1.00 40.40 ? 21  ASN A CG    1 
ATOM   76   O OD1   . ASN A 1 18  ? -7.290  -14.125 0.413   1.00 42.36 ? 21  ASN A OD1   1 
ATOM   77   N ND2   . ASN A 1 18  ? -9.189  -14.287 1.619   1.00 39.16 ? 21  ASN A ND2   1 
ATOM   78   N N     . ALA A 1 19  ? -9.350  -9.163  1.377   1.00 35.28 ? 22  ALA A N     1 
ATOM   79   C CA    . ALA A 1 19  ? -9.201  -7.770  1.764   1.00 35.54 ? 22  ALA A CA    1 
ATOM   80   C C     . ALA A 1 19  ? -10.456 -7.326  2.515   1.00 35.26 ? 22  ALA A C     1 
ATOM   81   O O     . ALA A 1 19  ? -10.371 -6.587  3.499   1.00 34.61 ? 22  ALA A O     1 
ATOM   82   C CB    . ALA A 1 19  ? -8.957  -6.890  0.537   1.00 33.37 ? 22  ALA A CB    1 
ATOM   83   N N     . ARG A 1 20  ? -11.619 -7.783  2.051   1.00 35.81 ? 23  ARG A N     1 
ATOM   84   C CA    . ARG A 1 20  ? -12.885 -7.440  2.722   1.00 36.43 ? 23  ARG A CA    1 
ATOM   85   C C     . ARG A 1 20  ? -12.916 -8.091  4.095   1.00 36.07 ? 23  ARG A C     1 
ATOM   86   O O     . ARG A 1 20  ? -13.250 -7.445  5.072   1.00 35.90 ? 23  ARG A O     1 
ATOM   87   C CB    . ARG A 1 20  ? -14.107 -7.795  1.867   1.00 35.36 ? 23  ARG A CB    1 
ATOM   88   C CG    . ARG A 1 20  ? -13.977 -7.191  0.491   1.00 38.70 ? 23  ARG A CG    1 
ATOM   89   C CD    . ARG A 1 20  ? -15.231 -6.836  -0.253  1.00 36.69 ? 23  ARG A CD    1 
ATOM   90   N NE    . ARG A 1 20  ? -15.571 -7.837  -1.234  1.00 38.23 ? 23  ARG A NE    1 
ATOM   91   C CZ    . ARG A 1 20  ? -16.065 -7.606  -2.455  1.00 41.46 ? 23  ARG A CZ    1 
ATOM   92   N NH1   . ARG A 1 20  ? -16.272 -6.383  -2.932  1.00 38.93 ? 23  ARG A NH1   1 
ATOM   93   N NH2   . ARG A 1 20  ? -16.338 -8.645  -3.227  1.00 46.92 ? 23  ARG A NH2   1 
ATOM   94   N N     . ARG A 1 21  ? -12.468 -9.336  4.175   1.00 37.12 ? 24  ARG A N     1 
ATOM   95   C CA    . ARG A 1 21  ? -12.456 -10.056 5.442   1.00 38.23 ? 24  ARG A CA    1 
ATOM   96   C C     . ARG A 1 21  ? -11.531 -9.403  6.457   1.00 36.82 ? 24  ARG A C     1 
ATOM   97   O O     . ARG A 1 21  ? -11.840 -9.377  7.643   1.00 37.57 ? 24  ARG A O     1 
ATOM   98   C CB    . ARG A 1 21  ? -12.081 -11.533 5.228   1.00 39.11 ? 24  ARG A CB    1 
ATOM   99   C CG    . ARG A 1 21  ? -12.306 -12.401 6.466   1.00 45.22 ? 24  ARG A CG    1 
ATOM   100  C CD    . ARG A 1 21  ? -11.879 -13.857 6.269   1.00 52.52 ? 24  ARG A CD    1 
ATOM   101  N NE    . ARG A 1 21  ? -10.498 -14.119 6.713   1.00 59.57 ? 24  ARG A NE    1 
ATOM   102  C CZ    . ARG A 1 21  ? -9.472  -14.474 5.929   1.00 62.67 ? 24  ARG A CZ    1 
ATOM   103  N NH1   . ARG A 1 21  ? -9.623  -14.618 4.614   1.00 61.96 ? 24  ARG A NH1   1 
ATOM   104  N NH2   . ARG A 1 21  ? -8.270  -14.691 6.469   1.00 65.03 ? 24  ARG A NH2   1 
ATOM   105  N N     . LEU A 1 22  ? -10.406 -8.864  5.993   1.00 35.85 ? 25  LEU A N     1 
ATOM   106  C CA    . LEU A 1 22  ? -9.423  -8.223  6.871   1.00 34.67 ? 25  LEU A CA    1 
ATOM   107  C C     . LEU A 1 22  ? -10.045 -7.107  7.695   1.00 33.13 ? 25  LEU A C     1 
ATOM   108  O O     . LEU A 1 22  ? -9.705  -6.922  8.864   1.00 31.65 ? 25  LEU A O     1 
ATOM   109  C CB    . LEU A 1 22  ? -8.263  -7.650  6.028   1.00 35.67 ? 25  LEU A CB    1 
ATOM   110  C CG    . LEU A 1 22  ? -7.158  -6.878  6.738   1.00 33.37 ? 25  LEU A CG    1 
ATOM   111  C CD1   . LEU A 1 22  ? -6.479  -7.767  7.764   1.00 29.71 ? 25  LEU A CD1   1 
ATOM   112  C CD2   . LEU A 1 22  ? -6.131  -6.341  5.712   1.00 33.27 ? 25  LEU A CD2   1 
ATOM   113  N N     . PHE A 1 23  ? -10.935 -6.351  7.069   1.00 32.96 ? 26  PHE A N     1 
ATOM   114  C CA    . PHE A 1 23  ? -11.622 -5.250  7.742   1.00 34.86 ? 26  PHE A CA    1 
ATOM   115  C C     . PHE A 1 23  ? -12.889 -5.729  8.526   1.00 36.26 ? 26  PHE A C     1 
ATOM   116  O O     . PHE A 1 23  ? -13.081 -5.337  9.689   1.00 34.65 ? 26  PHE A O     1 
ATOM   117  C CB    . PHE A 1 23  ? -11.982 -4.150  6.730   1.00 34.21 ? 26  PHE A CB    1 
ATOM   118  C CG    . PHE A 1 23  ? -10.801 -3.323  6.293   1.00 36.08 ? 26  PHE A CG    1 
ATOM   119  C CD1   . PHE A 1 23  ? -10.476 -2.151  6.956   1.00 36.80 ? 26  PHE A CD1   1 
ATOM   120  C CD2   . PHE A 1 23  ? -10.005 -3.732  5.230   1.00 36.64 ? 26  PHE A CD2   1 
ATOM   121  C CE1   . PHE A 1 23  ? -9.373  -1.394  6.569   1.00 40.14 ? 26  PHE A CE1   1 
ATOM   122  C CE2   . PHE A 1 23  ? -8.900  -2.980  4.833   1.00 39.39 ? 26  PHE A CE2   1 
ATOM   123  C CZ    . PHE A 1 23  ? -8.582  -1.810  5.506   1.00 38.89 ? 26  PHE A CZ    1 
ATOM   124  N N     . GLU A 1 24  ? -13.714 -6.576  7.893   1.00 36.85 ? 27  GLU A N     1 
ATOM   125  C CA    . GLU A 1 24  ? -14.944 -7.130  8.523   1.00 38.79 ? 27  GLU A CA    1 
ATOM   126  C C     . GLU A 1 24  ? -14.643 -7.764  9.866   1.00 37.73 ? 27  GLU A C     1 
ATOM   127  O O     . GLU A 1 24  ? -15.249 -7.423  10.857  1.00 37.70 ? 27  GLU A O     1 
ATOM   128  C CB    . GLU A 1 24  ? -15.562 -8.224  7.674   1.00 38.81 ? 27  GLU A CB    1 
ATOM   129  C CG    . GLU A 1 24  ? -16.206 -7.762  6.425   1.00 45.60 ? 27  GLU A CG    1 
ATOM   130  C CD    . GLU A 1 24  ? -16.694 -8.930  5.600   1.00 55.14 ? 27  GLU A CD    1 
ATOM   131  O OE1   . GLU A 1 24  ? -16.022 -9.997  5.533   1.00 64.16 ? 27  GLU A OE1   1 
ATOM   132  O OE2   . GLU A 1 24  ? -17.770 -8.778  5.009   1.00 57.74 ? 27  GLU A OE2   1 
ATOM   133  N N     . SER A 1 25  ? -13.686 -8.683  9.859   1.00 37.16 ? 28  SER A N     1 
ATOM   134  C CA    . SER A 1 25  ? -13.252 -9.418  11.044  1.00 37.25 ? 28  SER A CA    1 
ATOM   135  C C     . SER A 1 25  ? -12.625 -8.552  12.133  1.00 37.58 ? 28  SER A C     1 
ATOM   136  O O     . SER A 1 25  ? -12.435 -9.022  13.243  1.00 39.52 ? 28  SER A O     1 
ATOM   137  C CB    . SER A 1 25  ? -12.211 -10.453 10.619  1.00 37.31 ? 28  SER A CB    1 
ATOM   138  O OG    . SER A 1 25  ? -10.997 -9.802  10.203  1.00 37.51 ? 28  SER A OG    1 
ATOM   139  N N     . GLY A 1 26  ? -12.244 -7.316  11.815  1.00 38.27 ? 29  GLY A N     1 
ATOM   140  C CA    . GLY A 1 26  ? -11.393 -6.520  12.700  1.00 37.61 ? 29  GLY A CA    1 
ATOM   141  C C     . GLY A 1 26  ? -9.928  -6.962  12.764  1.00 37.65 ? 29  GLY A C     1 
ATOM   142  O O     . GLY A 1 26  ? -9.158  -6.435  13.571  1.00 37.13 ? 29  GLY A O     1 
ATOM   143  N N     . ASP A 1 27  ? -9.522  -7.924  11.935  1.00 38.04 ? 30  ASP A N     1 
ATOM   144  C CA    . ASP A 1 27  ? -8.111  -8.354  11.911  1.00 39.66 ? 30  ASP A CA    1 
ATOM   145  C C     . ASP A 1 27  ? -7.166  -7.209  11.501  1.00 40.23 ? 30  ASP A C     1 
ATOM   146  O O     . ASP A 1 27  ? -6.000  -7.182  11.900  1.00 40.66 ? 30  ASP A O     1 
ATOM   147  C CB    . ASP A 1 27  ? -7.912  -9.556  10.984  1.00 39.71 ? 30  ASP A CB    1 
ATOM   148  C CG    . ASP A 1 27  ? -8.474  -10.855 11.566  1.00 40.55 ? 30  ASP A CG    1 
ATOM   149  O OD1   . ASP A 1 27  ? -8.734  -10.917 12.785  1.00 42.46 ? 30  ASP A OD1   1 
ATOM   150  O OD2   . ASP A 1 27  ? -8.629  -11.830 10.799  1.00 39.60 ? 30  ASP A OD2   1 
ATOM   151  N N     . ILE A 1 28  ? -7.688  -6.249  10.740  1.00 40.29 ? 31  ILE A N     1 
ATOM   152  C CA    . ILE A 1 28  ? -6.934  -5.054  10.385  1.00 40.21 ? 31  ILE A CA    1 
ATOM   153  C C     . ILE A 1 28  ? -6.363  -4.362  11.617  1.00 40.51 ? 31  ILE A C     1 
ATOM   154  O O     . ILE A 1 28  ? -5.248  -3.828  11.563  1.00 40.48 ? 31  ILE A O     1 
ATOM   155  C CB    . ILE A 1 28  ? -7.799  -4.062  9.584   1.00 38.94 ? 31  ILE A CB    1 
ATOM   156  C CG1   . ILE A 1 28  ? -6.955  -2.876  9.074   1.00 39.42 ? 31  ILE A CG1   1 
ATOM   157  C CG2   . ILE A 1 28  ? -8.984  -3.578  10.424  1.00 39.37 ? 31  ILE A CG2   1 
ATOM   158  C CD1   . ILE A 1 28  ? -5.891  -3.245  8.034   1.00 34.56 ? 31  ILE A CD1   1 
ATOM   159  N N     . ASP A 1 29  ? -7.115  -4.393  12.718  1.00 40.40 ? 32  ASP A N     1 
ATOM   160  C CA    . ASP A 1 29  ? -6.725  -3.749  13.981  1.00 40.89 ? 32  ASP A CA    1 
ATOM   161  C C     . ASP A 1 29  ? -5.591  -4.463  14.712  1.00 39.92 ? 32  ASP A C     1 
ATOM   162  O O     . ASP A 1 29  ? -5.038  -3.930  15.669  1.00 40.29 ? 32  ASP A O     1 
ATOM   163  C CB    . ASP A 1 29  ? -7.945  -3.620  14.926  1.00 41.54 ? 32  ASP A CB    1 
ATOM   164  C CG    . ASP A 1 29  ? -9.065  -2.759  14.330  1.00 46.18 ? 32  ASP A CG    1 
ATOM   165  O OD1   . ASP A 1 29  ? -8.766  -1.650  13.828  1.00 42.66 ? 32  ASP A OD1   1 
ATOM   166  O OD2   . ASP A 1 29  ? -10.250 -3.185  14.355  1.00 51.53 ? 32  ASP A OD2   1 
ATOM   167  N N     . ARG A 1 30  ? -5.240  -5.659  14.261  1.00 41.03 ? 33  ARG A N     1 
ATOM   168  C CA    . ARG A 1 30  ? -4.159  -6.459  14.863  1.00 42.47 ? 33  ARG A CA    1 
ATOM   169  C C     . ARG A 1 30  ? -2.836  -6.354  14.055  1.00 42.42 ? 33  ARG A C     1 
ATOM   170  O O     . ARG A 1 30  ? -1.823  -6.970  14.416  1.00 42.59 ? 33  ARG A O     1 
ATOM   171  C CB    . ARG A 1 30  ? -4.589  -7.941  14.917  1.00 43.79 ? 33  ARG A CB    1 
ATOM   172  C CG    . ARG A 1 30  ? -4.849  -8.545  16.315  1.00 48.15 ? 33  ARG A CG    1 
ATOM   173  C CD    . ARG A 1 30  ? -6.295  -8.463  16.779  1.00 49.89 ? 33  ARG A CD    1 
ATOM   174  N NE    . ARG A 1 30  ? -7.238  -9.195  15.920  1.00 51.48 ? 33  ARG A NE    1 
ATOM   175  C CZ    . ARG A 1 30  ? -8.556  -8.958  15.887  1.00 50.99 ? 33  ARG A CZ    1 
ATOM   176  N NH1   . ARG A 1 30  ? -9.351  -9.639  15.060  1.00 45.39 ? 33  ARG A NH1   1 
ATOM   177  N NH2   . ARG A 1 30  ? -9.090  -8.012  16.668  1.00 52.62 ? 33  ARG A NH2   1 
ATOM   178  N N     . ILE A 1 31  ? -2.859  -5.611  12.946  1.00 40.61 ? 34  ILE A N     1 
ATOM   179  C CA    . ILE A 1 31  ? -1.699  -5.501  12.069  1.00 38.75 ? 34  ILE A CA    1 
ATOM   180  C C     . ILE A 1 31  ? -0.717  -4.480  12.661  1.00 37.16 ? 34  ILE A C     1 
ATOM   181  O O     . ILE A 1 31  ? -1.113  -3.397  13.092  1.00 35.31 ? 34  ILE A O     1 
ATOM   182  C CB    . ILE A 1 31  ? -2.116  -5.049  10.631  1.00 38.89 ? 34  ILE A CB    1 
ATOM   183  C CG1   . ILE A 1 31  ? -3.072  -6.064  9.990   1.00 37.17 ? 34  ILE A CG1   1 
ATOM   184  C CG2   . ILE A 1 31  ? -0.889  -4.798  9.747   1.00 35.85 ? 34  ILE A CG2   1 
ATOM   185  C CD1   . ILE A 1 31  ? -2.437  -7.350  9.562   1.00 33.18 ? 34  ILE A CD1   1 
ATOM   186  N N     . GLU A 1 32  ? 0.559   -4.834  12.676  1.00 36.92 ? 35  GLU A N     1 
ATOM   187  C CA    . GLU A 1 32  ? 1.599   -3.917  13.144  1.00 38.67 ? 35  GLU A CA    1 
ATOM   188  C C     . GLU A 1 32  ? 1.724   -2.725  12.180  1.00 37.85 ? 35  GLU A C     1 
ATOM   189  O O     . GLU A 1 32  ? 1.772   -2.902  10.970  1.00 39.53 ? 35  GLU A O     1 
ATOM   190  C CB    . GLU A 1 32  ? 2.931   -4.661  13.267  1.00 39.03 ? 35  GLU A CB    1 
ATOM   191  C CG    . GLU A 1 32  ? 4.013   -3.842  13.935  1.00 44.03 ? 35  GLU A CG    1 
ATOM   192  C CD    . GLU A 1 32  ? 5.249   -4.652  14.242  1.00 49.42 ? 35  GLU A CD    1 
ATOM   193  O OE1   . GLU A 1 32  ? 5.909   -5.153  13.301  1.00 51.84 ? 35  GLU A OE1   1 
ATOM   194  O OE2   . GLU A 1 32  ? 5.560   -4.781  15.439  1.00 56.59 ? 35  GLU A OE2   1 
ATOM   195  N N     . VAL A 1 33  ? 1.751   -1.514  12.715  1.00 36.71 ? 36  VAL A N     1 
ATOM   196  C CA    . VAL A 1 33  ? 1.642   -0.323  11.898  1.00 35.76 ? 36  VAL A CA    1 
ATOM   197  C C     . VAL A 1 33  ? 3.024   0.269   11.533  1.00 36.97 ? 36  VAL A C     1 
ATOM   198  O O     . VAL A 1 33  ? 3.875   0.471   12.403  1.00 35.07 ? 36  VAL A O     1 
ATOM   199  C CB    . VAL A 1 33  ? 0.829   0.748   12.616  1.00 36.08 ? 36  VAL A CB    1 
ATOM   200  C CG1   . VAL A 1 33  ? 0.799   2.039   11.781  1.00 34.16 ? 36  VAL A CG1   1 
ATOM   201  C CG2   . VAL A 1 33  ? -0.610  0.226   12.930  1.00 32.62 ? 36  VAL A CG2   1 
ATOM   202  N N     . GLY A 1 34  ? 3.222   0.537   10.234  1.00 36.21 ? 37  GLY A N     1 
ATOM   203  C CA    . GLY A 1 34  ? 4.370   1.309   9.744   1.00 35.77 ? 37  GLY A CA    1 
ATOM   204  C C     . GLY A 1 34  ? 5.680   0.557   9.707   1.00 35.35 ? 37  GLY A C     1 
ATOM   205  O O     . GLY A 1 34  ? 6.732   1.170   9.644   1.00 36.37 ? 37  GLY A O     1 
ATOM   206  N N     . THR A 1 35  ? 5.615   -0.772  9.751   1.00 35.87 ? 38  THR A N     1 
ATOM   207  C CA    . THR A 1 35  ? 6.793   -1.618  9.743   1.00 34.56 ? 38  THR A CA    1 
ATOM   208  C C     . THR A 1 35  ? 6.794   -2.525  8.538   1.00 34.82 ? 38  THR A C     1 
ATOM   209  O O     . THR A 1 35  ? 5.776   -2.696  7.859   1.00 36.55 ? 38  THR A O     1 
ATOM   210  C CB    . THR A 1 35  ? 6.880   -2.511  11.018  1.00 35.35 ? 38  THR A CB    1 
ATOM   211  O OG1   . THR A 1 35  ? 5.747   -3.392  11.080  1.00 36.58 ? 38  THR A OG1   1 
ATOM   212  C CG2   . THR A 1 35  ? 6.948   -1.659  12.281  1.00 32.81 ? 38  THR A CG2   1 
ATOM   213  N N     . THR A 1 36  ? 7.958   -3.105  8.277   1.00 34.81 ? 39  THR A N     1 
ATOM   214  C CA    . THR A 1 36  ? 8.116   -4.119  7.254   1.00 34.62 ? 39  THR A CA    1 
ATOM   215  C C     . THR A 1 36  ? 7.333   -5.371  7.613   1.00 34.33 ? 39  THR A C     1 
ATOM   216  O O     . THR A 1 36  ? 6.625   -5.901  6.779   1.00 34.90 ? 39  THR A O     1 
ATOM   217  C CB    . THR A 1 36  ? 9.604   -4.473  7.065   1.00 34.59 ? 39  THR A CB    1 
ATOM   218  O OG1   . THR A 1 36  ? 10.336  -3.273  6.795   1.00 38.23 ? 39  THR A OG1   1 
ATOM   219  C CG2   . THR A 1 36  ? 9.800   -5.441  5.911   1.00 31.23 ? 39  THR A CG2   1 
ATOM   220  N N     . ALA A 1 37  ? 7.472   -5.846  8.851   1.00 35.35 ? 40  ALA A N     1 
ATOM   221  C CA    . ALA A 1 37  ? 6.681   -6.990  9.340   1.00 35.02 ? 40  ALA A CA    1 
ATOM   222  C C     . ALA A 1 37  ? 5.188   -6.730  9.155   1.00 34.43 ? 40  ALA A C     1 
ATOM   223  O O     . ALA A 1 37  ? 4.464   -7.600  8.690   1.00 35.89 ? 40  ALA A O     1 
ATOM   224  C CB    . ALA A 1 37  ? 6.990   -7.287  10.822  1.00 35.40 ? 40  ALA A CB    1 
ATOM   225  N N     . GLY A 1 38  ? 4.743   -5.529  9.498   1.00 33.53 ? 41  GLY A N     1 
ATOM   226  C CA    . GLY A 1 38  ? 3.361   -5.128  9.252   1.00 34.85 ? 41  GLY A CA    1 
ATOM   227  C C     . GLY A 1 38  ? 2.918   -5.300  7.805   1.00 35.63 ? 41  GLY A C     1 
ATOM   228  O O     . GLY A 1 38  ? 1.846   -5.853  7.537   1.00 34.80 ? 41  GLY A O     1 
ATOM   229  N N     . LEU A 1 39  ? 3.763   -4.859  6.865   1.00 34.91 ? 42  LEU A N     1 
ATOM   230  C CA    . LEU A 1 39  ? 3.438   -4.952  5.440   1.00 33.59 ? 42  LEU A CA    1 
ATOM   231  C C     . LEU A 1 39  ? 3.341   -6.395  5.036   1.00 33.32 ? 42  LEU A C     1 
ATOM   232  O O     . LEU A 1 39  ? 2.480   -6.772  4.240   1.00 33.70 ? 42  LEU A O     1 
ATOM   233  C CB    . LEU A 1 39  ? 4.509   -4.251  4.594   1.00 33.81 ? 42  LEU A CB    1 
ATOM   234  C CG    . LEU A 1 39  ? 4.312   -4.192  3.088   1.00 31.48 ? 42  LEU A CG    1 
ATOM   235  C CD1   . LEU A 1 39  ? 2.958   -3.574  2.729   1.00 28.75 ? 42  LEU A CD1   1 
ATOM   236  C CD2   . LEU A 1 39  ? 5.459   -3.401  2.443   1.00 32.78 ? 42  LEU A CD2   1 
ATOM   237  N N     . GLN A 1 40  ? 4.250   -7.201  5.568   1.00 33.92 ? 43  GLN A N     1 
ATOM   238  C CA    . GLN A 1 40  ? 4.271   -8.637  5.289   1.00 34.31 ? 43  GLN A CA    1 
ATOM   239  C C     . GLN A 1 40  ? 2.999   -9.326  5.824   1.00 33.89 ? 43  GLN A C     1 
ATOM   240  O O     . GLN A 1 40  ? 2.463   -10.205 5.186   1.00 33.48 ? 43  GLN A O     1 
ATOM   241  C CB    . GLN A 1 40  ? 5.526   -9.281  5.900   1.00 34.25 ? 43  GLN A CB    1 
ATOM   242  C CG    . GLN A 1 40  ? 6.841   -8.901  5.222   1.00 35.42 ? 43  GLN A CG    1 
ATOM   243  C CD    . GLN A 1 40  ? 8.050   -9.608  5.840   1.00 33.23 ? 43  GLN A CD    1 
ATOM   244  O OE1   . GLN A 1 40  ? 8.471   -10.661 5.373   1.00 36.25 ? 43  GLN A OE1   1 
ATOM   245  N NE2   . GLN A 1 40  ? 8.595   -9.035  6.886   1.00 30.43 ? 43  GLN A NE2   1 
ATOM   246  N N     . GLN A 1 41  ? 2.517   -8.914  6.993   1.00 35.11 ? 44  GLN A N     1 
ATOM   247  C CA    . GLN A 1 41  ? 1.243   -9.434  7.520   1.00 35.91 ? 44  GLN A CA    1 
ATOM   248  C C     . GLN A 1 41  ? 0.104   -9.128  6.553   1.00 35.05 ? 44  GLN A C     1 
ATOM   249  O O     . GLN A 1 41  ? -0.724  -9.986  6.260   1.00 37.28 ? 44  GLN A O     1 
ATOM   250  C CB    . GLN A 1 41  ? 0.925   -8.830  8.890   1.00 35.69 ? 44  GLN A CB    1 
ATOM   251  C CG    . GLN A 1 41  ? 1.790   -9.355  10.027  1.00 37.76 ? 44  GLN A CG    1 
ATOM   252  C CD    . GLN A 1 41  ? 1.694   -8.504  11.277  1.00 42.17 ? 44  GLN A CD    1 
ATOM   253  O OE1   . GLN A 1 41  ? 1.075   -7.442  11.282  1.00 45.63 ? 44  GLN A OE1   1 
ATOM   254  N NE2   . GLN A 1 41  ? 2.334   -8.958  12.342  1.00 52.62 ? 44  GLN A NE2   1 
ATOM   255  N N     . ILE A 1 42  ? 0.076   -7.906  6.037   1.00 34.15 ? 45  ILE A N     1 
ATOM   256  C CA    . ILE A 1 42  ? -0.965  -7.523  5.102   1.00 32.36 ? 45  ILE A CA    1 
ATOM   257  C C     . ILE A 1 42  ? -0.893  -8.398  3.874   1.00 32.93 ? 45  ILE A C     1 
ATOM   258  O O     . ILE A 1 42  ? -1.910  -8.946  3.416   1.00 33.45 ? 45  ILE A O     1 
ATOM   259  C CB    . ILE A 1 42  ? -0.860  -6.042  4.709   1.00 32.95 ? 45  ILE A CB    1 
ATOM   260  C CG1   . ILE A 1 42  ? -1.042  -5.151  5.941   1.00 32.16 ? 45  ILE A CG1   1 
ATOM   261  C CG2   . ILE A 1 42  ? -1.886  -5.698  3.618   1.00 29.50 ? 45  ILE A CG2   1 
ATOM   262  C CD1   . ILE A 1 42  ? -0.863  -3.672  5.692   1.00 29.89 ? 45  ILE A CD1   1 
ATOM   263  N N     . HIS A 1 43  ? 0.314   -8.543  3.335   1.00 33.03 ? 46  HIS A N     1 
ATOM   264  C CA    . HIS A 1 43  ? 0.494   -9.257  2.082   1.00 32.34 ? 46  HIS A CA    1 
ATOM   265  C C     . HIS A 1 43  ? 0.070   -10.722 2.246   1.00 33.48 ? 46  HIS A C     1 
ATOM   266  O O     . HIS A 1 43  ? -0.610  -11.293 1.393   1.00 33.77 ? 46  HIS A O     1 
ATOM   267  C CB    . HIS A 1 43  ? 1.964   -9.147  1.629   1.00 32.36 ? 46  HIS A CB    1 
ATOM   268  C CG    . HIS A 1 43  ? 2.191   -9.570  0.218   1.00 29.07 ? 46  HIS A CG    1 
ATOM   269  N ND1   . HIS A 1 43  ? 2.589   -10.845 -0.120  1.00 28.80 ? 46  HIS A ND1   1 
ATOM   270  C CD2   . HIS A 1 43  ? 2.037   -8.899  -0.948  1.00 28.74 ? 46  HIS A CD2   1 
ATOM   271  C CE1   . HIS A 1 43  ? 2.695   -10.933 -1.438  1.00 29.04 ? 46  HIS A CE1   1 
ATOM   272  N NE2   . HIS A 1 43  ? 2.365   -9.766  -1.963  1.00 24.50 ? 46  HIS A NE2   1 
ATOM   273  N N     . ARG A 1 44  ? 0.481   -11.306 3.360   1.00 34.18 ? 47  ARG A N     1 
ATOM   274  C CA    . ARG A 1 44  ? 0.128   -12.669 3.734   1.00 37.15 ? 47  ARG A CA    1 
ATOM   275  C C     . ARG A 1 44  ? -1.388  -12.850 3.854   1.00 36.49 ? 47  ARG A C     1 
ATOM   276  O O     . ARG A 1 44  ? -1.951  -13.846 3.377   1.00 36.48 ? 47  ARG A O     1 
ATOM   277  C CB    . ARG A 1 44  ? 0.794   -13.007 5.077   1.00 38.85 ? 47  ARG A CB    1 
ATOM   278  C CG    . ARG A 1 44  ? 1.124   -14.450 5.299   1.00 45.29 ? 47  ARG A CG    1 
ATOM   279  C CD    . ARG A 1 44  ? 1.981   -14.603 6.573   1.00 51.92 ? 47  ARG A CD    1 
ATOM   280  N NE    . ARG A 1 44  ? 3.397   -14.316 6.317   1.00 57.22 ? 47  ARG A NE    1 
ATOM   281  C CZ    . ARG A 1 44  ? 4.148   -13.393 6.930   1.00 58.62 ? 47  ARG A CZ    1 
ATOM   282  N NH1   . ARG A 1 44  ? 3.658   -12.610 7.897   1.00 59.33 ? 47  ARG A NH1   1 
ATOM   283  N NH2   . ARG A 1 44  ? 5.426   -13.261 6.571   1.00 57.53 ? 47  ARG A NH2   1 
ATOM   284  N N     . TYR A 1 45  ? -2.049  -11.872 4.457   1.00 36.13 ? 48  TYR A N     1 
ATOM   285  C CA    . TYR A 1 45  ? -3.508  -11.928 4.594   1.00 36.81 ? 48  TYR A CA    1 
ATOM   286  C C     . TYR A 1 45  ? -4.186  -11.870 3.256   1.00 37.16 ? 48  TYR A C     1 
ATOM   287  O O     . TYR A 1 45  ? -5.103  -12.635 2.999   1.00 39.64 ? 48  TYR A O     1 
ATOM   288  C CB    . TYR A 1 45  ? -4.010  -10.777 5.447   1.00 36.90 ? 48  TYR A CB    1 
ATOM   289  C CG    . TYR A 1 45  ? -5.306  -11.038 6.174   1.00 40.20 ? 48  TYR A CG    1 
ATOM   290  C CD1   . TYR A 1 45  ? -5.313  -11.332 7.546   1.00 42.60 ? 48  TYR A CD1   1 
ATOM   291  C CD2   . TYR A 1 45  ? -6.528  -10.965 5.511   1.00 41.17 ? 48  TYR A CD2   1 
ATOM   292  C CE1   . TYR A 1 45  ? -6.507  -11.556 8.225   1.00 42.73 ? 48  TYR A CE1   1 
ATOM   293  C CE2   . TYR A 1 45  ? -7.725  -11.189 6.180   1.00 43.84 ? 48  TYR A CE2   1 
ATOM   294  C CZ    . TYR A 1 45  ? -7.709  -11.481 7.539   1.00 45.17 ? 48  TYR A CZ    1 
ATOM   295  O OH    . TYR A 1 45  ? -8.903  -11.687 8.200   1.00 46.33 ? 48  TYR A OH    1 
ATOM   296  N N     . LEU A 1 46  ? -3.736  -10.956 2.399   1.00 37.25 ? 49  LEU A N     1 
ATOM   297  C CA    . LEU A 1 46  ? -4.347  -10.752 1.082   1.00 36.00 ? 49  LEU A CA    1 
ATOM   298  C C     . LEU A 1 46  ? -4.097  -11.888 0.116   1.00 36.00 ? 49  LEU A C     1 
ATOM   299  O O     . LEU A 1 46  ? -4.930  -12.166 -0.741  1.00 37.94 ? 49  LEU A O     1 
ATOM   300  C CB    . LEU A 1 46  ? -3.804  -9.470  0.438   1.00 36.45 ? 49  LEU A CB    1 
ATOM   301  C CG    . LEU A 1 46  ? -4.567  -8.149  0.569   1.00 38.37 ? 49  LEU A CG    1 
ATOM   302  C CD1   . LEU A 1 46  ? -5.238  -7.987  1.916   1.00 32.58 ? 49  LEU A CD1   1 
ATOM   303  C CD2   . LEU A 1 46  ? -3.605  -6.980  0.240   1.00 34.43 ? 49  LEU A CD2   1 
ATOM   304  N N     . PHE A 1 47  ? -2.924  -12.505 0.198   1.00 36.39 ? 50  PHE A N     1 
ATOM   305  C CA    . PHE A 1 47  ? -2.495  -13.421 -0.855  1.00 35.86 ? 50  PHE A CA    1 
ATOM   306  C C     . PHE A 1 47  ? -2.101  -14.821 -0.375  1.00 36.39 ? 50  PHE A C     1 
ATOM   307  O O     . PHE A 1 47  ? -1.724  -15.657 -1.197  1.00 36.03 ? 50  PHE A O     1 
ATOM   308  C CB    . PHE A 1 47  ? -1.328  -12.787 -1.631  1.00 36.66 ? 50  PHE A CB    1 
ATOM   309  C CG    . PHE A 1 47  ? -1.662  -11.448 -2.253  1.00 32.47 ? 50  PHE A CG    1 
ATOM   310  C CD1   . PHE A 1 47  ? -2.576  -11.363 -3.276  1.00 31.77 ? 50  PHE A CD1   1 
ATOM   311  C CD2   . PHE A 1 47  ? -1.059  -10.283 -1.797  1.00 33.25 ? 50  PHE A CD2   1 
ATOM   312  C CE1   . PHE A 1 47  ? -2.902  -10.130 -3.844  1.00 34.31 ? 50  PHE A CE1   1 
ATOM   313  C CE2   . PHE A 1 47  ? -1.350  -9.052  -2.363  1.00 30.79 ? 50  PHE A CE2   1 
ATOM   314  C CZ    . PHE A 1 47  ? -2.275  -8.968  -3.374  1.00 33.26 ? 50  PHE A CZ    1 
ATOM   315  N N     . GLY A 1 48  ? -2.147  -15.073 0.935   1.00 36.90 ? 51  GLY A N     1 
ATOM   316  C CA    . GLY A 1 48  ? -1.872  -16.417 1.454   1.00 38.33 ? 51  GLY A CA    1 
ATOM   317  C C     . GLY A 1 48  ? -2.767  -17.447 0.777   1.00 38.64 ? 51  GLY A C     1 
ATOM   318  O O     . GLY A 1 48  ? -3.983  -17.257 0.684   1.00 40.22 ? 51  GLY A O     1 
ATOM   319  N N     . GLY A 1 49  ? -2.164  -18.507 0.253   1.00 38.71 ? 52  GLY A N     1 
ATOM   320  C CA    . GLY A 1 49  ? -2.895  -19.524 -0.493  1.00 39.13 ? 52  GLY A CA    1 
ATOM   321  C C     . GLY A 1 49  ? -3.142  -19.171 -1.947  1.00 40.15 ? 52  GLY A C     1 
ATOM   322  O O     . GLY A 1 49  ? -3.754  -19.960 -2.681  1.00 40.98 ? 52  GLY A O     1 
ATOM   323  N N     . LEU A 1 50  ? -2.667  -18.002 -2.382  1.00 39.91 ? 53  LEU A N     1 
ATOM   324  C CA    . LEU A 1 50  ? -2.848  -17.554 -3.771  1.00 40.08 ? 53  LEU A CA    1 
ATOM   325  C C     . LEU A 1 50  ? -1.496  -17.393 -4.476  1.00 40.95 ? 53  LEU A C     1 
ATOM   326  O O     . LEU A 1 50  ? -1.322  -17.840 -5.614  1.00 40.92 ? 53  LEU A O     1 
ATOM   327  C CB    . LEU A 1 50  ? -3.637  -16.239 -3.810  1.00 39.57 ? 53  LEU A CB    1 
ATOM   328  C CG    . LEU A 1 50  ? -5.023  -16.257 -3.129  1.00 40.55 ? 53  LEU A CG    1 
ATOM   329  C CD1   . LEU A 1 50  ? -5.666  -14.880 -3.097  1.00 36.54 ? 53  LEU A CD1   1 
ATOM   330  C CD2   . LEU A 1 50  ? -5.964  -17.270 -3.805  1.00 39.76 ? 53  LEU A CD2   1 
ATOM   331  N N     . TYR A 1 51  ? -0.562  -16.715 -3.810  1.00 41.40 ? 54  TYR A N     1 
ATOM   332  C CA    . TYR A 1 51  ? 0.814   -16.631 -4.265  1.00 40.84 ? 54  TYR A CA    1 
ATOM   333  C C     . TYR A 1 51  ? 1.642   -17.487 -3.315  1.00 42.16 ? 54  TYR A C     1 
ATOM   334  O O     . TYR A 1 51  ? 1.516   -17.332 -2.098  1.00 39.74 ? 54  TYR A O     1 
ATOM   335  C CB    . TYR A 1 51  ? 1.346   -15.187 -4.182  1.00 41.03 ? 54  TYR A CB    1 
ATOM   336  C CG    . TYR A 1 51  ? 0.673   -14.129 -5.039  1.00 38.72 ? 54  TYR A CG    1 
ATOM   337  C CD1   . TYR A 1 51  ? 0.154   -14.421 -6.291  1.00 39.92 ? 54  TYR A CD1   1 
ATOM   338  C CD2   . TYR A 1 51  ? 0.634   -12.809 -4.614  1.00 40.15 ? 54  TYR A CD2   1 
ATOM   339  C CE1   . TYR A 1 51  ? -0.436  -13.429 -7.081  1.00 41.06 ? 54  TYR A CE1   1 
ATOM   340  C CE2   . TYR A 1 51  ? 0.048   -11.807 -5.397  1.00 40.74 ? 54  TYR A CE2   1 
ATOM   341  C CZ    . TYR A 1 51  ? -0.483  -12.122 -6.622  1.00 41.82 ? 54  TYR A CZ    1 
ATOM   342  O OH    . TYR A 1 51  ? -1.063  -11.120 -7.388  1.00 46.55 ? 54  TYR A OH    1 
ATOM   343  N N     . ASP A 1 52  ? 2.499   -18.356 -3.860  1.00 44.47 ? 55  ASP A N     1 
ATOM   344  C CA    . ASP A 1 52  ? 3.493   -19.109 -3.060  1.00 47.31 ? 55  ASP A CA    1 
ATOM   345  C C     . ASP A 1 52  ? 4.342   -18.183 -2.187  1.00 45.89 ? 55  ASP A C     1 
ATOM   346  O O     . ASP A 1 52  ? 4.759   -18.556 -1.090  1.00 46.34 ? 55  ASP A O     1 
ATOM   347  C CB    . ASP A 1 52  ? 4.485   -19.879 -3.954  1.00 50.25 ? 55  ASP A CB    1 
ATOM   348  C CG    . ASP A 1 52  ? 3.813   -20.809 -4.947  1.00 57.35 ? 55  ASP A CG    1 
ATOM   349  O OD1   . ASP A 1 52  ? 2.586   -21.062 -4.834  1.00 67.31 ? 55  ASP A OD1   1 
ATOM   350  O OD2   . ASP A 1 52  ? 4.537   -21.285 -5.858  1.00 67.10 ? 55  ASP A OD2   1 
ATOM   351  N N     . PHE A 1 53  ? 4.618   -16.988 -2.698  1.00 43.66 ? 56  PHE A N     1 
ATOM   352  C CA    . PHE A 1 53  ? 5.513   -16.046 -2.025  1.00 43.26 ? 56  PHE A CA    1 
ATOM   353  C C     . PHE A 1 53  ? 4.776   -15.059 -1.107  1.00 42.82 ? 56  PHE A C     1 
ATOM   354  O O     . PHE A 1 53  ? 5.318   -13.989 -0.807  1.00 44.36 ? 56  PHE A O     1 
ATOM   355  C CB    . PHE A 1 53  ? 6.337   -15.268 -3.073  1.00 42.74 ? 56  PHE A CB    1 
ATOM   356  C CG    . PHE A 1 53  ? 5.493   -14.611 -4.120  1.00 39.99 ? 56  PHE A CG    1 
ATOM   357  C CD1   . PHE A 1 53  ? 4.899   -13.384 -3.882  1.00 38.76 ? 56  PHE A CD1   1 
ATOM   358  C CD2   . PHE A 1 53  ? 5.254   -15.246 -5.316  1.00 37.16 ? 56  PHE A CD2   1 
ATOM   359  C CE1   . PHE A 1 53  ? 4.090   -12.797 -4.840  1.00 37.28 ? 56  PHE A CE1   1 
ATOM   360  C CE2   . PHE A 1 53  ? 4.446   -14.675 -6.274  1.00 38.07 ? 56  PHE A CE2   1 
ATOM   361  C CZ    . PHE A 1 53  ? 3.863   -13.438 -6.033  1.00 39.52 ? 56  PHE A CZ    1 
ATOM   362  N N     . ALA A 1 54  ? 3.565   -15.394 -0.652  1.00 40.94 ? 57  ALA A N     1 
ATOM   363  C CA    . ALA A 1 54  ? 2.791   -14.454 0.159   1.00 39.15 ? 57  ALA A CA    1 
ATOM   364  C C     . ALA A 1 54  ? 3.555   -14.121 1.425   1.00 38.77 ? 57  ALA A C     1 
ATOM   365  O O     . ALA A 1 54  ? 4.096   -15.007 2.078   1.00 38.60 ? 57  ALA A O     1 
ATOM   366  C CB    . ALA A 1 54  ? 1.424   -15.001 0.487   1.00 38.63 ? 57  ALA A CB    1 
ATOM   367  N N     . GLY A 1 55  ? 3.625   -12.831 1.740   1.00 38.00 ? 58  GLY A N     1 
ATOM   368  C CA    . GLY A 1 55  ? 4.386   -12.330 2.881   1.00 38.47 ? 58  GLY A CA    1 
ATOM   369  C C     . GLY A 1 55  ? 5.902   -12.353 2.755   1.00 38.44 ? 58  GLY A C     1 
ATOM   370  O O     . GLY A 1 55  ? 6.602   -11.919 3.678   1.00 38.67 ? 58  GLY A O     1 
ATOM   371  N N     . GLN A 1 56  ? 6.423   -12.843 1.630   1.00 39.37 ? 59  GLN A N     1 
ATOM   372  C CA    . GLN A 1 56  ? 7.872   -13.093 1.502   1.00 40.89 ? 59  GLN A CA    1 
ATOM   373  C C     . GLN A 1 56  ? 8.630   -12.016 0.705   1.00 39.23 ? 59  GLN A C     1 
ATOM   374  O O     . GLN A 1 56  ? 8.252   -11.668 -0.415  1.00 37.39 ? 59  GLN A O     1 
ATOM   375  C CB    . GLN A 1 56  ? 8.125   -14.465 0.861   1.00 42.15 ? 59  GLN A CB    1 
ATOM   376  C CG    . GLN A 1 56  ? 7.878   -15.678 1.804   1.00 49.03 ? 59  GLN A CG    1 
ATOM   377  C CD    . GLN A 1 56  ? 7.946   -17.028 1.069   1.00 56.69 ? 59  GLN A CD    1 
ATOM   378  O OE1   . GLN A 1 56  ? 8.412   -17.112 -0.072  1.00 63.05 ? 59  GLN A OE1   1 
ATOM   379  N NE2   . GLN A 1 56  ? 7.473   -18.082 1.723   1.00 62.39 ? 59  GLN A NE2   1 
ATOM   380  N N     . ILE A 1 57  ? 9.722   -11.529 1.288   1.00 39.30 ? 60  ILE A N     1 
ATOM   381  C CA    . ILE A 1 57  ? 10.590  -10.544 0.630   1.00 38.10 ? 60  ILE A CA    1 
ATOM   382  C C     . ILE A 1 57  ? 11.193  -11.198 -0.600  1.00 36.51 ? 60  ILE A C     1 
ATOM   383  O O     . ILE A 1 57  ? 11.708  -12.312 -0.513  1.00 37.32 ? 60  ILE A O     1 
ATOM   384  C CB    . ILE A 1 57  ? 11.713  -10.043 1.560   1.00 37.86 ? 60  ILE A CB    1 
ATOM   385  C CG1   . ILE A 1 57  ? 11.154  -9.558  2.905   1.00 38.38 ? 60  ILE A CG1   1 
ATOM   386  C CG2   . ILE A 1 57  ? 12.481  -8.907  0.896   1.00 37.63 ? 60  ILE A CG2   1 
ATOM   387  C CD1   . ILE A 1 57  ? 10.018  -8.563  2.790   1.00 38.78 ? 60  ILE A CD1   1 
ATOM   388  N N     . ARG A 1 58  ? 11.066  -10.537 -1.751  1.00 35.99 ? 61  ARG A N     1 
ATOM   389  C CA    . ARG A 1 58  ? 11.545  -11.083 -3.028  1.00 35.54 ? 61  ARG A CA    1 
ATOM   390  C C     . ARG A 1 58  ? 13.077  -11.214 -3.090  1.00 36.63 ? 61  ARG A C     1 
ATOM   391  O O     . ARG A 1 58  ? 13.814  -10.546 -2.353  1.00 34.84 ? 61  ARG A O     1 
ATOM   392  C CB    . ARG A 1 58  ? 11.045  -10.244 -4.214  1.00 35.64 ? 61  ARG A CB    1 
ATOM   393  C CG    . ARG A 1 58  ? 11.597  -8.803  -4.292  1.00 31.60 ? 61  ARG A CG    1 
ATOM   394  C CD    . ARG A 1 58  ? 11.019  -8.038  -5.483  1.00 27.67 ? 61  ARG A CD    1 
ATOM   395  N NE    . ARG A 1 58  ? 11.245  -6.613  -5.279  1.00 30.91 ? 61  ARG A NE    1 
ATOM   396  C CZ    . ARG A 1 58  ? 12.401  -5.973  -5.498  1.00 28.99 ? 61  ARG A CZ    1 
ATOM   397  N NH1   . ARG A 1 58  ? 13.467  -6.600  -6.015  1.00 29.01 ? 61  ARG A NH1   1 
ATOM   398  N NH2   . ARG A 1 58  ? 12.480  -4.682  -5.210  1.00 27.73 ? 61  ARG A NH2   1 
ATOM   399  N N     . GLU A 1 59  ? 13.528  -12.110 -3.962  1.00 38.51 ? 62  GLU A N     1 
ATOM   400  C CA    . GLU A 1 59  ? 14.952  -12.344 -4.211  1.00 40.79 ? 62  GLU A CA    1 
ATOM   401  C C     . GLU A 1 59  ? 15.335  -12.055 -5.657  1.00 40.47 ? 62  GLU A C     1 
ATOM   402  O O     . GLU A 1 59  ? 16.517  -12.079 -6.000  1.00 40.90 ? 62  GLU A O     1 
ATOM   403  C CB    . GLU A 1 59  ? 15.315  -13.795 -3.845  1.00 41.77 ? 62  GLU A CB    1 
ATOM   404  C CG    . GLU A 1 59  ? 15.552  -13.997 -2.342  1.00 48.90 ? 62  GLU A CG    1 
ATOM   405  C CD    . GLU A 1 59  ? 15.747  -15.468 -1.954  1.00 60.42 ? 62  GLU A CD    1 
ATOM   406  O OE1   . GLU A 1 59  ? 16.075  -16.305 -2.835  1.00 67.18 ? 62  GLU A OE1   1 
ATOM   407  O OE2   . GLU A 1 59  ? 15.568  -15.787 -0.754  1.00 67.39 ? 62  GLU A OE2   1 
ATOM   408  N N     . ASP A 1 60  ? 14.328  -11.801 -6.492  1.00 40.65 ? 63  ASP A N     1 
ATOM   409  C CA    . ASP A 1 60  ? 14.507  -11.406 -7.867  1.00 41.41 ? 63  ASP A CA    1 
ATOM   410  C C     . ASP A 1 60  ? 14.305  -9.895  -8.018  1.00 40.60 ? 63  ASP A C     1 
ATOM   411  O O     . ASP A 1 60  ? 13.702  -9.225  -7.163  1.00 39.54 ? 63  ASP A O     1 
ATOM   412  C CB    . ASP A 1 60  ? 13.488  -12.114 -8.760  1.00 42.86 ? 63  ASP A CB    1 
ATOM   413  C CG    . ASP A 1 60  ? 13.628  -13.634 -8.736  1.00 48.52 ? 63  ASP A CG    1 
ATOM   414  O OD1   . ASP A 1 60  ? 14.776  -14.140 -8.787  1.00 54.14 ? 63  ASP A OD1   1 
ATOM   415  O OD2   . ASP A 1 60  ? 12.578  -14.317 -8.700  1.00 54.19 ? 63  ASP A OD2   1 
ATOM   416  N N     . ASN A 1 61  ? 14.803  -9.379  -9.133  1.00 38.48 ? 64  ASN A N     1 
ATOM   417  C CA    . ASN A 1 61  ? 14.717  -7.967  -9.443  1.00 37.17 ? 64  ASN A CA    1 
ATOM   418  C C     . ASN A 1 61  ? 13.546  -7.748  -10.363 1.00 35.41 ? 64  ASN A C     1 
ATOM   419  O O     . ASN A 1 61  ? 13.198  -8.630  -11.161 1.00 33.45 ? 64  ASN A O     1 
ATOM   420  C CB    . ASN A 1 61  ? 16.006  -7.481  -10.111 1.00 36.54 ? 64  ASN A CB    1 
ATOM   421  C CG    . ASN A 1 61  ? 17.118  -7.279  -9.128  1.00 37.30 ? 64  ASN A CG    1 
ATOM   422  O OD1   . ASN A 1 61  ? 18.235  -7.736  -9.342  1.00 43.84 ? 64  ASN A OD1   1 
ATOM   423  N ND2   . ASN A 1 61  ? 16.825  -6.601  -8.036  1.00 35.10 ? 64  ASN A ND2   1 
ATOM   424  N N     . ILE A 1 62  ? 12.952  -6.564  -10.245 1.00 33.85 ? 65  ILE A N     1 
ATOM   425  C CA    . ILE A 1 62  ? 11.772  -6.199  -11.020 1.00 33.70 ? 65  ILE A CA    1 
ATOM   426  C C     . ILE A 1 62  ? 11.826  -4.718  -11.349 1.00 33.53 ? 65  ILE A C     1 
ATOM   427  O O     . ILE A 1 62  ? 12.450  -3.923  -10.623 1.00 33.07 ? 65  ILE A O     1 
ATOM   428  C CB    . ILE A 1 62  ? 10.437  -6.501  -10.260 1.00 32.56 ? 65  ILE A CB    1 
ATOM   429  C CG1   . ILE A 1 62  ? 10.473  -5.969  -8.822  1.00 35.78 ? 65  ILE A CG1   1 
ATOM   430  C CG2   . ILE A 1 62  ? 10.164  -8.005  -10.223 1.00 34.98 ? 65  ILE A CG2   1 
ATOM   431  C CD1   . ILE A 1 62  ? 9.104   -6.094  -8.055  1.00 34.15 ? 65  ILE A CD1   1 
ATOM   432  N N     . SER A 1 63  ? 11.148  -4.364  -12.435 1.00 32.75 ? 66  SER A N     1 
ATOM   433  C CA    . SER A 1 63  ? 11.012  -2.985  -12.872 1.00 33.08 ? 66  SER A CA    1 
ATOM   434  C C     . SER A 1 63  ? 9.625   -2.757  -13.450 1.00 32.67 ? 66  SER A C     1 
ATOM   435  O O     . SER A 1 63  ? 8.963   -3.692  -13.855 1.00 31.10 ? 66  SER A O     1 
ATOM   436  C CB    . SER A 1 63  ? 12.048  -2.661  -13.955 1.00 31.08 ? 66  SER A CB    1 
ATOM   437  O OG    . SER A 1 63  ? 11.844  -3.466  -15.090 1.00 29.98 ? 66  SER A OG    1 
ATOM   438  N N     . LYS A 1 64  ? 9.229   -1.495  -13.512 1.00 34.86 ? 67  LYS A N     1 
ATOM   439  C CA    . LYS A 1 64  ? 7.999   -1.079  -14.166 1.00 37.40 ? 67  LYS A CA    1 
ATOM   440  C C     . LYS A 1 64  ? 8.259   0.275   -14.812 1.00 35.94 ? 67  LYS A C     1 
ATOM   441  O O     . LYS A 1 64  ? 8.899   1.141   -14.210 1.00 35.51 ? 67  LYS A O     1 
ATOM   442  C CB    . LYS A 1 64  ? 6.882   -0.991  -13.117 1.00 40.36 ? 67  LYS A CB    1 
ATOM   443  C CG    . LYS A 1 64  ? 5.487   -1.164  -13.689 1.00 49.03 ? 67  LYS A CG    1 
ATOM   444  C CD    . LYS A 1 64  ? 4.483   -1.667  -12.640 1.00 57.17 ? 67  LYS A CD    1 
ATOM   445  C CE    . LYS A 1 64  ? 4.580   -3.177  -12.426 1.00 61.88 ? 67  LYS A CE    1 
ATOM   446  N NZ    . LYS A 1 64  ? 3.364   -3.718  -11.751 1.00 60.84 ? 67  LYS A NZ    1 
ATOM   447  N N     . GLY A 1 65  ? 7.806   0.468   -16.046 1.00 35.34 ? 68  GLY A N     1 
ATOM   448  C CA    . GLY A 1 65  ? 8.221   1.643   -16.807 1.00 34.82 ? 68  GLY A CA    1 
ATOM   449  C C     . GLY A 1 65  ? 9.752   1.774   -16.859 1.00 35.32 ? 68  GLY A C     1 
ATOM   450  O O     . GLY A 1 65  ? 10.470  0.810   -17.132 1.00 34.82 ? 68  GLY A O     1 
ATOM   451  N N     . GLY A 1 66  ? 10.253  2.964   -16.570 1.00 35.28 ? 69  GLY A N     1 
ATOM   452  C CA    . GLY A 1 66  ? 11.688  3.230   -16.641 1.00 34.66 ? 69  GLY A CA    1 
ATOM   453  C C     . GLY A 1 66  ? 12.324  3.095   -15.279 1.00 35.05 ? 69  GLY A C     1 
ATOM   454  O O     . GLY A 1 66  ? 13.465  3.523   -15.084 1.00 35.95 ? 69  GLY A O     1 
ATOM   455  N N     . PHE A 1 67  ? 11.595  2.497   -14.333 1.00 33.14 ? 70  PHE A N     1 
ATOM   456  C CA    . PHE A 1 67  ? 12.069  2.420   -12.974 1.00 32.75 ? 70  PHE A CA    1 
ATOM   457  C C     . PHE A 1 67  ? 12.364  0.987   -12.559 1.00 32.04 ? 70  PHE A C     1 
ATOM   458  O O     . PHE A 1 67  ? 11.528  0.102   -12.725 1.00 31.75 ? 70  PHE A O     1 
ATOM   459  C CB    . PHE A 1 67  ? 11.073  3.058   -12.001 1.00 32.47 ? 70  PHE A CB    1 
ATOM   460  C CG    . PHE A 1 67  ? 11.670  3.343   -10.652 1.00 35.40 ? 70  PHE A CG    1 
ATOM   461  C CD1   . PHE A 1 67  ? 12.538  4.407   -10.482 1.00 39.05 ? 70  PHE A CD1   1 
ATOM   462  C CD2   . PHE A 1 67  ? 11.388  2.531   -9.560  1.00 32.15 ? 70  PHE A CD2   1 
ATOM   463  C CE1   . PHE A 1 67  ? 13.108  4.673   -9.235  1.00 41.06 ? 70  PHE A CE1   1 
ATOM   464  C CE2   . PHE A 1 67  ? 11.957  2.784   -8.329  1.00 36.07 ? 70  PHE A CE2   1 
ATOM   465  C CZ    . PHE A 1 67  ? 12.825  3.855   -8.164  1.00 39.39 ? 70  PHE A CZ    1 
ATOM   466  N N     . ARG A 1 68  ? 13.556  0.803   -12.001 1.00 30.81 ? 71  ARG A N     1 
ATOM   467  C CA    . ARG A 1 68  ? 14.005  -0.447  -11.443 1.00 31.90 ? 71  ARG A CA    1 
ATOM   468  C C     . ARG A 1 68  ? 13.860  -0.267  -9.936  1.00 31.05 ? 71  ARG A C     1 
ATOM   469  O O     . ARG A 1 68  ? 14.412  0.678   -9.370  1.00 30.37 ? 71  ARG A O     1 
ATOM   470  C CB    . ARG A 1 68  ? 15.479  -0.701  -11.835 1.00 31.72 ? 71  ARG A CB    1 
ATOM   471  C CG    . ARG A 1 68  ? 15.838  -2.166  -12.141 1.00 33.62 ? 71  ARG A CG    1 
ATOM   472  C CD    . ARG A 1 68  ? 16.002  -2.997  -10.913 1.00 35.57 ? 71  ARG A CD    1 
ATOM   473  N NE    . ARG A 1 68  ? 16.971  -2.441  -9.969  1.00 38.88 ? 71  ARG A NE    1 
ATOM   474  C CZ    . ARG A 1 68  ? 18.305  -2.599  -10.005 1.00 38.87 ? 71  ARG A CZ    1 
ATOM   475  N NH1   . ARG A 1 68  ? 19.056  -2.064  -9.041  1.00 35.61 ? 71  ARG A NH1   1 
ATOM   476  N NH2   . ARG A 1 68  ? 18.896  -3.276  -10.982 1.00 38.32 ? 71  ARG A NH2   1 
ATOM   477  N N     . PHE A 1 69  ? 13.099  -1.159  -9.298  1.00 30.71 ? 72  PHE A N     1 
ATOM   478  C CA    . PHE A 1 69  ? 12.835  -1.076  -7.863  1.00 29.57 ? 72  PHE A CA    1 
ATOM   479  C C     . PHE A 1 69  ? 14.060  -1.577  -7.103  1.00 29.30 ? 72  PHE A C     1 
ATOM   480  O O     . PHE A 1 69  ? 14.898  -2.255  -7.666  1.00 28.63 ? 72  PHE A O     1 
ATOM   481  C CB    . PHE A 1 69  ? 11.597  -1.899  -7.508  1.00 30.17 ? 72  PHE A CB    1 
ATOM   482  C CG    . PHE A 1 69  ? 10.333  -1.401  -8.160  1.00 29.87 ? 72  PHE A CG    1 
ATOM   483  C CD1   . PHE A 1 69  ? 9.717   -0.249  -7.711  1.00 29.11 ? 72  PHE A CD1   1 
ATOM   484  C CD2   . PHE A 1 69  ? 9.765   -2.086  -9.215  1.00 30.71 ? 72  PHE A CD2   1 
ATOM   485  C CE1   . PHE A 1 69  ? 8.579   0.222   -8.313  1.00 30.14 ? 72  PHE A CE1   1 
ATOM   486  C CE2   . PHE A 1 69  ? 8.616   -1.613  -9.827  1.00 31.36 ? 72  PHE A CE2   1 
ATOM   487  C CZ    . PHE A 1 69  ? 8.024   -0.461  -9.370  1.00 30.33 ? 72  PHE A CZ    1 
ATOM   488  N N     . ALA A 1 70  ? 14.159  -1.263  -5.819  1.00 29.54 ? 73  ALA A N     1 
ATOM   489  C CA    . ALA A 1 70  ? 15.375  -1.588  -5.051  1.00 29.05 ? 73  ALA A CA    1 
ATOM   490  C C     . ALA A 1 70  ? 15.915  -2.978  -5.371  1.00 29.26 ? 73  ALA A C     1 
ATOM   491  O O     . ALA A 1 70  ? 15.160  -3.956  -5.450  1.00 29.34 ? 73  ALA A O     1 
ATOM   492  C CB    . ALA A 1 70  ? 15.136  -1.431  -3.580  1.00 28.77 ? 73  ALA A CB    1 
ATOM   493  N N     . ASN A 1 71  ? 17.228  -3.048  -5.607  1.00 29.66 ? 74  ASN A N     1 
ATOM   494  C CA    . ASN A 1 71  ? 17.904  -4.294  -5.937  1.00 29.56 ? 74  ASN A CA    1 
ATOM   495  C C     . ASN A 1 71  ? 17.712  -5.315  -4.796  1.00 30.60 ? 74  ASN A C     1 
ATOM   496  O O     . ASN A 1 71  ? 17.854  -4.982  -3.621  1.00 27.80 ? 74  ASN A O     1 
ATOM   497  C CB    . ASN A 1 71  ? 19.409  -4.043  -6.152  1.00 29.69 ? 74  ASN A CB    1 
ATOM   498  C CG    . ASN A 1 71  ? 20.093  -5.163  -6.934  1.00 29.90 ? 74  ASN A CG    1 
ATOM   499  O OD1   . ASN A 1 71  ? 20.761  -4.923  -7.932  1.00 43.13 ? 74  ASN A OD1   1 
ATOM   500  N ND2   . ASN A 1 71  ? 19.895  -6.371  -6.516  1.00 29.41 ? 74  ASN A ND2   1 
ATOM   501  N N     . ALA A 1 72  ? 17.400  -6.547  -5.178  1.00 31.82 ? 75  ALA A N     1 
ATOM   502  C CA    . ALA A 1 72  ? 17.171  -7.638  -4.263  1.00 33.46 ? 75  ALA A CA    1 
ATOM   503  C C     . ALA A 1 72  ? 18.368  -7.852  -3.353  1.00 35.17 ? 75  ALA A C     1 
ATOM   504  O O     . ALA A 1 72  ? 18.204  -8.179  -2.176  1.00 36.61 ? 75  ALA A O     1 
ATOM   505  C CB    . ALA A 1 72  ? 16.863  -8.903  -5.039  1.00 33.33 ? 75  ALA A CB    1 
ATOM   506  N N     . MET A 1 73  ? 19.571  -7.614  -3.870  1.00 36.73 ? 76  MET A N     1 
ATOM   507  C CA    . MET A 1 73  ? 20.780  -7.872  -3.089  1.00 36.67 ? 76  MET A CA    1 
ATOM   508  C C     . MET A 1 73  ? 20.883  -6.967  -1.885  1.00 35.58 ? 76  MET A C     1 
ATOM   509  O O     . MET A 1 73  ? 21.516  -7.345  -0.905  1.00 38.25 ? 76  MET A O     1 
ATOM   510  C CB    . MET A 1 73  ? 22.044  -7.874  -3.975  1.00 37.54 ? 76  MET A CB    1 
ATOM   511  C CG    . MET A 1 73  ? 22.571  -6.521  -4.411  1.00 42.74 ? 76  MET A CG    1 
ATOM   512  S SD    . MET A 1 73  ? 24.027  -6.632  -5.508  1.00 44.80 ? 76  MET A SD    1 
ATOM   513  C CE    . MET A 1 73  ? 23.484  -7.750  -6.778  1.00 47.43 ? 76  MET A CE    1 
ATOM   514  N N     . TYR A 1 74  ? 20.223  -5.803  -1.902  1.00 35.00 ? 77  TYR A N     1 
ATOM   515  C CA    . TYR A 1 74  ? 20.205  -4.932  -0.721  1.00 33.87 ? 77  TYR A CA    1 
ATOM   516  C C     . TYR A 1 74  ? 18.805  -4.474  -0.267  1.00 33.81 ? 77  TYR A C     1 
ATOM   517  O O     . TYR A 1 74  ? 18.667  -3.517  0.492   1.00 32.07 ? 77  TYR A O     1 
ATOM   518  C CB    . TYR A 1 74  ? 21.173  -3.743  -0.893  1.00 34.75 ? 77  TYR A CB    1 
ATOM   519  C CG    . TYR A 1 74  ? 21.023  -2.888  -2.141  1.00 34.08 ? 77  TYR A CG    1 
ATOM   520  C CD1   . TYR A 1 74  ? 20.066  -1.884  -2.215  1.00 32.54 ? 77  TYR A CD1   1 
ATOM   521  C CD2   . TYR A 1 74  ? 21.887  -3.041  -3.217  1.00 34.08 ? 77  TYR A CD2   1 
ATOM   522  C CE1   . TYR A 1 74  ? 19.959  -1.060  -3.350  1.00 34.71 ? 77  TYR A CE1   1 
ATOM   523  C CE2   . TYR A 1 74  ? 21.787  -2.227  -4.352  1.00 34.49 ? 77  TYR A CE2   1 
ATOM   524  C CZ    . TYR A 1 74  ? 20.819  -1.242  -4.414  1.00 33.38 ? 77  TYR A CZ    1 
ATOM   525  O OH    . TYR A 1 74  ? 20.710  -0.450  -5.538  1.00 32.16 ? 77  TYR A OH    1 
ATOM   526  N N     . LEU A 1 75  ? 17.778  -5.204  -0.692  1.00 35.13 ? 78  LEU A N     1 
ATOM   527  C CA    . LEU A 1 75  ? 16.388  -4.893  -0.340  1.00 34.79 ? 78  LEU A CA    1 
ATOM   528  C C     . LEU A 1 75  ? 16.142  -4.971  1.165   1.00 35.42 ? 78  LEU A C     1 
ATOM   529  O O     . LEU A 1 75  ? 15.515  -4.084  1.742   1.00 34.95 ? 78  LEU A O     1 
ATOM   530  C CB    . LEU A 1 75  ? 15.445  -5.845  -1.087  1.00 34.86 ? 78  LEU A CB    1 
ATOM   531  C CG    . LEU A 1 75  ? 13.930  -5.799  -0.823  1.00 31.13 ? 78  LEU A CG    1 
ATOM   532  C CD1   . LEU A 1 75  ? 13.368  -4.406  -1.026  1.00 29.15 ? 78  LEU A CD1   1 
ATOM   533  C CD2   . LEU A 1 75  ? 13.256  -6.779  -1.729  1.00 27.63 ? 78  LEU A CD2   1 
ATOM   534  N N     . LYS A 1 76  ? 16.659  -6.011  1.810   1.00 37.82 ? 79  LYS A N     1 
ATOM   535  C CA    . LYS A 1 76  ? 16.424  -6.190  3.255   1.00 39.78 ? 79  LYS A CA    1 
ATOM   536  C C     . LYS A 1 76  ? 17.034  -5.061  4.048   1.00 39.37 ? 79  LYS A C     1 
ATOM   537  O O     . LYS A 1 76  ? 16.422  -4.525  4.977   1.00 39.84 ? 79  LYS A O     1 
ATOM   538  C CB    . LYS A 1 76  ? 16.991  -7.519  3.738   1.00 41.64 ? 79  LYS A CB    1 
ATOM   539  C CG    . LYS A 1 76  ? 16.262  -8.726  3.154   1.00 47.35 ? 79  LYS A CG    1 
ATOM   540  C CD    . LYS A 1 76  ? 16.805  -10.039 3.722   1.00 53.19 ? 79  LYS A CD    1 
ATOM   541  C CE    . LYS A 1 76  ? 16.332  -11.226 2.880   1.00 59.10 ? 79  LYS A CE    1 
ATOM   542  N NZ    . LYS A 1 76  ? 16.912  -11.241 1.491   1.00 60.62 ? 79  LYS A NZ    1 
ATOM   543  N N     . GLU A 1 77  ? 18.249  -4.689  3.656   1.00 38.76 ? 80  GLU A N     1 
ATOM   544  C CA    . GLU A 1 77  ? 18.957  -3.582  4.275   1.00 37.90 ? 80  GLU A CA    1 
ATOM   545  C C     . GLU A 1 77  ? 18.184  -2.274  4.069   1.00 36.17 ? 80  GLU A C     1 
ATOM   546  O O     . GLU A 1 77  ? 18.061  -1.465  4.986   1.00 35.74 ? 80  GLU A O     1 
ATOM   547  C CB    . GLU A 1 77  ? 20.368  -3.470  3.684   1.00 39.34 ? 80  GLU A CB    1 
ATOM   548  C CG    . GLU A 1 77  ? 21.316  -4.648  3.980   1.00 41.59 ? 80  GLU A CG    1 
ATOM   549  C CD    . GLU A 1 77  ? 21.093  -5.902  3.115   1.00 49.74 ? 80  GLU A CD    1 
ATOM   550  O OE1   . GLU A 1 77  ? 20.152  -5.957  2.293   1.00 47.81 ? 80  GLU A OE1   1 
ATOM   551  O OE2   . GLU A 1 77  ? 21.865  -6.876  3.287   1.00 59.93 ? 80  GLU A OE2   1 
ATOM   552  N N     . ALA A 1 78  ? 17.649  -2.072  2.868   1.00 33.90 ? 81  ALA A N     1 
ATOM   553  C CA    . ALA A 1 78  ? 16.823  -0.888  2.600   1.00 33.23 ? 81  ALA A CA    1 
ATOM   554  C C     . ALA A 1 78  ? 15.565  -0.840  3.478   1.00 32.28 ? 81  ALA A C     1 
ATOM   555  O O     . ALA A 1 78  ? 15.205  0.214   4.024   1.00 30.29 ? 81  ALA A O     1 
ATOM   556  C CB    . ALA A 1 78  ? 16.430  -0.850  1.115   1.00 32.16 ? 81  ALA A CB    1 
ATOM   557  N N     . LEU A 1 79  ? 14.888  -1.982  3.591   1.00 32.78 ? 82  LEU A N     1 
ATOM   558  C CA    . LEU A 1 79  ? 13.640  -2.066  4.370   1.00 33.83 ? 82  LEU A CA    1 
ATOM   559  C C     . LEU A 1 79  ? 13.880  -1.710  5.836   1.00 35.04 ? 82  LEU A C     1 
ATOM   560  O O     . LEU A 1 79  ? 13.038  -1.062  6.473   1.00 35.74 ? 82  LEU A O     1 
ATOM   561  C CB    . LEU A 1 79  ? 13.009  -3.455  4.228   1.00 33.43 ? 82  LEU A CB    1 
ATOM   562  C CG    . LEU A 1 79  ? 12.408  -3.761  2.846   1.00 31.50 ? 82  LEU A CG    1 
ATOM   563  C CD1   . LEU A 1 79  ? 12.108  -5.229  2.675   1.00 29.10 ? 82  LEU A CD1   1 
ATOM   564  C CD2   . LEU A 1 79  ? 11.146  -2.919  2.590   1.00 27.43 ? 82  LEU A CD2   1 
ATOM   565  N N     . VAL A 1 80  ? 15.061  -2.072  6.347   1.00 36.51 ? 83  VAL A N     1 
ATOM   566  C CA    . VAL A 1 80  ? 15.430  -1.750  7.727   1.00 36.58 ? 83  VAL A CA    1 
ATOM   567  C C     . VAL A 1 80  ? 15.410  -0.268  7.935   1.00 36.85 ? 83  VAL A C     1 
ATOM   568  O O     . VAL A 1 80  ? 14.895  0.212   8.943   1.00 38.50 ? 83  VAL A O     1 
ATOM   569  C CB    . VAL A 1 80  ? 16.831  -2.320  8.114   1.00 37.59 ? 83  VAL A CB    1 
ATOM   570  C CG1   . VAL A 1 80  ? 17.352  -1.674  9.385   1.00 37.29 ? 83  VAL A CG1   1 
ATOM   571  C CG2   . VAL A 1 80  ? 16.748  -3.838  8.271   1.00 38.28 ? 83  VAL A CG2   1 
ATOM   572  N N     . LYS A 1 81  ? 15.934  0.474   6.965   1.00 37.34 ? 84  LYS A N     1 
ATOM   573  C CA    . LYS A 1 81  ? 16.028  1.923   7.092   1.00 36.53 ? 84  LYS A CA    1 
ATOM   574  C C     . LYS A 1 81  ? 14.715  2.597   6.794   1.00 36.22 ? 84  LYS A C     1 
ATOM   575  O O     . LYS A 1 81  ? 14.363  3.594   7.434   1.00 35.65 ? 84  LYS A O     1 
ATOM   576  C CB    . LYS A 1 81  ? 17.105  2.472   6.156   1.00 38.24 ? 84  LYS A CB    1 
ATOM   577  C CG    . LYS A 1 81  ? 18.527  2.109   6.552   1.00 38.51 ? 84  LYS A CG    1 
ATOM   578  C CD    . LYS A 1 81  ? 18.954  2.842   7.820   1.00 41.90 ? 84  LYS A CD    1 
ATOM   579  C CE    . LYS A 1 81  ? 20.449  2.701   8.099   1.00 44.30 ? 84  LYS A CE    1 
ATOM   580  N NZ    . LYS A 1 81  ? 20.899  1.301   7.935   1.00 49.33 ? 84  LYS A NZ    1 
ATOM   581  N N     . ILE A 1 82  ? 13.995  2.071   5.804   1.00 36.63 ? 85  ILE A N     1 
ATOM   582  C CA    . ILE A 1 82  ? 12.682  2.614   5.441   1.00 35.00 ? 85  ILE A CA    1 
ATOM   583  C C     . ILE A 1 82  ? 11.723  2.562   6.630   1.00 35.15 ? 85  ILE A C     1 
ATOM   584  O O     . ILE A 1 82  ? 11.079  3.563   6.950   1.00 33.95 ? 85  ILE A O     1 
ATOM   585  C CB    . ILE A 1 82  ? 12.069  1.873   4.231   1.00 34.89 ? 85  ILE A CB    1 
ATOM   586  C CG1   . ILE A 1 82  ? 12.850  2.209   2.951   1.00 33.24 ? 85  ILE A CG1   1 
ATOM   587  C CG2   . ILE A 1 82  ? 10.614  2.270   4.067   1.00 35.03 ? 85  ILE A CG2   1 
ATOM   588  C CD1   . ILE A 1 82  ? 12.773  1.145   1.866   1.00 31.23 ? 85  ILE A CD1   1 
ATOM   589  N N     . GLU A 1 83  ? 11.647  1.425   7.314   1.00 36.63 ? 86  GLU A N     1 
ATOM   590  C CA    . GLU A 1 83  ? 10.698  1.323   8.441   1.00 38.93 ? 86  GLU A CA    1 
ATOM   591  C C     . GLU A 1 83  ? 11.016  2.261   9.606   1.00 39.22 ? 86  GLU A C     1 
ATOM   592  O O     . GLU A 1 83  ? 10.135  2.553   10.397  1.00 39.03 ? 86  GLU A O     1 
ATOM   593  C CB    . GLU A 1 83  ? 10.544  -0.111  8.950   1.00 39.79 ? 86  GLU A CB    1 
ATOM   594  C CG    . GLU A 1 83  ? 11.727  -0.669  9.698   1.00 40.90 ? 86  GLU A CG    1 
ATOM   595  C CD    . GLU A 1 83  ? 11.468  -2.062  10.268  1.00 45.59 ? 86  GLU A CD    1 
ATOM   596  O OE1   . GLU A 1 83  ? 10.329  -2.577  10.151  1.00 44.65 ? 86  GLU A OE1   1 
ATOM   597  O OE2   . GLU A 1 83  ? 12.423  -2.653  10.832  1.00 47.83 ? 86  GLU A OE2   1 
ATOM   598  N N     . GLN A 1 84  ? 12.251  2.760   9.688   1.00 39.97 ? 87  GLN A N     1 
ATOM   599  C CA    . GLN A 1 84  ? 12.623  3.701   10.749  1.00 40.46 ? 87  GLN A CA    1 
ATOM   600  C C     . GLN A 1 84  ? 12.273  5.139   10.436  1.00 40.06 ? 87  GLN A C     1 
ATOM   601  O O     . GLN A 1 84  ? 12.440  5.995   11.307  1.00 40.76 ? 87  GLN A O     1 
ATOM   602  C CB    . GLN A 1 84  ? 14.122  3.625   11.068  1.00 41.49 ? 87  GLN A CB    1 
ATOM   603  C CG    . GLN A 1 84  ? 14.579  2.288   11.627  1.00 46.08 ? 87  GLN A CG    1 
ATOM   604  C CD    . GLN A 1 84  ? 16.096  2.172   11.706  1.00 53.32 ? 87  GLN A CD    1 
ATOM   605  O OE1   . GLN A 1 84  ? 16.809  3.176   11.802  1.00 59.92 ? 87  GLN A OE1   1 
ATOM   606  N NE2   . GLN A 1 84  ? 16.598  0.944   11.653  1.00 55.86 ? 87  GLN A NE2   1 
ATOM   607  N N     . MET A 1 85  ? 11.793  5.422   9.219   1.00 38.44 ? 88  MET A N     1 
ATOM   608  C CA    . MET A 1 85  ? 11.450  6.795   8.844   1.00 37.38 ? 88  MET A CA    1 
ATOM   609  C C     . MET A 1 85  ? 10.294  7.313   9.705   1.00 38.22 ? 88  MET A C     1 
ATOM   610  O O     . MET A 1 85  ? 9.411   6.543   10.109  1.00 37.87 ? 88  MET A O     1 
ATOM   611  C CB    . MET A 1 85  ? 11.061  6.897   7.352   1.00 36.68 ? 88  MET A CB    1 
ATOM   612  C CG    . MET A 1 85  ? 12.194  6.572   6.353   1.00 35.56 ? 88  MET A CG    1 
ATOM   613  S SD    . MET A 1 85  ? 11.646  6.571   4.630   1.00 33.20 ? 88  MET A SD    1 
ATOM   614  C CE    . MET A 1 85  ? 11.405  8.333   4.435   1.00 24.55 ? 88  MET A CE    1 
ATOM   615  N N     . PRO A 1 86  ? 10.275  8.628   9.961   1.00 38.34 ? 89  PRO A N     1 
ATOM   616  C CA    . PRO A 1 86  ? 9.258   9.179   10.854  1.00 38.45 ? 89  PRO A CA    1 
ATOM   617  C C     . PRO A 1 86  ? 7.884   9.258   10.198  1.00 39.45 ? 89  PRO A C     1 
ATOM   618  O O     . PRO A 1 86  ? 7.777   9.163   8.978   1.00 39.49 ? 89  PRO A O     1 
ATOM   619  C CB    . PRO A 1 86  ? 9.792   10.579  11.163  1.00 38.26 ? 89  PRO A CB    1 
ATOM   620  C CG    . PRO A 1 86  ? 10.630  10.936  9.954   1.00 37.34 ? 89  PRO A CG    1 
ATOM   621  C CD    . PRO A 1 86  ? 11.224  9.657   9.482   1.00 37.25 ? 89  PRO A CD    1 
ATOM   622  N N     . GLU A 1 87  ? 6.856   9.451   11.027  1.00 39.75 ? 90  GLU A N     1 
ATOM   623  C CA    . GLU A 1 87  ? 5.460   9.374   10.619  1.00 39.36 ? 90  GLU A CA    1 
ATOM   624  C C     . GLU A 1 87  ? 4.621   10.489  11.243  1.00 39.92 ? 90  GLU A C     1 
ATOM   625  O O     . GLU A 1 87  ? 3.426   10.311  11.431  1.00 40.18 ? 90  GLU A O     1 
ATOM   626  C CB    . GLU A 1 87  ? 4.854   8.027   11.060  1.00 39.30 ? 90  GLU A CB    1 
ATOM   627  C CG    . GLU A 1 87  ? 5.606   6.791   10.614  1.00 39.60 ? 90  GLU A CG    1 
ATOM   628  C CD    . GLU A 1 87  ? 5.056   5.477   11.191  1.00 38.40 ? 90  GLU A CD    1 
ATOM   629  O OE1   . GLU A 1 87  ? 4.125   5.500   12.022  1.00 38.44 ? 90  GLU A OE1   1 
ATOM   630  O OE2   . GLU A 1 87  ? 5.570   4.411   10.800  1.00 36.32 ? 90  GLU A OE2   1 
ATOM   631  N N     . ARG A 1 88  ? 5.222   11.629  11.563  1.00 40.68 ? 91  ARG A N     1 
ATOM   632  C CA    . ARG A 1 88  ? 4.516   12.661  12.333  1.00 42.24 ? 91  ARG A CA    1 
ATOM   633  C C     . ARG A 1 88  ? 3.609   13.519  11.483  1.00 41.84 ? 91  ARG A C     1 
ATOM   634  O O     . ARG A 1 88  ? 2.539   13.916  11.937  1.00 44.58 ? 91  ARG A O     1 
ATOM   635  C CB    . ARG A 1 88  ? 5.501   13.576  13.069  1.00 43.57 ? 91  ARG A CB    1 
ATOM   636  C CG    . ARG A 1 88  ? 6.304   12.866  14.157  1.00 48.95 ? 91  ARG A CG    1 
ATOM   637  C CD    . ARG A 1 88  ? 7.588   13.625  14.523  1.00 57.74 ? 91  ARG A CD    1 
ATOM   638  N NE    . ARG A 1 88  ? 8.590   13.598  13.451  1.00 61.85 ? 91  ARG A NE    1 
ATOM   639  C CZ    . ARG A 1 88  ? 9.881   13.904  13.595  1.00 66.94 ? 91  ARG A CZ    1 
ATOM   640  N NH1   . ARG A 1 88  ? 10.376  14.267  14.778  1.00 69.58 ? 91  ARG A NH1   1 
ATOM   641  N NH2   . ARG A 1 88  ? 10.694  13.838  12.542  1.00 67.78 ? 91  ARG A NH2   1 
ATOM   642  N N     . THR A 1 89  ? 4.039   13.830  10.267  1.00 39.69 ? 92  THR A N     1 
ATOM   643  C CA    . THR A 1 89  ? 3.297   14.745  9.408   1.00 38.25 ? 92  THR A CA    1 
ATOM   644  C C     . THR A 1 89  ? 2.879   14.025  8.146   1.00 36.04 ? 92  THR A C     1 
ATOM   645  O O     . THR A 1 89  ? 3.464   13.013  7.780   1.00 34.00 ? 92  THR A O     1 
ATOM   646  C CB    . THR A 1 89  ? 4.174   15.940  8.982   1.00 39.19 ? 92  THR A CB    1 
ATOM   647  O OG1   . THR A 1 89  ? 5.263   15.458  8.188   1.00 39.09 ? 92  THR A OG1   1 
ATOM   648  C CG2   . THR A 1 89  ? 4.729   16.705  10.211  1.00 37.54 ? 92  THR A CG2   1 
ATOM   649  N N     . PHE A 1 90  ? 1.874   14.570  7.478   1.00 35.47 ? 93  PHE A N     1 
ATOM   650  C CA    . PHE A 1 90  ? 1.452   14.074  6.189   1.00 35.31 ? 93  PHE A CA    1 
ATOM   651  C C     . PHE A 1 90  ? 2.667   13.903  5.259   1.00 35.85 ? 93  PHE A C     1 
ATOM   652  O O     . PHE A 1 90  ? 2.878   12.829  4.691   1.00 35.98 ? 93  PHE A O     1 
ATOM   653  C CB    . PHE A 1 90  ? 0.451   15.039  5.585   1.00 35.05 ? 93  PHE A CB    1 
ATOM   654  C CG    . PHE A 1 90  ? -0.025  14.646  4.223   1.00 35.04 ? 93  PHE A CG    1 
ATOM   655  C CD1   . PHE A 1 90  ? -0.836  13.536  4.054   1.00 35.76 ? 93  PHE A CD1   1 
ATOM   656  C CD2   . PHE A 1 90  ? 0.323   15.391  3.107   1.00 35.70 ? 93  PHE A CD2   1 
ATOM   657  C CE1   . PHE A 1 90  ? -1.287  13.171  2.799   1.00 34.17 ? 93  PHE A CE1   1 
ATOM   658  C CE2   . PHE A 1 90  ? -0.124  15.035  1.857   1.00 34.38 ? 93  PHE A CE2   1 
ATOM   659  C CZ    . PHE A 1 90  ? -0.940  13.922  1.701   1.00 34.08 ? 93  PHE A CZ    1 
ATOM   660  N N     . GLU A 1 91  ? 3.477   14.954  5.147   1.00 35.98 ? 94  GLU A N     1 
ATOM   661  C CA    . GLU A 1 91  ? 4.632   14.965  4.241   1.00 36.04 ? 94  GLU A CA    1 
ATOM   662  C C     . GLU A 1 91  ? 5.614   13.841  4.577   1.00 34.98 ? 94  GLU A C     1 
ATOM   663  O O     . GLU A 1 91  ? 6.068   13.125  3.694   1.00 34.35 ? 94  GLU A O     1 
ATOM   664  C CB    . GLU A 1 91  ? 5.331   16.340  4.255   1.00 36.21 ? 94  GLU A CB    1 
ATOM   665  C CG    . GLU A 1 91  ? 4.553   17.461  3.548   1.00 36.21 ? 94  GLU A CG    1 
ATOM   666  C CD    . GLU A 1 91  ? 3.305   17.945  4.312   1.00 42.00 ? 94  GLU A CD    1 
ATOM   667  O OE1   . GLU A 1 91  ? 3.262   17.800  5.551   1.00 41.25 ? 94  GLU A OE1   1 
ATOM   668  O OE2   . GLU A 1 91  ? 2.363   18.480  3.665   1.00 44.36 ? 94  GLU A OE2   1 
ATOM   669  N N     . GLU A 1 92  ? 5.900   13.649  5.857   1.00 34.95 ? 95  GLU A N     1 
ATOM   670  C CA    . GLU A 1 92  ? 6.761   12.541  6.284   1.00 34.73 ? 95  GLU A CA    1 
ATOM   671  C C     . GLU A 1 92  ? 6.184   11.165  5.936   1.00 34.40 ? 95  GLU A C     1 
ATOM   672  O O     . GLU A 1 92  ? 6.912   10.233  5.561   1.00 33.66 ? 95  GLU A O     1 
ATOM   673  C CB    . GLU A 1 92  ? 7.025   12.624  7.793   1.00 35.71 ? 95  GLU A CB    1 
ATOM   674  C CG    . GLU A 1 92  ? 8.013   13.738  8.189   1.00 38.86 ? 95  GLU A CG    1 
ATOM   675  C CD    . GLU A 1 92  ? 8.323   13.783  9.693   1.00 44.89 ? 95  GLU A CD    1 
ATOM   676  O OE1   . GLU A 1 92  ? 7.628   13.097  10.482  1.00 43.86 ? 95  GLU A OE1   1 
ATOM   677  O OE2   . GLU A 1 92  ? 9.268   14.516  10.082  1.00 47.69 ? 95  GLU A OE2   1 
ATOM   678  N N     . ILE A 1 93  ? 4.869   11.037  6.070   1.00 33.52 ? 96  ILE A N     1 
ATOM   679  C CA    . ILE A 1 93  ? 4.208   9.753   5.858   1.00 32.29 ? 96  ILE A CA    1 
ATOM   680  C C     . ILE A 1 93  ? 4.202   9.411   4.371   1.00 30.57 ? 96  ILE A C     1 
ATOM   681  O O     . ILE A 1 93  ? 4.472   8.268   3.991   1.00 28.40 ? 96  ILE A O     1 
ATOM   682  C CB    . ILE A 1 93  ? 2.765   9.769   6.409   1.00 31.50 ? 96  ILE A CB    1 
ATOM   683  C CG1   . ILE A 1 93  ? 2.800   9.862   7.937   1.00 35.34 ? 96  ILE A CG1   1 
ATOM   684  C CG2   . ILE A 1 93  ? 2.019   8.511   5.970   1.00 31.49 ? 96  ILE A CG2   1 
ATOM   685  C CD1   . ILE A 1 93  ? 1.500   10.284  8.566   1.00 29.25 ? 96  ILE A CD1   1 
ATOM   686  N N     . ILE A 1 94  ? 3.892   10.402  3.533   1.00 29.27 ? 97  ILE A N     1 
ATOM   687  C CA    . ILE A 1 94  ? 3.940   10.184  2.100   1.00 29.38 ? 97  ILE A CA    1 
ATOM   688  C C     . ILE A 1 94  ? 5.362   9.844   1.632   1.00 29.53 ? 97  ILE A C     1 
ATOM   689  O O     . ILE A 1 94  ? 5.539   8.943   0.823   1.00 30.04 ? 97  ILE A O     1 
ATOM   690  C CB    . ILE A 1 94  ? 3.395   11.377  1.324   1.00 30.76 ? 97  ILE A CB    1 
ATOM   691  C CG1   . ILE A 1 94  ? 1.914   11.589  1.655   1.00 30.95 ? 97  ILE A CG1   1 
ATOM   692  C CG2   . ILE A 1 94  ? 3.573   11.149  -0.185  1.00 29.04 ? 97  ILE A CG2   1 
ATOM   693  C CD1   . ILE A 1 94  ? 1.057   10.353  1.455   1.00 32.19 ? 97  ILE A CD1   1 
ATOM   694  N N     . ALA A 1 95  ? 6.367   10.525  2.181   1.00 29.67 ? 98  ALA A N     1 
ATOM   695  C CA    . ALA A 1 95  ? 7.757   10.216  1.861   1.00 30.32 ? 98  ALA A CA    1 
ATOM   696  C C     . ALA A 1 95  ? 8.070   8.776   2.215   1.00 30.44 ? 98  ALA A C     1 
ATOM   697  O O     . ALA A 1 95  ? 8.728   8.070   1.446   1.00 31.62 ? 98  ALA A O     1 
ATOM   698  C CB    . ALA A 1 95  ? 8.737   11.189  2.577   1.00 28.76 ? 98  ALA A CB    1 
ATOM   699  N N     . LYS A 1 96  ? 7.588   8.334   3.370   1.00 30.24 ? 99  LYS A N     1 
ATOM   700  C CA    . LYS A 1 96  ? 7.832   6.967   3.821   1.00 29.94 ? 99  LYS A CA    1 
ATOM   701  C C     . LYS A 1 96  ? 7.144   5.949   2.895   1.00 29.18 ? 99  LYS A C     1 
ATOM   702  O O     . LYS A 1 96  ? 7.707   4.904   2.595   1.00 29.22 ? 99  LYS A O     1 
ATOM   703  C CB    . LYS A 1 96  ? 7.357   6.801   5.264   1.00 31.00 ? 99  LYS A CB    1 
ATOM   704  C CG    . LYS A 1 96  ? 7.739   5.457   5.906   1.00 31.78 ? 99  LYS A CG    1 
ATOM   705  C CD    . LYS A 1 96  ? 7.380   5.417   7.392   1.00 32.94 ? 99  LYS A CD    1 
ATOM   706  C CE    . LYS A 1 96  ? 7.814   4.089   8.030   1.00 34.97 ? 99  LYS A CE    1 
ATOM   707  N NZ    . LYS A 1 96  ? 7.904   4.201   9.497   1.00 35.73 ? 99  LYS A NZ    1 
ATOM   708  N N     . TYR A 1 97  ? 5.933   6.274   2.449   1.00 28.29 ? 100 TYR A N     1 
ATOM   709  C CA    . TYR A 1 97  ? 5.177   5.448   1.496   1.00 28.03 ? 100 TYR A CA    1 
ATOM   710  C C     . TYR A 1 97  ? 5.933   5.388   0.167   1.00 26.97 ? 100 TYR A C     1 
ATOM   711  O O     . TYR A 1 97  ? 6.061   4.340   -0.441  1.00 26.58 ? 100 TYR A O     1 
ATOM   712  C CB    . TYR A 1 97  ? 3.776   6.064   1.274   1.00 28.24 ? 100 TYR A CB    1 
ATOM   713  C CG    . TYR A 1 97  ? 2.930   5.400   0.203   1.00 26.22 ? 100 TYR A CG    1 
ATOM   714  C CD1   . TYR A 1 97  ? 2.619   4.049   0.269   1.00 28.63 ? 100 TYR A CD1   1 
ATOM   715  C CD2   . TYR A 1 97  ? 2.415   6.131   -0.853  1.00 25.99 ? 100 TYR A CD2   1 
ATOM   716  C CE1   . TYR A 1 97  ? 1.832   3.441   -0.703  1.00 25.00 ? 100 TYR A CE1   1 
ATOM   717  C CE2   . TYR A 1 97  ? 1.632   5.541   -1.815  1.00 24.20 ? 100 TYR A CE2   1 
ATOM   718  C CZ    . TYR A 1 97  ? 1.351   4.190   -1.743  1.00 26.11 ? 100 TYR A CZ    1 
ATOM   719  O OH    . TYR A 1 97  ? 0.591   3.595   -2.726  1.00 26.51 ? 100 TYR A OH    1 
ATOM   720  N N     . VAL A 1 98  ? 6.426   6.536   -0.276  1.00 27.77 ? 101 VAL A N     1 
ATOM   721  C CA    . VAL A 1 98  ? 7.182   6.621   -1.524  1.00 26.08 ? 101 VAL A CA    1 
ATOM   722  C C     . VAL A 1 98  ? 8.408   5.714   -1.496  1.00 25.43 ? 101 VAL A C     1 
ATOM   723  O O     . VAL A 1 98  ? 8.680   4.984   -2.459  1.00 25.93 ? 101 VAL A O     1 
ATOM   724  C CB    . VAL A 1 98  ? 7.540   8.082   -1.824  1.00 27.70 ? 101 VAL A CB    1 
ATOM   725  C CG1   . VAL A 1 98  ? 8.631   8.204   -2.955  1.00 26.28 ? 101 VAL A CG1   1 
ATOM   726  C CG2   . VAL A 1 98  ? 6.269   8.841   -2.180  1.00 22.43 ? 101 VAL A CG2   1 
ATOM   727  N N     . GLU A 1 99  ? 9.117   5.694   -0.373  1.00 25.62 ? 102 GLU A N     1 
ATOM   728  C CA    . GLU A 1 99  ? 10.272  4.823   -0.256  1.00 25.92 ? 102 GLU A CA    1 
ATOM   729  C C     . GLU A 1 99  ? 9.894   3.361   -0.184  1.00 26.97 ? 102 GLU A C     1 
ATOM   730  O O     . GLU A 1 99  ? 10.609  2.501   -0.724  1.00 26.93 ? 102 GLU A O     1 
ATOM   731  C CB    . GLU A 1 99  ? 11.134  5.206   0.955   1.00 26.66 ? 102 GLU A CB    1 
ATOM   732  C CG    . GLU A 1 99  ? 11.749  6.594   0.871   1.00 28.64 ? 102 GLU A CG    1 
ATOM   733  C CD    . GLU A 1 99  ? 12.462  6.882   -0.459  1.00 30.15 ? 102 GLU A CD    1 
ATOM   734  O OE1   . GLU A 1 99  ? 13.192  5.993   -0.958  1.00 29.54 ? 102 GLU A OE1   1 
ATOM   735  O OE2   . GLU A 1 99  ? 12.280  8.004   -0.997  1.00 33.43 ? 102 GLU A OE2   1 
ATOM   736  N N     . MET A 1 100 ? 8.763   3.054   0.453   1.00 27.12 ? 103 MET A N     1 
ATOM   737  C CA    . MET A 1 100 ? 8.328   1.657   0.513   1.00 25.95 ? 103 MET A CA    1 
ATOM   738  C C     . MET A 1 100 ? 7.878   1.196   -0.866  1.00 24.77 ? 103 MET A C     1 
ATOM   739  O O     . MET A 1 100 ? 8.126   0.056   -1.279  1.00 23.76 ? 103 MET A O     1 
ATOM   740  C CB    . MET A 1 100 ? 7.226   1.484   1.563   1.00 28.38 ? 103 MET A CB    1 
ATOM   741  C CG    . MET A 1 100 ? 6.850   0.039   1.833   1.00 29.74 ? 103 MET A CG    1 
ATOM   742  S SD    . MET A 1 100 ? 8.179   -1.005  2.475   1.00 38.14 ? 103 MET A SD    1 
ATOM   743  C CE    . MET A 1 100 ? 8.171   -0.506  4.182   1.00 29.40 ? 103 MET A CE    1 
ATOM   744  N N     . ASN A 1 101 ? 7.258   2.084   -1.629  1.00 24.11 ? 104 ASN A N     1 
ATOM   745  C CA    . ASN A 1 101 ? 6.974   1.740   -3.024  1.00 23.81 ? 104 ASN A CA    1 
ATOM   746  C C     . ASN A 1 101 ? 8.258   1.501   -3.845  1.00 24.32 ? 104 ASN A C     1 
ATOM   747  O O     . ASN A 1 101 ? 8.332   0.566   -4.637  1.00 24.54 ? 104 ASN A O     1 
ATOM   748  C CB    . ASN A 1 101 ? 6.133   2.829   -3.663  1.00 24.51 ? 104 ASN A CB    1 
ATOM   749  C CG    . ASN A 1 101 ? 5.797   2.515   -5.091  1.00 26.43 ? 104 ASN A CG    1 
ATOM   750  O OD1   . ASN A 1 101 ? 5.162   1.495   -5.372  1.00 26.32 ? 104 ASN A OD1   1 
ATOM   751  N ND2   . ASN A 1 101 ? 6.242   3.368   -6.013  1.00 24.47 ? 104 ASN A ND2   1 
ATOM   752  N N     . ILE A 1 102 ? 9.285   2.323   -3.633  1.00 26.17 ? 105 ILE A N     1 
ATOM   753  C CA    . ILE A 1 102 ? 10.560  2.123   -4.329  1.00 26.40 ? 105 ILE A CA    1 
ATOM   754  C C     . ILE A 1 102 ? 11.169  0.772   -3.943  1.00 27.38 ? 105 ILE A C     1 
ATOM   755  O O     . ILE A 1 102 ? 11.739  0.085   -4.781  1.00 27.45 ? 105 ILE A O     1 
ATOM   756  C CB    . ILE A 1 102 ? 11.539  3.306   -4.053  1.00 27.64 ? 105 ILE A CB    1 
ATOM   757  C CG1   . ILE A 1 102 ? 11.091  4.543   -4.834  1.00 29.21 ? 105 ILE A CG1   1 
ATOM   758  C CG2   . ILE A 1 102 ? 12.995  2.945   -4.407  1.00 22.70 ? 105 ILE A CG2   1 
ATOM   759  C CD1   . ILE A 1 102 ? 11.686  5.853   -4.287  1.00 27.38 ? 105 ILE A CD1   1 
ATOM   760  N N     . ALA A 1 103 ? 11.026  0.382   -2.676  1.00 27.40 ? 106 ALA A N     1 
ATOM   761  C CA    . ALA A 1 103 ? 11.500  -0.931  -2.222  1.00 27.33 ? 106 ALA A CA    1 
ATOM   762  C C     . ALA A 1 103 ? 10.732  -2.022  -2.934  1.00 27.63 ? 106 ALA A C     1 
ATOM   763  O O     . ALA A 1 103 ? 11.332  -2.961  -3.456  1.00 28.37 ? 106 ALA A O     1 
ATOM   764  C CB    . ALA A 1 103 ? 11.324  -1.066  -0.719  1.00 26.93 ? 106 ALA A CB    1 
ATOM   765  N N     . HIS A 1 104 ? 9.404   -1.882  -2.989  1.00 28.11 ? 107 HIS A N     1 
ATOM   766  C CA    . HIS A 1 104 ? 8.551   -2.835  -3.717  1.00 27.91 ? 107 HIS A CA    1 
ATOM   767  C C     . HIS A 1 104 ? 8.911   -4.271  -3.322  1.00 27.66 ? 107 HIS A C     1 
ATOM   768  O O     . HIS A 1 104 ? 9.337   -5.076  -4.156  1.00 27.88 ? 107 HIS A O     1 
ATOM   769  C CB    . HIS A 1 104 ? 8.758   -2.636  -5.225  1.00 28.67 ? 107 HIS A CB    1 
ATOM   770  C CG    . HIS A 1 104 ? 7.502   -2.377  -5.989  1.00 29.65 ? 107 HIS A CG    1 
ATOM   771  N ND1   . HIS A 1 104 ? 6.752   -1.231  -5.809  1.00 30.75 ? 107 HIS A ND1   1 
ATOM   772  C CD2   . HIS A 1 104 ? 6.904   -3.072  -6.987  1.00 28.37 ? 107 HIS A CD2   1 
ATOM   773  C CE1   . HIS A 1 104 ? 5.730   -1.248  -6.647  1.00 27.66 ? 107 HIS A CE1   1 
ATOM   774  N NE2   . HIS A 1 104 ? 5.797   -2.357  -7.370  1.00 29.09 ? 107 HIS A NE2   1 
ATOM   775  N N     . PRO A 1 105 ? 8.775   -4.602  -2.030  1.00 29.00 ? 108 PRO A N     1 
ATOM   776  C CA    . PRO A 1 105 ? 9.413   -5.814  -1.488  1.00 29.41 ? 108 PRO A CA    1 
ATOM   777  C C     . PRO A 1 105 ? 8.920   -7.187  -1.970  1.00 31.24 ? 108 PRO A C     1 
ATOM   778  O O     . PRO A 1 105 ? 9.605   -8.182  -1.736  1.00 33.18 ? 108 PRO A O     1 
ATOM   779  C CB    . PRO A 1 105 ? 9.194   -5.677  0.023   1.00 31.25 ? 108 PRO A CB    1 
ATOM   780  C CG    . PRO A 1 105 ? 8.071   -4.748  0.178   1.00 31.60 ? 108 PRO A CG    1 
ATOM   781  C CD    . PRO A 1 105 ? 8.055   -3.835  -1.006  1.00 27.02 ? 108 PRO A CD    1 
ATOM   782  N N     . PHE A 1 106 ? 7.775   -7.266  -2.634  1.00 31.97 ? 109 PHE A N     1 
ATOM   783  C CA    . PHE A 1 106 ? 7.223   -8.554  -3.066  1.00 32.48 ? 109 PHE A CA    1 
ATOM   784  C C     . PHE A 1 106 ? 7.283   -8.643  -4.575  1.00 33.82 ? 109 PHE A C     1 
ATOM   785  O O     . PHE A 1 106 ? 7.321   -7.619  -5.245  1.00 34.75 ? 109 PHE A O     1 
ATOM   786  C CB    . PHE A 1 106 ? 5.751   -8.693  -2.603  1.00 31.97 ? 109 PHE A CB    1 
ATOM   787  C CG    . PHE A 1 106 ? 5.540   -8.321  -1.168  1.00 29.23 ? 109 PHE A CG    1 
ATOM   788  C CD1   . PHE A 1 106 ? 6.005   -9.142  -0.153  1.00 27.96 ? 109 PHE A CD1   1 
ATOM   789  C CD2   . PHE A 1 106 ? 4.911   -7.146  -0.833  1.00 27.72 ? 109 PHE A CD2   1 
ATOM   790  C CE1   . PHE A 1 106 ? 5.847   -8.791  1.169   1.00 25.57 ? 109 PHE A CE1   1 
ATOM   791  C CE2   . PHE A 1 106 ? 4.739   -6.785  0.475   1.00 26.76 ? 109 PHE A CE2   1 
ATOM   792  C CZ    . PHE A 1 106 ? 5.224   -7.602  1.490   1.00 28.61 ? 109 PHE A CZ    1 
ATOM   793  N N     . LEU A 1 107 ? 7.257   -9.859  -5.109  1.00 35.40 ? 110 LEU A N     1 
ATOM   794  C CA    . LEU A 1 107 ? 7.199   -10.058 -6.560  1.00 36.95 ? 110 LEU A CA    1 
ATOM   795  C C     . LEU A 1 107 ? 5.943   -9.473  -7.161  1.00 36.66 ? 110 LEU A C     1 
ATOM   796  O O     . LEU A 1 107 ? 5.969   -8.989  -8.288  1.00 38.34 ? 110 LEU A O     1 
ATOM   797  C CB    . LEU A 1 107 ? 7.267   -11.551 -6.929  1.00 37.26 ? 110 LEU A CB    1 
ATOM   798  C CG    . LEU A 1 107 ? 8.650   -12.214 -6.841  1.00 41.59 ? 110 LEU A CG    1 
ATOM   799  C CD1   . LEU A 1 107 ? 8.549   -13.709 -7.234  1.00 39.77 ? 110 LEU A CD1   1 
ATOM   800  C CD2   . LEU A 1 107 ? 9.698   -11.462 -7.711  1.00 36.29 ? 110 LEU A CD2   1 
ATOM   801  N N     . GLU A 1 108 ? 4.838   -9.561  -6.423  1.00 36.80 ? 111 GLU A N     1 
ATOM   802  C CA    . GLU A 1 108 ? 3.543   -9.050  -6.874  1.00 36.31 ? 111 GLU A CA    1 
ATOM   803  C C     . GLU A 1 108 ? 2.706   -8.618  -5.685  1.00 33.50 ? 111 GLU A C     1 
ATOM   804  O O     . GLU A 1 108 ? 2.970   -9.028  -4.548  1.00 32.55 ? 111 GLU A O     1 
ATOM   805  C CB    . GLU A 1 108 ? 2.756   -10.123 -7.627  1.00 38.19 ? 111 GLU A CB    1 
ATOM   806  C CG    . GLU A 1 108 ? 3.414   -10.673 -8.897  1.00 45.65 ? 111 GLU A CG    1 
ATOM   807  C CD    . GLU A 1 108 ? 2.411   -11.416 -9.793  1.00 53.57 ? 111 GLU A CD    1 
ATOM   808  O OE1   . GLU A 1 108 ? 1.523   -10.737 -10.359 1.00 60.24 ? 111 GLU A OE1   1 
ATOM   809  O OE2   . GLU A 1 108 ? 2.505   -12.665 -9.921  1.00 55.11 ? 111 GLU A OE2   1 
ATOM   810  N N     . GLY A 1 109 ? 1.684   -7.814  -5.968  1.00 30.26 ? 112 GLY A N     1 
ATOM   811  C CA    . GLY A 1 109 ? 0.721   -7.356  -4.969  1.00 29.70 ? 112 GLY A CA    1 
ATOM   812  C C     . GLY A 1 109 ? 1.238   -6.278  -4.050  1.00 29.46 ? 112 GLY A C     1 
ATOM   813  O O     . GLY A 1 109 ? 0.738   -6.122  -2.920  1.00 29.74 ? 112 GLY A O     1 
ATOM   814  N N     . ASN A 1 110 ? 2.240   -5.522  -4.516  1.00 27.94 ? 113 ASN A N     1 
ATOM   815  C CA    . ASN A 1 110 ? 2.821   -4.446  -3.716  1.00 26.88 ? 113 ASN A CA    1 
ATOM   816  C C     . ASN A 1 110 ? 1.865   -3.289  -3.559  1.00 25.96 ? 113 ASN A C     1 
ATOM   817  O O     . ASN A 1 110 ? 1.827   -2.661  -2.523  1.00 27.76 ? 113 ASN A O     1 
ATOM   818  C CB    . ASN A 1 110 ? 4.137   -3.921  -4.330  1.00 26.93 ? 113 ASN A CB    1 
ATOM   819  C CG    . ASN A 1 110 ? 5.262   -4.920  -4.247  1.00 27.57 ? 113 ASN A CG    1 
ATOM   820  O OD1   . ASN A 1 110 ? 5.931   -5.012  -3.227  1.00 30.41 ? 113 ASN A OD1   1 
ATOM   821  N ND2   . ASN A 1 110 ? 5.475   -5.685  -5.321  1.00 27.98 ? 113 ASN A ND2   1 
ATOM   822  N N     . GLY A 1 111 ? 1.124   -2.991  -4.610  1.00 25.64 ? 114 GLY A N     1 
ATOM   823  C CA    . GLY A 1 111 ? 0.223   -1.855  -4.622  1.00 26.45 ? 114 GLY A CA    1 
ATOM   824  C C     . GLY A 1 111 ? -0.919  -1.938  -3.624  1.00 26.73 ? 114 GLY A C     1 
ATOM   825  O O     . GLY A 1 111 ? -1.139  -0.999  -2.856  1.00 28.31 ? 114 GLY A O     1 
ATOM   826  N N     . ARG A 1 112 ? -1.654  -3.046  -3.649  1.00 26.31 ? 115 ARG A N     1 
ATOM   827  C CA    . ARG A 1 112 ? -2.810  -3.239  -2.776  1.00 26.42 ? 115 ARG A CA    1 
ATOM   828  C C     . ARG A 1 112 ? -2.361  -3.387  -1.315  1.00 25.83 ? 115 ARG A C     1 
ATOM   829  O O     . ARG A 1 112 ? -2.954  -2.800  -0.420  1.00 27.37 ? 115 ARG A O     1 
ATOM   830  C CB    . ARG A 1 112 ? -3.571  -4.491  -3.181  1.00 27.39 ? 115 ARG A CB    1 
ATOM   831  C CG    . ARG A 1 112 ? -4.302  -4.404  -4.522  1.00 29.43 ? 115 ARG A CG    1 
ATOM   832  C CD    . ARG A 1 112 ? -4.183  -5.719  -5.245  1.00 34.64 ? 115 ARG A CD    1 
ATOM   833  N NE    . ARG A 1 112 ? -4.969  -5.731  -6.467  1.00 45.77 ? 115 ARG A NE    1 
ATOM   834  C CZ    . ARG A 1 112 ? -5.092  -6.776  -7.288  1.00 46.72 ? 115 ARG A CZ    1 
ATOM   835  N NH1   . ARG A 1 112 ? -4.457  -7.908  -7.025  1.00 44.87 ? 115 ARG A NH1   1 
ATOM   836  N NH2   . ARG A 1 112 ? -5.858  -6.671  -8.378  1.00 46.14 ? 115 ARG A NH2   1 
ATOM   837  N N     . SER A 1 113 ? -1.303  -4.137  -1.070  1.00 25.55 ? 116 SER A N     1 
ATOM   838  C CA    . SER A 1 113 ? -0.845  -4.320  0.317   1.00 27.25 ? 116 SER A CA    1 
ATOM   839  C C     . SER A 1 113 ? -0.286  -3.042  0.924   1.00 27.41 ? 116 SER A C     1 
ATOM   840  O O     . SER A 1 113 ? -0.634  -2.679  2.052   1.00 27.27 ? 116 SER A O     1 
ATOM   841  C CB    . SER A 1 113 ? 0.169   -5.450  0.389   1.00 27.75 ? 116 SER A CB    1 
ATOM   842  O OG    . SER A 1 113 ? 1.263   -5.204  -0.456  1.00 34.35 ? 116 SER A OG    1 
ATOM   843  N N     . THR A 1 114 ? 0.522   -2.299  0.155   1.00 28.27 ? 117 THR A N     1 
ATOM   844  C CA    . THR A 1 114 ? 1.175   -1.105  0.699   1.00 26.21 ? 117 THR A CA    1 
ATOM   845  C C     . THR A 1 114 ? 0.213   0.059   0.860   1.00 25.93 ? 117 THR A C     1 
ATOM   846  O O     . THR A 1 114 ? 0.435   0.920   1.709   1.00 25.10 ? 117 THR A O     1 
ATOM   847  C CB    . THR A 1 114 ? 2.415   -0.677  -0.138  1.00 26.66 ? 117 THR A CB    1 
ATOM   848  O OG1   . THR A 1 114 ? 3.194   -1.835  -0.468  1.00 26.97 ? 117 THR A OG1   1 
ATOM   849  C CG2   . THR A 1 114 ? 3.288   0.296   0.646   1.00 23.84 ? 117 THR A CG2   1 
ATOM   850  N N     . ARG A 1 115 ? -0.857  0.108   0.065   1.00 26.80 ? 118 ARG A N     1 
ATOM   851  C CA    . ARG A 1 115 ? -1.900  1.144   0.281   1.00 27.35 ? 118 ARG A CA    1 
ATOM   852  C C     . ARG A 1 115 ? -2.652  0.953   1.625   1.00 28.14 ? 118 ARG A C     1 
ATOM   853  O O     . ARG A 1 115 ? -2.948  1.932   2.331   1.00 28.46 ? 118 ARG A O     1 
ATOM   854  C CB    . ARG A 1 115 ? -2.895  1.200   -0.875  1.00 27.20 ? 118 ARG A CB    1 
ATOM   855  C CG    . ARG A 1 115 ? -2.395  2.002   -2.061  1.00 29.22 ? 118 ARG A CG    1 
ATOM   856  C CD    . ARG A 1 115 ? -3.446  2.151   -3.152  1.00 27.05 ? 118 ARG A CD    1 
ATOM   857  N NE    . ARG A 1 115 ? -3.774  0.886   -3.823  1.00 25.29 ? 118 ARG A NE    1 
ATOM   858  C CZ    . ARG A 1 115 ? -3.039  0.330   -4.778  1.00 24.21 ? 118 ARG A CZ    1 
ATOM   859  N NH1   . ARG A 1 115 ? -1.896  0.902   -5.167  1.00 25.68 ? 118 ARG A NH1   1 
ATOM   860  N NH2   . ARG A 1 115 ? -3.418  -0.817  -5.321  1.00 25.18 ? 118 ARG A NH2   1 
ATOM   861  N N     . ILE A 1 116 ? -2.931  -0.298  1.982   1.00 28.10 ? 119 ILE A N     1 
ATOM   862  C CA    . ILE A 1 116 ? -3.528  -0.610  3.293   1.00 28.42 ? 119 ILE A CA    1 
ATOM   863  C C     . ILE A 1 116 ? -2.549  -0.190  4.387   1.00 28.36 ? 119 ILE A C     1 
ATOM   864  O O     . ILE A 1 116 ? -2.935  0.416   5.385   1.00 28.16 ? 119 ILE A O     1 
ATOM   865  C CB    . ILE A 1 116 ? -3.861  -2.123  3.432   1.00 28.04 ? 119 ILE A CB    1 
ATOM   866  C CG1   . ILE A 1 116 ? -5.127  -2.442  2.647   1.00 28.45 ? 119 ILE A CG1   1 
ATOM   867  C CG2   . ILE A 1 116 ? -4.037  -2.524  4.909   1.00 25.36 ? 119 ILE A CG2   1 
ATOM   868  C CD1   . ILE A 1 116 ? -5.279  -3.920  2.245   1.00 29.04 ? 119 ILE A CD1   1 
ATOM   869  N N     . TRP A 1 117 ? -1.274  -0.508  4.166   1.00 28.83 ? 120 TRP A N     1 
ATOM   870  C CA    . TRP A 1 117 ? -0.174  -0.116  5.063   1.00 28.70 ? 120 TRP A CA    1 
ATOM   871  C C     . TRP A 1 117 ? -0.122  1.409   5.223   1.00 28.68 ? 120 TRP A C     1 
ATOM   872  O O     . TRP A 1 117 ? 0.045   1.908   6.334   1.00 30.06 ? 120 TRP A O     1 
ATOM   873  C CB    . TRP A 1 117 ? 1.121   -0.666  4.485   1.00 29.32 ? 120 TRP A CB    1 
ATOM   874  C CG    . TRP A 1 117 ? 2.355   -0.453  5.265   1.00 31.34 ? 120 TRP A CG    1 
ATOM   875  C CD1   . TRP A 1 117 ? 2.877   -1.288  6.191   1.00 30.93 ? 120 TRP A CD1   1 
ATOM   876  C CD2   . TRP A 1 117 ? 3.278   0.625   5.128   1.00 33.02 ? 120 TRP A CD2   1 
ATOM   877  N NE1   . TRP A 1 117 ? 4.045   -0.785  6.680   1.00 33.32 ? 120 TRP A NE1   1 
ATOM   878  C CE2   . TRP A 1 117 ? 4.323   0.391   6.042   1.00 34.01 ? 120 TRP A CE2   1 
ATOM   879  C CE3   . TRP A 1 117 ? 3.326   1.768   4.322   1.00 35.48 ? 120 TRP A CE3   1 
ATOM   880  C CZ2   . TRP A 1 117 ? 5.418   1.260   6.179   1.00 37.37 ? 120 TRP A CZ2   1 
ATOM   881  C CZ3   . TRP A 1 117 ? 4.409   2.643   4.465   1.00 37.30 ? 120 TRP A CZ3   1 
ATOM   882  C CH2   . TRP A 1 117 ? 5.441   2.377   5.391   1.00 37.58 ? 120 TRP A CH2   1 
ATOM   883  N N     . LEU A 1 118 ? -0.326  2.142   4.126   1.00 27.14 ? 121 LEU A N     1 
ATOM   884  C CA    . LEU A 1 118 ? -0.354  3.606   4.153   1.00 27.28 ? 121 LEU A CA    1 
ATOM   885  C C     . LEU A 1 118 ? -1.502  4.127   5.008   1.00 27.56 ? 121 LEU A C     1 
ATOM   886  O O     . LEU A 1 118 ? -1.318  5.004   5.848   1.00 30.61 ? 121 LEU A O     1 
ATOM   887  C CB    . LEU A 1 118 ? -0.480  4.168   2.720   1.00 25.51 ? 121 LEU A CB    1 
ATOM   888  C CG    . LEU A 1 118 ? -0.753  5.663   2.576   1.00 27.60 ? 121 LEU A CG    1 
ATOM   889  C CD1   . LEU A 1 118 ? 0.369   6.482   3.226   1.00 24.30 ? 121 LEU A CD1   1 
ATOM   890  C CD2   . LEU A 1 118 ? -1.005  6.087   1.085   1.00 23.82 ? 121 LEU A CD2   1 
ATOM   891  N N     . ASP A 1 119 ? -2.699  3.605   4.772   1.00 28.62 ? 122 ASP A N     1 
ATOM   892  C CA    . ASP A 1 119 ? -3.879  3.984   5.560   1.00 28.39 ? 122 ASP A CA    1 
ATOM   893  C C     . ASP A 1 119 ? -3.649  3.748   7.063   1.00 28.94 ? 122 ASP A C     1 
ATOM   894  O O     . ASP A 1 119 ? -3.939  4.615   7.872   1.00 28.96 ? 122 ASP A O     1 
ATOM   895  C CB    . ASP A 1 119 ? -5.098  3.237   5.060   1.00 27.91 ? 122 ASP A CB    1 
ATOM   896  C CG    . ASP A 1 119 ? -5.725  3.894   3.830   1.00 30.18 ? 122 ASP A CG    1 
ATOM   897  O OD1   . ASP A 1 119 ? -5.496  5.103   3.606   1.00 27.91 ? 122 ASP A OD1   1 
ATOM   898  O OD2   . ASP A 1 119 ? -6.450  3.196   3.094   1.00 33.17 ? 122 ASP A OD2   1 
ATOM   899  N N     . LEU A 1 120 ? -3.057  2.624   7.432   1.00 29.01 ? 123 LEU A N     1 
ATOM   900  C CA    . LEU A 1 120 ? -2.805  2.385   8.854   1.00 30.57 ? 123 LEU A CA    1 
ATOM   901  C C     . LEU A 1 120 ? -1.913  3.470   9.433   1.00 31.70 ? 123 LEU A C     1 
ATOM   902  O O     . LEU A 1 120 ? -2.217  4.030   10.477  1.00 33.14 ? 123 LEU A O     1 
ATOM   903  C CB    . LEU A 1 120 ? -2.209  0.989   9.093   1.00 31.17 ? 123 LEU A CB    1 
ATOM   904  C CG    . LEU A 1 120 ? -3.181  -0.181  8.949   1.00 32.05 ? 123 LEU A CG    1 
ATOM   905  C CD1   . LEU A 1 120 ? -2.487  -1.525  9.141   1.00 27.99 ? 123 LEU A CD1   1 
ATOM   906  C CD2   . LEU A 1 120 ? -4.372  -0.010  9.929   1.00 33.36 ? 123 LEU A CD2   1 
ATOM   907  N N     . VAL A 1 121 ? -0.833  3.807   8.729   1.00 32.77 ? 124 VAL A N     1 
ATOM   908  C CA    . VAL A 1 121 ? 0.087   4.847   9.200   1.00 30.83 ? 124 VAL A CA    1 
ATOM   909  C C     . VAL A 1 121 ? -0.594  6.200   9.319   1.00 30.84 ? 124 VAL A C     1 
ATOM   910  O O     . VAL A 1 121 ? -0.392  6.903   10.304  1.00 30.48 ? 124 VAL A O     1 
ATOM   911  C CB    . VAL A 1 121 ? 1.326   4.960   8.284   1.00 31.90 ? 124 VAL A CB    1 
ATOM   912  C CG1   . VAL A 1 121 ? 2.172   6.175   8.666   1.00 31.81 ? 124 VAL A CG1   1 
ATOM   913  C CG2   . VAL A 1 121 ? 2.133   3.671   8.345   1.00 27.84 ? 124 VAL A CG2   1 
ATOM   914  N N     . LEU A 1 122 ? -1.402  6.569   8.321   1.00 31.83 ? 125 LEU A N     1 
ATOM   915  C CA    . LEU A 1 122 ? -2.173  7.818   8.366   1.00 32.31 ? 125 LEU A CA    1 
ATOM   916  C C     . LEU A 1 122 ? -3.230  7.823   9.501   1.00 34.07 ? 125 LEU A C     1 
ATOM   917  O O     . LEU A 1 122 ? -3.466  8.850   10.148  1.00 33.59 ? 125 LEU A O     1 
ATOM   918  C CB    . LEU A 1 122 ? -2.892  8.058   7.021   1.00 32.81 ? 125 LEU A CB    1 
ATOM   919  C CG    . LEU A 1 122 ? -2.086  8.410   5.767   1.00 32.15 ? 125 LEU A CG    1 
ATOM   920  C CD1   . LEU A 1 122 ? -2.930  8.217   4.488   1.00 26.94 ? 125 LEU A CD1   1 
ATOM   921  C CD2   . LEU A 1 122 ? -1.560  9.856   5.845   1.00 26.90 ? 125 LEU A CD2   1 
ATOM   922  N N     . LYS A 1 123 ? -3.879  6.680   9.716   1.00 34.52 ? 126 LYS A N     1 
ATOM   923  C CA    . LYS A 1 123 ? -4.898  6.553   10.753  1.00 35.92 ? 126 LYS A CA    1 
ATOM   924  C C     . LYS A 1 123 ? -4.226  6.719   12.132  1.00 36.23 ? 126 LYS A C     1 
ATOM   925  O O     . LYS A 1 123 ? -4.641  7.540   12.934  1.00 35.61 ? 126 LYS A O     1 
ATOM   926  C CB    . LYS A 1 123 ? -5.641  5.202   10.627  1.00 36.40 ? 126 LYS A CB    1 
ATOM   927  C CG    . LYS A 1 123 ? -6.964  5.078   11.464  1.00 37.87 ? 126 LYS A CG    1 
ATOM   928  C CD    . LYS A 1 123 ? -7.567  3.647   11.457  1.00 39.72 ? 126 LYS A CD    1 
ATOM   929  C CE    . LYS A 1 123 ? -8.626  3.462   12.633  1.00 50.62 ? 126 LYS A CE    1 
ATOM   930  N NZ    . LYS A 1 123 ? -9.530  2.198   12.677  1.00 43.95 ? 126 LYS A NZ    1 
ATOM   931  N N     . LYS A 1 124 ? -3.158  5.979   12.376  1.00 36.79 ? 127 LYS A N     1 
ATOM   932  C CA    . LYS A 1 124 ? -2.455  6.065   13.650  1.00 38.25 ? 127 LYS A CA    1 
ATOM   933  C C     . LYS A 1 124 ? -2.014  7.478   13.993  1.00 39.34 ? 127 LYS A C     1 
ATOM   934  O O     . LYS A 1 124 ? -2.192  7.923   15.123  1.00 40.97 ? 127 LYS A O     1 
ATOM   935  C CB    . LYS A 1 124 ? -1.228  5.151   13.645  1.00 38.42 ? 127 LYS A CB    1 
ATOM   936  C CG    . LYS A 1 124 ? -0.317  5.274   14.880  1.00 41.00 ? 127 LYS A CG    1 
ATOM   937  C CD    . LYS A 1 124 ? 0.819   4.265   14.811  1.00 44.69 ? 127 LYS A CD    1 
ATOM   938  C CE    . LYS A 1 124 ? 1.684   4.242   16.085  1.00 46.47 ? 127 LYS A CE    1 
ATOM   939  N NZ    . LYS A 1 124 ? 2.764   3.193   15.988  1.00 45.00 ? 127 LYS A NZ    1 
ATOM   940  N N     . ASN A 1 125 ? -1.456  8.183   13.012  1.00 39.16 ? 128 ASN A N     1 
ATOM   941  C CA    . ASN A 1 125 ? -0.699  9.413   13.258  1.00 38.18 ? 128 ASN A CA    1 
ATOM   942  C C     . ASN A 1 125 ? -1.476  10.694  13.029  1.00 37.83 ? 128 ASN A C     1 
ATOM   943  O O     . ASN A 1 125 ? -1.217  11.699  13.690  1.00 37.89 ? 128 ASN A O     1 
ATOM   944  C CB    . ASN A 1 125 ? 0.558   9.414   12.375  1.00 37.96 ? 128 ASN A CB    1 
ATOM   945  C CG    . ASN A 1 125 ? 1.568   8.388   12.809  1.00 36.01 ? 128 ASN A CG    1 
ATOM   946  O OD1   . ASN A 1 125 ? 2.304   8.617   13.760  1.00 35.18 ? 128 ASN A OD1   1 
ATOM   947  N ND2   . ASN A 1 125 ? 1.616   7.242   12.114  1.00 32.49 ? 128 ASN A ND2   1 
ATOM   948  N N     . LEU A 1 126 ? -2.408  10.664  12.081  1.00 37.87 ? 129 LEU A N     1 
ATOM   949  C CA    . LEU A 1 126 ? -3.224  11.831  11.736  1.00 38.38 ? 129 LEU A CA    1 
ATOM   950  C C     . LEU A 1 126 ? -4.731  11.607  11.921  1.00 38.28 ? 129 LEU A C     1 
ATOM   951  O O     . LEU A 1 126 ? -5.524  12.511  11.661  1.00 37.14 ? 129 LEU A O     1 
ATOM   952  C CB    . LEU A 1 126 ? -2.989  12.215  10.271  1.00 38.62 ? 129 LEU A CB    1 
ATOM   953  C CG    . LEU A 1 126 ? -1.548  12.411  9.791   1.00 41.20 ? 129 LEU A CG    1 
ATOM   954  C CD1   . LEU A 1 126 ? -1.566  12.790  8.311   1.00 38.97 ? 129 LEU A CD1   1 
ATOM   955  C CD2   . LEU A 1 126 ? -0.837  13.469  10.618  1.00 38.83 ? 129 LEU A CD2   1 
ATOM   956  N N     . LYS A 1 127 ? -5.128  10.407  12.341  1.00 38.98 ? 130 LYS A N     1 
ATOM   957  C CA    . LYS A 1 127 ? -6.550  10.048  12.432  1.00 39.64 ? 130 LYS A CA    1 
ATOM   958  C C     . LYS A 1 127 ? -7.274  10.318  11.112  1.00 36.42 ? 130 LYS A C     1 
ATOM   959  O O     . LYS A 1 127 ? -8.392  10.812  11.102  1.00 35.19 ? 130 LYS A O     1 
ATOM   960  C CB    . LYS A 1 127 ? -7.245  10.791  13.593  1.00 41.77 ? 130 LYS A CB    1 
ATOM   961  C CG    . LYS A 1 127 ? -6.678  10.509  15.009  1.00 48.35 ? 130 LYS A CG    1 
ATOM   962  C CD    . LYS A 1 127 ? -5.518  11.442  15.390  1.00 60.22 ? 130 LYS A CD    1 
ATOM   963  C CE    . LYS A 1 127 ? -5.923  12.938  15.553  1.00 64.91 ? 130 LYS A CE    1 
ATOM   964  N NZ    . LYS A 1 127 ? -4.720  13.837  15.741  1.00 66.04 ? 130 LYS A NZ    1 
ATOM   965  N N     . LYS A 1 128 ? -6.618  10.004  9.999   1.00 34.66 ? 131 LYS A N     1 
ATOM   966  C CA    . LYS A 1 128 ? -7.255  10.053  8.694   1.00 33.52 ? 131 LYS A CA    1 
ATOM   967  C C     . LYS A 1 128 ? -6.862  8.850   7.879   1.00 32.26 ? 131 LYS A C     1 
ATOM   968  O O     . LYS A 1 128 ? -5.949  8.111   8.237   1.00 33.12 ? 131 LYS A O     1 
ATOM   969  C CB    . LYS A 1 128 ? -6.859  11.314  7.946   1.00 35.21 ? 131 LYS A CB    1 
ATOM   970  C CG    . LYS A 1 128 ? -6.936  12.576  8.773   1.00 37.79 ? 131 LYS A CG    1 
ATOM   971  C CD    . LYS A 1 128 ? -7.182  13.805  7.947   1.00 42.84 ? 131 LYS A CD    1 
ATOM   972  C CE    . LYS A 1 128 ? -6.934  15.062  8.775   1.00 45.37 ? 131 LYS A CE    1 
ATOM   973  N NZ    . LYS A 1 128 ? -7.744  16.179  8.263   1.00 44.54 ? 131 LYS A NZ    1 
ATOM   974  N N     . VAL A 1 129 ? -7.572  8.644   6.785   1.00 31.01 ? 132 VAL A N     1 
ATOM   975  C CA    . VAL A 1 129 ? -7.189  7.657   5.799   1.00 30.17 ? 132 VAL A CA    1 
ATOM   976  C C     . VAL A 1 129 ? -7.525  8.272   4.453   1.00 30.43 ? 132 VAL A C     1 
ATOM   977  O O     . VAL A 1 129 ? -8.218  9.309   4.385   1.00 29.91 ? 132 VAL A O     1 
ATOM   978  C CB    . VAL A 1 129 ? -7.946  6.303   5.972   1.00 30.73 ? 132 VAL A CB    1 
ATOM   979  C CG1   . VAL A 1 129 ? -7.531  5.587   7.268   1.00 31.11 ? 132 VAL A CG1   1 
ATOM   980  C CG2   . VAL A 1 129 ? -9.434  6.517   5.929   1.00 29.36 ? 132 VAL A CG2   1 
ATOM   981  N N     . VAL A 1 130 ? -7.055  7.632   3.387   1.00 29.94 ? 133 VAL A N     1 
ATOM   982  C CA    . VAL A 1 130 ? -7.365  8.083   2.036   1.00 29.98 ? 133 VAL A CA    1 
ATOM   983  C C     . VAL A 1 130 ? -8.714  7.563   1.591   1.00 29.99 ? 133 VAL A C     1 
ATOM   984  O O     . VAL A 1 130 ? -9.008  6.385   1.721   1.00 30.00 ? 133 VAL A O     1 
ATOM   985  C CB    . VAL A 1 130 ? -6.304  7.586   1.010   1.00 31.30 ? 133 VAL A CB    1 
ATOM   986  C CG1   . VAL A 1 130 ? -6.720  7.978   -0.419  1.00 26.97 ? 133 VAL A CG1   1 
ATOM   987  C CG2   . VAL A 1 130 ? -4.897  8.100   1.374   1.00 28.49 ? 133 VAL A CG2   1 
ATOM   988  N N     . ASN A 1 131 ? -9.508  8.446   1.006   1.00 31.11 ? 134 ASN A N     1 
ATOM   989  C CA    . ASN A 1 131 ? -10.799 8.092   0.465   1.00 29.94 ? 134 ASN A CA    1 
ATOM   990  C C     . ASN A 1 131 ? -10.621 7.595   -0.949  1.00 29.55 ? 134 ASN A C     1 
ATOM   991  O O     . ASN A 1 131 ? -10.984 8.262   -1.921  1.00 30.30 ? 134 ASN A O     1 
ATOM   992  C CB    . ASN A 1 131 ? -11.720 9.307   0.537   1.00 30.36 ? 134 ASN A CB    1 
ATOM   993  C CG    . ASN A 1 131 ? -13.191 8.936   0.586   1.00 30.62 ? 134 ASN A CG    1 
ATOM   994  O OD1   . ASN A 1 131 ? -13.581 7.816   0.266   1.00 31.90 ? 134 ASN A OD1   1 
ATOM   995  N ND2   . ASN A 1 131 ? -14.020 9.899   0.974   1.00 30.08 ? 134 ASN A ND2   1 
ATOM   996  N N     . TRP A 1 132 ? -10.073 6.394   -1.074  1.00 30.24 ? 135 TRP A N     1 
ATOM   997  C CA    . TRP A 1 132 ? -9.619  5.890   -2.384  1.00 31.04 ? 135 TRP A CA    1 
ATOM   998  C C     . TRP A 1 132 ? -10.680 5.942   -3.487  1.00 32.89 ? 135 TRP A C     1 
ATOM   999  O O     . TRP A 1 132 ? -10.334 6.121   -4.658  1.00 33.07 ? 135 TRP A O     1 
ATOM   1000 C CB    . TRP A 1 132 ? -9.076  4.469   -2.268  1.00 29.88 ? 135 TRP A CB    1 
ATOM   1001 C CG    . TRP A 1 132 ? -7.862  4.366   -1.401  1.00 31.70 ? 135 TRP A CG    1 
ATOM   1002 C CD1   . TRP A 1 132 ? -7.791  3.832   -0.147  1.00 31.40 ? 135 TRP A CD1   1 
ATOM   1003 C CD2   . TRP A 1 132 ? -6.533  4.797   -1.730  1.00 31.47 ? 135 TRP A CD2   1 
ATOM   1004 N NE1   . TRP A 1 132 ? -6.501  3.898   0.322   1.00 32.01 ? 135 TRP A NE1   1 
ATOM   1005 C CE2   . TRP A 1 132 ? -5.711  4.490   -0.630  1.00 33.80 ? 135 TRP A CE2   1 
ATOM   1006 C CE3   . TRP A 1 132 ? -5.961  5.417   -2.849  1.00 32.22 ? 135 TRP A CE3   1 
ATOM   1007 C CZ2   . TRP A 1 132 ? -4.346  4.795   -0.608  1.00 33.39 ? 135 TRP A CZ2   1 
ATOM   1008 C CZ3   . TRP A 1 132 ? -4.606  5.713   -2.828  1.00 31.38 ? 135 TRP A CZ3   1 
ATOM   1009 C CH2   . TRP A 1 132 ? -3.813  5.402   -1.720  1.00 30.23 ? 135 TRP A CH2   1 
ATOM   1010 N N     . GLN A 1 133 ? -11.958 5.804   -3.130  1.00 34.45 ? 136 GLN A N     1 
ATOM   1011 C CA    . GLN A 1 133 ? -13.047 5.760   -4.137  1.00 35.72 ? 136 GLN A CA    1 
ATOM   1012 C C     . GLN A 1 133 ? -13.101 6.999   -4.991  1.00 34.88 ? 136 GLN A C     1 
ATOM   1013 O O     . GLN A 1 133 ? -13.602 6.948   -6.110  1.00 36.99 ? 136 GLN A O     1 
ATOM   1014 C CB    . GLN A 1 133 ? -14.428 5.567   -3.488  1.00 35.89 ? 136 GLN A CB    1 
ATOM   1015 C CG    . GLN A 1 133 ? -14.889 6.741   -2.634  1.00 38.32 ? 136 GLN A CG    1 
ATOM   1016 C CD    . GLN A 1 133 ? -16.191 6.440   -1.898  1.00 38.98 ? 136 GLN A CD    1 
ATOM   1017 O OE1   . GLN A 1 133 ? -17.140 5.951   -2.500  1.00 36.41 ? 136 GLN A OE1   1 
ATOM   1018 N NE2   . GLN A 1 133 ? -16.227 6.717   -0.597  1.00 33.19 ? 136 GLN A NE2   1 
ATOM   1019 N N     . ASN A 1 134 ? -12.622 8.110   -4.445  1.00 34.75 ? 137 ASN A N     1 
ATOM   1020 C CA    . ASN A 1 134 ? -12.575 9.376   -5.158  1.00 34.97 ? 137 ASN A CA    1 
ATOM   1021 C C     . ASN A 1 134 ? -11.202 9.667   -5.798  1.00 34.99 ? 137 ASN A C     1 
ATOM   1022 O O     . ASN A 1 134 ? -11.018 10.724  -6.394  1.00 34.89 ? 137 ASN A O     1 
ATOM   1023 C CB    . ASN A 1 134 ? -12.946 10.518  -4.203  1.00 34.97 ? 137 ASN A CB    1 
ATOM   1024 C CG    . ASN A 1 134 ? -14.393 10.428  -3.690  1.00 34.98 ? 137 ASN A CG    1 
ATOM   1025 O OD1   . ASN A 1 134 ? -15.255 9.827   -4.313  1.00 34.84 ? 137 ASN A OD1   1 
ATOM   1026 N ND2   . ASN A 1 134 ? -14.639 11.023  -2.540  1.00 38.16 ? 137 ASN A ND2   1 
ATOM   1027 N N     . VAL A 1 135 ? -10.253 8.733   -5.682  1.00 34.46 ? 138 VAL A N     1 
ATOM   1028 C CA    . VAL A 1 135 ? -8.922  8.898   -6.267  1.00 33.21 ? 138 VAL A CA    1 
ATOM   1029 C C     . VAL A 1 135 ? -8.842  8.171   -7.598  1.00 33.11 ? 138 VAL A C     1 
ATOM   1030 O O     . VAL A 1 135 ? -8.829  6.932   -7.681  1.00 32.25 ? 138 VAL A O     1 
ATOM   1031 C CB    . VAL A 1 135 ? -7.827  8.417   -5.320  1.00 34.77 ? 138 VAL A CB    1 
ATOM   1032 C CG1   . VAL A 1 135 ? -6.438  8.483   -6.002  1.00 31.40 ? 138 VAL A CG1   1 
ATOM   1033 C CG2   . VAL A 1 135 ? -7.857  9.255   -4.027  1.00 30.98 ? 138 VAL A CG2   1 
ATOM   1034 N N     . SER A 1 136 ? -8.818  8.973   -8.651  1.00 33.36 ? 139 SER A N     1 
ATOM   1035 C CA    . SER A 1 136 ? -8.804  8.488   -10.031 1.00 33.27 ? 139 SER A CA    1 
ATOM   1036 C C     . SER A 1 136 ? -7.632  7.535   -10.292 1.00 31.64 ? 139 SER A C     1 
ATOM   1037 O O     . SER A 1 136 ? -6.522  7.759   -9.808  1.00 30.26 ? 139 SER A O     1 
ATOM   1038 C CB    . SER A 1 136 ? -8.728  9.720   -10.967 1.00 35.07 ? 139 SER A CB    1 
ATOM   1039 O OG    . SER A 1 136 ? -7.957  9.487   -12.132 1.00 40.07 ? 139 SER A OG    1 
ATOM   1040 N N     . LYS A 1 137 ? -7.888  6.478   -11.057 1.00 30.78 ? 140 LYS A N     1 
ATOM   1041 C CA    . LYS A 1 137 ? -6.875  5.484   -11.391 1.00 30.60 ? 140 LYS A CA    1 
ATOM   1042 C C     . LYS A 1 137 ? -5.712  6.128   -12.159 1.00 30.78 ? 140 LYS A C     1 
ATOM   1043 O O     . LYS A 1 137 ? -4.532  5.927   -11.822 1.00 28.27 ? 140 LYS A O     1 
ATOM   1044 C CB    . LYS A 1 137 ? -7.489  4.361   -12.239 1.00 30.37 ? 140 LYS A CB    1 
ATOM   1045 C CG    . LYS A 1 137 ? -6.511  3.268   -12.611 1.00 30.44 ? 140 LYS A CG    1 
ATOM   1046 C CD    . LYS A 1 137 ? -7.176  2.081   -13.275 1.00 31.84 ? 140 LYS A CD    1 
ATOM   1047 C CE    . LYS A 1 137 ? -6.136  1.147   -13.890 1.00 32.45 ? 140 LYS A CE    1 
ATOM   1048 N NZ    . LYS A 1 137 ? -6.700  -0.211  -14.239 1.00 36.85 ? 140 LYS A NZ    1 
ATOM   1049 N N     . THR A 1 138 ? -6.075  6.911   -13.174 1.00 29.55 ? 141 THR A N     1 
ATOM   1050 C CA    . THR A 1 138 ? -5.124  7.579   -14.029 1.00 30.30 ? 141 THR A CA    1 
ATOM   1051 C C     . THR A 1 138 ? -4.232  8.513   -13.244 1.00 29.35 ? 141 THR A C     1 
ATOM   1052 O O     . THR A 1 138 ? -3.004  8.454   -13.372 1.00 28.81 ? 141 THR A O     1 
ATOM   1053 C CB    . THR A 1 138 ? -5.855  8.352   -15.172 1.00 31.90 ? 141 THR A CB    1 
ATOM   1054 O OG1   . THR A 1 138 ? -6.431  7.397   -16.065 1.00 31.70 ? 141 THR A OG1   1 
ATOM   1055 C CG2   . THR A 1 138 ? -4.884  9.240   -15.952 1.00 32.59 ? 141 THR A CG2   1 
ATOM   1056 N N     . LEU A 1 139 ? -4.832  9.357   -12.412 1.00 29.06 ? 142 LEU A N     1 
ATOM   1057 C CA    . LEU A 1 139 ? -4.041  10.309  -11.631 1.00 29.76 ? 142 LEU A CA    1 
ATOM   1058 C C     . LEU A 1 139 ? -3.182  9.625   -10.556 1.00 29.00 ? 142 LEU A C     1 
ATOM   1059 O O     . LEU A 1 139 ? -2.041  10.044  -10.309 1.00 29.42 ? 142 LEU A O     1 
ATOM   1060 C CB    . LEU A 1 139 ? -4.920  11.388  -11.006 1.00 29.88 ? 142 LEU A CB    1 
ATOM   1061 C CG    . LEU A 1 139 ? -5.628  12.331  -11.994 1.00 34.62 ? 142 LEU A CG    1 
ATOM   1062 C CD1   . LEU A 1 139 ? -6.543  13.354  -11.242 1.00 30.41 ? 142 LEU A CD1   1 
ATOM   1063 C CD2   . LEU A 1 139 ? -4.616  13.045  -12.908 1.00 33.58 ? 142 LEU A CD2   1 
ATOM   1064 N N     . TYR A 1 140 ? -3.705  8.567   -9.947  1.00 28.13 ? 143 TYR A N     1 
ATOM   1065 C CA    . TYR A 1 140 ? -2.955  7.838   -8.923  1.00 27.14 ? 143 TYR A CA    1 
ATOM   1066 C C     . TYR A 1 140 ? -1.747  7.143   -9.540  1.00 27.42 ? 143 TYR A C     1 
ATOM   1067 O O     . TYR A 1 140 ? -0.651  7.211   -8.996  1.00 26.42 ? 143 TYR A O     1 
ATOM   1068 C CB    . TYR A 1 140 ? -3.823  6.796   -8.195  1.00 27.07 ? 143 TYR A CB    1 
ATOM   1069 C CG    . TYR A 1 140 ? -2.992  5.897   -7.295  1.00 24.97 ? 143 TYR A CG    1 
ATOM   1070 C CD1   . TYR A 1 140 ? -2.482  6.363   -6.098  1.00 24.49 ? 143 TYR A CD1   1 
ATOM   1071 C CD2   . TYR A 1 140 ? -2.673  4.609   -7.679  1.00 23.26 ? 143 TYR A CD2   1 
ATOM   1072 C CE1   . TYR A 1 140 ? -1.682  5.544   -5.294  1.00 21.35 ? 143 TYR A CE1   1 
ATOM   1073 C CE2   . TYR A 1 140 ? -1.879  3.804   -6.900  1.00 21.81 ? 143 TYR A CE2   1 
ATOM   1074 C CZ    . TYR A 1 140 ? -1.393  4.269   -5.716  1.00 20.96 ? 143 TYR A CZ    1 
ATOM   1075 O OH    . TYR A 1 140 ? -0.601  3.440   -4.964  1.00 25.03 ? 143 TYR A OH    1 
ATOM   1076 N N     . LEU A 1 141 ? -1.949  6.450   -10.657 1.00 26.40 ? 144 LEU A N     1 
ATOM   1077 C CA    . LEU A 1 141 ? -0.842  5.715   -11.262 1.00 26.91 ? 144 LEU A CA    1 
ATOM   1078 C C     . LEU A 1 141 ? 0.229   6.690   -11.792 1.00 26.27 ? 144 LEU A C     1 
ATOM   1079 O O     . LEU A 1 141 ? 1.412   6.467   -11.610 1.00 25.64 ? 144 LEU A O     1 
ATOM   1080 C CB    . LEU A 1 141 ? -1.329  4.752   -12.355 1.00 26.55 ? 144 LEU A CB    1 
ATOM   1081 C CG    . LEU A 1 141 ? -2.118  3.511   -11.885 1.00 29.46 ? 144 LEU A CG    1 
ATOM   1082 C CD1   . LEU A 1 141 ? -2.645  2.696   -13.089 1.00 28.60 ? 144 LEU A CD1   1 
ATOM   1083 C CD2   . LEU A 1 141 ? -1.261  2.627   -10.990 1.00 24.00 ? 144 LEU A CD2   1 
ATOM   1084 N N     . GLN A 1 142 ? -0.183  7.781   -12.432 1.00 26.99 ? 145 GLN A N     1 
ATOM   1085 C CA    . GLN A 1 142 ? 0.778   8.804   -12.850 1.00 26.48 ? 145 GLN A CA    1 
ATOM   1086 C C     . GLN A 1 142 ? 1.568   9.358   -11.670 1.00 26.90 ? 145 GLN A C     1 
ATOM   1087 O O     . GLN A 1 142 ? 2.795   9.476   -11.730 1.00 27.80 ? 145 GLN A O     1 
ATOM   1088 C CB    . GLN A 1 142 ? 0.076   9.948   -13.548 1.00 27.22 ? 145 GLN A CB    1 
ATOM   1089 C CG    . GLN A 1 142 ? -0.419  9.621   -14.951 1.00 24.28 ? 145 GLN A CG    1 
ATOM   1090 C CD    . GLN A 1 142 ? -1.123  10.826  -15.553 1.00 26.93 ? 145 GLN A CD    1 
ATOM   1091 O OE1   . GLN A 1 142 ? -1.075  11.924  -14.993 1.00 29.29 ? 145 GLN A OE1   1 
ATOM   1092 N NE2   . GLN A 1 142 ? -1.774  10.629  -16.683 1.00 27.52 ? 145 GLN A NE2   1 
ATOM   1093 N N     . ALA A 1 143 ? 0.877   9.667   -10.586 1.00 26.20 ? 146 ALA A N     1 
ATOM   1094 C CA    . ALA A 1 143 ? 1.537   10.229  -9.418  1.00 25.77 ? 146 ALA A CA    1 
ATOM   1095 C C     . ALA A 1 143 ? 2.551   9.293   -8.791  1.00 26.62 ? 146 ALA A C     1 
ATOM   1096 O O     . ALA A 1 143 ? 3.599   9.761   -8.288  1.00 27.15 ? 146 ALA A O     1 
ATOM   1097 C CB    . ALA A 1 143 ? 0.497   10.682  -8.372  1.00 24.80 ? 146 ALA A CB    1 
ATOM   1098 N N     . MET A 1 144 ? 2.242   7.987   -8.786  1.00 26.46 ? 147 MET A N     1 
ATOM   1099 C CA    . MET A 1 144 ? 3.139   6.972   -8.208  1.00 26.40 ? 147 MET A CA    1 
ATOM   1100 C C     . MET A 1 144 ? 4.393   6.823   -9.074  1.00 25.61 ? 147 MET A C     1 
ATOM   1101 O O     . MET A 1 144 ? 5.511   6.752   -8.563  1.00 23.02 ? 147 MET A O     1 
ATOM   1102 C CB    . MET A 1 144 ? 2.446   5.593   -8.080  1.00 27.96 ? 147 MET A CB    1 
ATOM   1103 C CG    . MET A 1 144 ? 1.339   5.496   -7.012  1.00 24.94 ? 147 MET A CG    1 
ATOM   1104 S SD    . MET A 1 144 ? 1.882   5.974   -5.364  1.00 26.51 ? 147 MET A SD    1 
ATOM   1105 C CE    . MET A 1 144 ? 3.023   4.669   -4.973  1.00 28.58 ? 147 MET A CE    1 
ATOM   1106 N N     . GLU A 1 145 ? 4.193   6.759   -10.379 1.00 24.40 ? 148 GLU A N     1 
ATOM   1107 C CA    . GLU A 1 145 ? 5.304   6.670   -11.339 1.00 26.81 ? 148 GLU A CA    1 
ATOM   1108 C C     . GLU A 1 145 ? 6.275   7.877   -11.218 1.00 26.11 ? 148 GLU A C     1 
ATOM   1109 O O     . GLU A 1 145 ? 7.464   7.733   -11.405 1.00 26.62 ? 148 GLU A O     1 
ATOM   1110 C CB    . GLU A 1 145 ? 4.753   6.581   -12.778 1.00 27.19 ? 148 GLU A CB    1 
ATOM   1111 C CG    . GLU A 1 145 ? 4.055   5.251   -13.127 1.00 29.18 ? 148 GLU A CG    1 
ATOM   1112 C CD    . GLU A 1 145 ? 3.198   5.339   -14.412 1.00 34.72 ? 148 GLU A CD    1 
ATOM   1113 O OE1   . GLU A 1 145 ? 2.996   6.455   -14.913 1.00 36.22 ? 148 GLU A OE1   1 
ATOM   1114 O OE2   . GLU A 1 145 ? 2.731   4.297   -14.928 1.00 34.13 ? 148 GLU A OE2   1 
ATOM   1115 N N     . ARG A 1 146 ? 5.748   9.041   -10.861 1.00 25.70 ? 149 ARG A N     1 
ATOM   1116 C CA    . ARG A 1 146 ? 6.529   10.242  -10.689 1.00 26.26 ? 149 ARG A CA    1 
ATOM   1117 C C     . ARG A 1 146 ? 7.166   10.320  -9.312  1.00 28.26 ? 149 ARG A C     1 
ATOM   1118 O O     . ARG A 1 146 ? 8.198   10.973  -9.154  1.00 28.64 ? 149 ARG A O     1 
ATOM   1119 C CB    . ARG A 1 146 ? 5.627   11.453  -10.892 1.00 27.71 ? 149 ARG A CB    1 
ATOM   1120 C CG    . ARG A 1 146 ? 6.328   12.800  -10.941 1.00 29.18 ? 149 ARG A CG    1 
ATOM   1121 C CD    . ARG A 1 146 ? 7.496   12.808  -11.919 1.00 28.15 ? 149 ARG A CD    1 
ATOM   1122 N NE    . ARG A 1 146 ? 8.131   14.118  -11.975 1.00 27.78 ? 149 ARG A NE    1 
ATOM   1123 C CZ    . ARG A 1 146 ? 9.243   14.385  -12.663 1.00 27.38 ? 149 ARG A CZ    1 
ATOM   1124 N NH1   . ARG A 1 146 ? 9.835   13.444  -13.381 1.00 26.44 ? 149 ARG A NH1   1 
ATOM   1125 N NH2   . ARG A 1 146 ? 9.754   15.609  -12.645 1.00 27.81 ? 149 ARG A NH2   1 
ATOM   1126 N N     . SER A 1 147 ? 6.577   9.639   -8.325  1.00 27.25 ? 150 SER A N     1 
ATOM   1127 C CA    . SER A 1 147 ? 6.953   9.835   -6.907  1.00 27.01 ? 150 SER A CA    1 
ATOM   1128 C C     . SER A 1 147 ? 8.433   9.696   -6.568  1.00 25.47 ? 150 SER A C     1 
ATOM   1129 O O     . SER A 1 147 ? 8.918   10.392  -5.692  1.00 26.36 ? 150 SER A O     1 
ATOM   1130 C CB    . SER A 1 147 ? 6.114   8.927   -5.968  1.00 26.45 ? 150 SER A CB    1 
ATOM   1131 O OG    . SER A 1 147 ? 6.247   7.541   -6.261  1.00 25.66 ? 150 SER A OG    1 
ATOM   1132 N N     . PRO A 1 148 ? 9.154   8.775   -7.212  1.00 25.38 ? 151 PRO A N     1 
ATOM   1133 C CA    . PRO A 1 148 ? 10.578  8.737   -6.903  1.00 27.24 ? 151 PRO A CA    1 
ATOM   1134 C C     . PRO A 1 148 ? 11.309  10.042  -7.190  1.00 28.03 ? 151 PRO A C     1 
ATOM   1135 O O     . PRO A 1 148 ? 12.179  10.392  -6.454  1.00 27.87 ? 151 PRO A O     1 
ATOM   1136 C CB    . PRO A 1 148 ? 11.095  7.646   -7.822  1.00 28.75 ? 151 PRO A CB    1 
ATOM   1137 C CG    . PRO A 1 148 ? 9.936   6.766   -8.028  1.00 27.14 ? 151 PRO A CG    1 
ATOM   1138 C CD    . PRO A 1 148 ? 8.776   7.687   -8.118  1.00 25.64 ? 151 PRO A CD    1 
ATOM   1139 N N     . VAL A 1 149 ? 10.926  10.780  -8.232  1.00 29.16 ? 152 VAL A N     1 
ATOM   1140 C CA    . VAL A 1 149 ? 11.615  12.019  -8.562  1.00 28.18 ? 152 VAL A CA    1 
ATOM   1141 C C     . VAL A 1 149 ? 11.017  13.189  -7.798  1.00 29.61 ? 152 VAL A C     1 
ATOM   1142 O O     . VAL A 1 149 ? 11.744  14.030  -7.253  1.00 31.42 ? 152 VAL A O     1 
ATOM   1143 C CB    . VAL A 1 149 ? 11.610  12.259  -10.072 1.00 30.46 ? 152 VAL A CB    1 
ATOM   1144 C CG1   . VAL A 1 149 ? 12.008  13.708  -10.393 1.00 30.98 ? 152 VAL A CG1   1 
ATOM   1145 C CG2   . VAL A 1 149 ? 12.516  11.211  -10.768 1.00 25.36 ? 152 VAL A CG2   1 
ATOM   1146 N N     . ASN A 1 150 ? 9.699   13.238  -7.722  1.00 29.66 ? 153 ASN A N     1 
ATOM   1147 C CA    . ASN A 1 150 ? 9.020   14.317  -7.019  1.00 30.60 ? 153 ASN A CA    1 
ATOM   1148 C C     . ASN A 1 150 ? 7.620   13.869  -6.606  1.00 31.30 ? 153 ASN A C     1 
ATOM   1149 O O     . ASN A 1 150 ? 6.774   13.570  -7.463  1.00 28.69 ? 153 ASN A O     1 
ATOM   1150 C CB    . ASN A 1 150 ? 8.927   15.542  -7.930  1.00 29.99 ? 153 ASN A CB    1 
ATOM   1151 C CG    . ASN A 1 150 ? 8.482   16.800  -7.204  1.00 32.43 ? 153 ASN A CG    1 
ATOM   1152 O OD1   . ASN A 1 150 ? 7.905   16.751  -6.121  1.00 36.92 ? 153 ASN A OD1   1 
ATOM   1153 N ND2   . ASN A 1 150 ? 8.733   17.950  -7.828  1.00 34.26 ? 153 ASN A ND2   1 
ATOM   1154 N N     . ASP A 1 151 ? 7.368   13.877  -5.293  1.00 32.17 ? 154 ASP A N     1 
ATOM   1155 C CA    . ASP A 1 151 ? 6.087   13.414  -4.767  1.00 32.65 ? 154 ASP A CA    1 
ATOM   1156 C C     . ASP A 1 151 ? 4.971   14.477  -4.756  1.00 33.23 ? 154 ASP A C     1 
ATOM   1157 O O     . ASP A 1 151 ? 3.896   14.259  -4.173  1.00 33.08 ? 154 ASP A O     1 
ATOM   1158 C CB    . ASP A 1 151 ? 6.278   12.757  -3.390  1.00 32.80 ? 154 ASP A CB    1 
ATOM   1159 C CG    . ASP A 1 151 ? 6.655   13.738  -2.297  1.00 33.69 ? 154 ASP A CG    1 
ATOM   1160 O OD1   . ASP A 1 151 ? 6.596   14.966  -2.505  1.00 36.69 ? 154 ASP A OD1   1 
ATOM   1161 O OD2   . ASP A 1 151 ? 7.012   13.255  -1.211  1.00 34.64 ? 154 ASP A OD2   1 
ATOM   1162 N N     . LEU A 1 152 ? 5.198   15.601  -5.432  1.00 32.64 ? 155 LEU A N     1 
ATOM   1163 C CA    . LEU A 1 152 ? 4.212   16.678  -5.469  1.00 32.12 ? 155 LEU A CA    1 
ATOM   1164 C C     . LEU A 1 152 ? 2.862   16.204  -6.005  1.00 31.86 ? 155 LEU A C     1 
ATOM   1165 O O     . LEU A 1 152 ? 1.830   16.472  -5.397  1.00 31.61 ? 155 LEU A O     1 
ATOM   1166 C CB    . LEU A 1 152 ? 4.726   17.870  -6.301  1.00 32.42 ? 155 LEU A CB    1 
ATOM   1167 C CG    . LEU A 1 152 ? 3.738   19.023  -6.531  1.00 32.16 ? 155 LEU A CG    1 
ATOM   1168 C CD1   . LEU A 1 152 ? 3.382   19.698  -5.223  1.00 33.06 ? 155 LEU A CD1   1 
ATOM   1169 C CD2   . LEU A 1 152 ? 4.287   20.029  -7.494  1.00 31.62 ? 155 LEU A CD2   1 
ATOM   1170 N N     . GLU A 1 153 ? 2.864   15.521  -7.145  1.00 30.99 ? 156 GLU A N     1 
ATOM   1171 C CA    . GLU A 1 153 ? 1.617   15.000  -7.704  1.00 31.06 ? 156 GLU A CA    1 
ATOM   1172 C C     . GLU A 1 153 ? 0.887   14.128  -6.684  1.00 31.35 ? 156 GLU A C     1 
ATOM   1173 O O     . GLU A 1 153 ? -0.317  14.268  -6.498  1.00 31.08 ? 156 GLU A O     1 
ATOM   1174 C CB    . GLU A 1 153 ? 1.850   14.213  -8.991  1.00 31.13 ? 156 GLU A CB    1 
ATOM   1175 C CG    . GLU A 1 153 ? 2.105   15.087  -10.211 1.00 29.61 ? 156 GLU A CG    1 
ATOM   1176 C CD    . GLU A 1 153 ? 2.558   14.287  -11.422 1.00 31.44 ? 156 GLU A CD    1 
ATOM   1177 O OE1   . GLU A 1 153 ? 2.159   13.096  -11.567 1.00 31.74 ? 156 GLU A OE1   1 
ATOM   1178 O OE2   . GLU A 1 153 ? 3.320   14.844  -12.244 1.00 30.74 ? 156 GLU A OE2   1 
ATOM   1179 N N     . LEU A 1 154 ? 1.630   13.258  -6.009  1.00 31.49 ? 157 LEU A N     1 
ATOM   1180 C CA    . LEU A 1 154 ? 1.038   12.326  -5.080  1.00 32.10 ? 157 LEU A CA    1 
ATOM   1181 C C     . LEU A 1 154 ? 0.455   13.068  -3.872  1.00 34.05 ? 157 LEU A C     1 
ATOM   1182 O O     . LEU A 1 154 ? -0.689  12.816  -3.484  1.00 33.86 ? 157 LEU A O     1 
ATOM   1183 C CB    . LEU A 1 154 ? 2.049   11.267  -4.630  1.00 31.42 ? 157 LEU A CB    1 
ATOM   1184 C CG    . LEU A 1 154 ? 1.471   10.104  -3.808  1.00 29.34 ? 157 LEU A CG    1 
ATOM   1185 C CD1   . LEU A 1 154 ? 0.347   9.355   -4.583  1.00 24.69 ? 157 LEU A CD1   1 
ATOM   1186 C CD2   . LEU A 1 154 ? 2.592   9.170   -3.400  1.00 26.21 ? 157 LEU A CD2   1 
ATOM   1187 N N     . ARG A 1 155 ? 1.232   13.983  -3.298  1.00 35.17 ? 158 ARG A N     1 
ATOM   1188 C CA    . ARG A 1 155 ? 0.777   14.779  -2.150  1.00 35.81 ? 158 ARG A CA    1 
ATOM   1189 C C     . ARG A 1 155 ? -0.476  15.576  -2.466  1.00 37.51 ? 158 ARG A C     1 
ATOM   1190 O O     . ARG A 1 155 ? -1.399  15.621  -1.667  1.00 38.81 ? 158 ARG A O     1 
ATOM   1191 C CB    . ARG A 1 155 ? 1.880   15.718  -1.658  1.00 35.27 ? 158 ARG A CB    1 
ATOM   1192 C CG    . ARG A 1 155 ? 3.000   14.972  -0.990  1.00 34.35 ? 158 ARG A CG    1 
ATOM   1193 C CD    . ARG A 1 155 ? 3.961   15.883  -0.324  1.00 37.07 ? 158 ARG A CD    1 
ATOM   1194 N NE    . ARG A 1 155 ? 4.826   16.605  -1.256  1.00 38.74 ? 158 ARG A NE    1 
ATOM   1195 C CZ    . ARG A 1 155 ? 4.739   17.899  -1.560  1.00 38.18 ? 158 ARG A CZ    1 
ATOM   1196 N NH1   . ARG A 1 155 ? 3.798   18.687  -1.040  1.00 36.86 ? 158 ARG A NH1   1 
ATOM   1197 N NH2   . ARG A 1 155 ? 5.619   18.412  -2.401  1.00 38.16 ? 158 ARG A NH2   1 
ATOM   1198 N N     . PHE A 1 156 ? -0.498  16.189  -3.637  1.00 38.61 ? 159 PHE A N     1 
ATOM   1199 C CA    . PHE A 1 156 ? -1.629  16.991  -4.102  1.00 40.64 ? 159 PHE A CA    1 
ATOM   1200 C C     . PHE A 1 156 ? -2.863  16.089  -4.231  1.00 39.60 ? 159 PHE A C     1 
ATOM   1201 O O     . PHE A 1 156 ? -3.914  16.391  -3.677  1.00 41.00 ? 159 PHE A O     1 
ATOM   1202 C CB    . PHE A 1 156 ? -1.235  17.640  -5.437  1.00 41.81 ? 159 PHE A CB    1 
ATOM   1203 C CG    . PHE A 1 156 ? -2.273  18.566  -6.051  1.00 51.92 ? 159 PHE A CG    1 
ATOM   1204 C CD1   . PHE A 1 156 ? -2.378  19.908  -5.650  1.00 60.26 ? 159 PHE A CD1   1 
ATOM   1205 C CD2   . PHE A 1 156 ? -3.094  18.121  -7.098  1.00 58.65 ? 159 PHE A CD2   1 
ATOM   1206 C CE1   . PHE A 1 156 ? -3.330  20.772  -6.239  1.00 61.95 ? 159 PHE A CE1   1 
ATOM   1207 C CE2   . PHE A 1 156 ? -4.041  18.983  -7.707  1.00 61.96 ? 159 PHE A CE2   1 
ATOM   1208 C CZ    . PHE A 1 156 ? -4.155  20.308  -7.277  1.00 62.51 ? 159 PHE A CZ    1 
ATOM   1209 N N     . LEU A 1 157 ? -2.713  14.968  -4.929  1.00 36.92 ? 160 LEU A N     1 
ATOM   1210 C CA    . LEU A 1 157 ? -3.794  14.025  -5.122  1.00 35.23 ? 160 LEU A CA    1 
ATOM   1211 C C     . LEU A 1 157 ? -4.348  13.488  -3.791  1.00 34.55 ? 160 LEU A C     1 
ATOM   1212 O O     . LEU A 1 157 ? -5.553  13.487  -3.578  1.00 33.45 ? 160 LEU A O     1 
ATOM   1213 C CB    . LEU A 1 157 ? -3.332  12.864  -6.015  1.00 33.99 ? 160 LEU A CB    1 
ATOM   1214 C CG    . LEU A 1 157 ? -4.378  11.801  -6.367  1.00 34.12 ? 160 LEU A CG    1 
ATOM   1215 C CD1   . LEU A 1 157 ? -5.564  12.464  -7.079  1.00 30.34 ? 160 LEU A CD1   1 
ATOM   1216 C CD2   . LEU A 1 157 ? -3.770  10.658  -7.202  1.00 26.72 ? 160 LEU A CD2   1 
ATOM   1217 N N     . LEU A 1 158 ? -3.476  13.027  -2.905  1.00 35.10 ? 161 LEU A N     1 
ATOM   1218 C CA    . LEU A 1 158 ? -3.927  12.333  -1.701  1.00 35.88 ? 161 LEU A CA    1 
ATOM   1219 C C     . LEU A 1 158 ? -4.453  13.282  -0.625  1.00 39.18 ? 161 LEU A C     1 
ATOM   1220 O O     . LEU A 1 158 ? -5.434  12.954  0.069   1.00 39.98 ? 161 LEU A O     1 
ATOM   1221 C CB    . LEU A 1 158 ? -2.831  11.435  -1.137  1.00 34.39 ? 161 LEU A CB    1 
ATOM   1222 C CG    . LEU A 1 158 ? -2.366  10.265  -2.026  1.00 32.90 ? 161 LEU A CG    1 
ATOM   1223 C CD1   . LEU A 1 158 ? -1.482  9.306   -1.246  1.00 30.44 ? 161 LEU A CD1   1 
ATOM   1224 C CD2   . LEU A 1 158 ? -3.532  9.512   -2.651  1.00 32.12 ? 161 LEU A CD2   1 
ATOM   1225 N N     . LYS A 1 159 ? -3.830  14.453  -0.496  1.00 41.03 ? 162 LYS A N     1 
ATOM   1226 C CA    . LYS A 1 159 ? -4.229  15.428  0.510   1.00 43.37 ? 162 LYS A CA    1 
ATOM   1227 C C     . LYS A 1 159 ? -5.650  15.895  0.277   1.00 44.06 ? 162 LYS A C     1 
ATOM   1228 O O     . LYS A 1 159 ? -6.392  16.119  1.220   1.00 44.85 ? 162 LYS A O     1 
ATOM   1229 C CB    . LYS A 1 159 ? -3.292  16.640  0.525   1.00 44.03 ? 162 LYS A CB    1 
ATOM   1230 C CG    . LYS A 1 159 ? -3.606  17.629  1.639   1.00 49.94 ? 162 LYS A CG    1 
ATOM   1231 C CD    . LYS A 1 159 ? -2.346  18.272  2.249   1.00 57.02 ? 162 LYS A CD    1 
ATOM   1232 C CE    . LYS A 1 159 ? -2.600  18.789  3.679   1.00 61.42 ? 162 LYS A CE    1 
ATOM   1233 N NZ    . LYS A 1 159 ? -2.897  17.698  4.687   1.00 62.84 ? 162 LYS A NZ    1 
ATOM   1234 N N     . ASP A 1 160 ? -6.015  16.044  -0.988  1.00 44.22 ? 163 ASP A N     1 
ATOM   1235 C CA    . ASP A 1 160 ? -7.362  16.441  -1.370  1.00 44.76 ? 163 ASP A CA    1 
ATOM   1236 C C     . ASP A 1 160 ? -8.425  15.387  -1.040  1.00 42.51 ? 163 ASP A C     1 
ATOM   1237 O O     . ASP A 1 160 ? -9.613  15.687  -1.071  1.00 42.08 ? 163 ASP A O     1 
ATOM   1238 C CB    . ASP A 1 160 ? -7.419  16.696  -2.888  1.00 45.57 ? 163 ASP A CB    1 
ATOM   1239 C CG    . ASP A 1 160 ? -6.851  18.054  -3.291  1.00 52.24 ? 163 ASP A CG    1 
ATOM   1240 O OD1   . ASP A 1 160 ? -6.544  18.883  -2.390  1.00 58.80 ? 163 ASP A OD1   1 
ATOM   1241 O OD2   . ASP A 1 160 ? -6.733  18.290  -4.525  1.00 58.94 ? 163 ASP A OD2   1 
ATOM   1242 N N     . ASN A 1 161 ? -7.995  14.153  -0.795  1.00 39.19 ? 164 ASN A N     1 
ATOM   1243 C CA    . ASN A 1 161 ? -8.906  13.039  -0.663  1.00 37.95 ? 164 ASN A CA    1 
ATOM   1244 C C     . ASN A 1 161 ? -8.724  12.310  0.682   1.00 36.38 ? 164 ASN A C     1 
ATOM   1245 O O     . ASN A 1 161 ? -9.048  11.146  0.803   1.00 36.33 ? 164 ASN A O     1 
ATOM   1246 C CB    . ASN A 1 161 ? -8.740  12.089  -1.863  1.00 37.07 ? 164 ASN A CB    1 
ATOM   1247 C CG    . ASN A 1 161 ? -9.285  12.677  -3.166  1.00 40.10 ? 164 ASN A CG    1 
ATOM   1248 O OD1   . ASN A 1 161 ? -10.506 12.691  -3.400  1.00 36.50 ? 164 ASN A OD1   1 
ATOM   1249 N ND2   . ASN A 1 161 ? -8.378  13.143  -4.037  1.00 38.64 ? 164 ASN A ND2   1 
ATOM   1250 N N     . LEU A 1 162 ? -8.205  13.007  1.684   1.00 35.62 ? 165 LEU A N     1 
ATOM   1251 C CA    . LEU A 1 162 ? -8.162  12.486  3.045   1.00 36.10 ? 165 LEU A CA    1 
ATOM   1252 C C     . LEU A 1 162 ? -9.547  12.595  3.710   1.00 36.88 ? 165 LEU A C     1 
ATOM   1253 O O     . LEU A 1 162 ? -10.349 13.458  3.367   1.00 37.08 ? 165 LEU A O     1 
ATOM   1254 C CB    . LEU A 1 162 ? -7.134  13.245  3.881   1.00 35.29 ? 165 LEU A CB    1 
ATOM   1255 C CG    . LEU A 1 162 ? -5.653  13.117  3.499   1.00 35.76 ? 165 LEU A CG    1 
ATOM   1256 C CD1   . LEU A 1 162 ? -4.752  13.738  4.583   1.00 32.68 ? 165 LEU A CD1   1 
ATOM   1257 C CD2   . LEU A 1 162 ? -5.269  11.668  3.262   1.00 30.63 ? 165 LEU A CD2   1 
ATOM   1258 N N     . THR A 1 163 ? -9.832  11.699  4.651   1.00 37.77 ? 166 THR A N     1 
ATOM   1259 C CA    . THR A 1 163 ? -11.084 11.763  5.414   1.00 37.17 ? 166 THR A CA    1 
ATOM   1260 C C     . THR A 1 163 ? -10.813 11.350  6.836   1.00 36.21 ? 166 THR A C     1 
ATOM   1261 O O     . THR A 1 163 ? -10.022 10.459  7.061   1.00 34.52 ? 166 THR A O     1 
ATOM   1262 C CB    . THR A 1 163 ? -12.154 10.834  4.823   1.00 37.79 ? 166 THR A CB    1 
ATOM   1263 O OG1   . THR A 1 163 ? -13.350 10.937  5.597   1.00 39.84 ? 166 THR A OG1   1 
ATOM   1264 C CG2   . THR A 1 163 ? -11.685 9.391   4.845   1.00 37.73 ? 166 THR A CG2   1 
ATOM   1265 N N     . ASP A 1 164 ? -11.470 11.990  7.798   1.00 37.68 ? 167 ASP A N     1 
ATOM   1266 C CA    . ASP A 1 164 ? -11.335 11.575  9.204   1.00 39.51 ? 167 ASP A CA    1 
ATOM   1267 C C     . ASP A 1 164 ? -12.405 10.544  9.621   1.00 37.99 ? 167 ASP A C     1 
ATOM   1268 O O     . ASP A 1 164 ? -12.408 10.068  10.759  1.00 36.70 ? 167 ASP A O     1 
ATOM   1269 C CB    . ASP A 1 164 ? -11.342 12.788  10.151  1.00 41.74 ? 167 ASP A CB    1 
ATOM   1270 C CG    . ASP A 1 164 ? -12.553 13.668  9.968   1.00 47.00 ? 167 ASP A CG    1 
ATOM   1271 O OD1   . ASP A 1 164 ? -13.625 13.144  9.589   1.00 53.53 ? 167 ASP A OD1   1 
ATOM   1272 O OD2   . ASP A 1 164 ? -12.430 14.893  10.196  1.00 57.04 ? 167 ASP A OD2   1 
ATOM   1273 N N     . ASP A 1 165 ? -13.275 10.187  8.683   1.00 35.48 ? 168 ASP A N     1 
ATOM   1274 C CA    . ASP A 1 165 ? -14.297 9.175   8.900   1.00 35.88 ? 168 ASP A CA    1 
ATOM   1275 C C     . ASP A 1 165 ? -13.726 7.774   8.635   1.00 35.29 ? 168 ASP A C     1 
ATOM   1276 O O     . ASP A 1 165 ? -14.160 7.074   7.729   1.00 34.64 ? 168 ASP A O     1 
ATOM   1277 C CB    . ASP A 1 165 ? -15.480 9.481   7.971   1.00 36.07 ? 168 ASP A CB    1 
ATOM   1278 C CG    . ASP A 1 165 ? -16.777 8.808   8.413   1.00 39.34 ? 168 ASP A CG    1 
ATOM   1279 O OD1   . ASP A 1 165 ? -16.775 8.114   9.457   1.00 36.26 ? 168 ASP A OD1   1 
ATOM   1280 O OD2   . ASP A 1 165 ? -17.789 8.964   7.684   1.00 38.78 ? 168 ASP A OD2   1 
ATOM   1281 N N     . VAL A 1 166 ? -12.774 7.361   9.462   1.00 35.46 ? 169 VAL A N     1 
ATOM   1282 C CA    . VAL A 1 166 ? -11.869 6.268   9.113   1.00 36.25 ? 169 VAL A CA    1 
ATOM   1283 C C     . VAL A 1 166 ? -12.421 4.840   9.276   1.00 38.06 ? 169 VAL A C     1 
ATOM   1284 O O     . VAL A 1 166 ? -11.748 3.860   8.876   1.00 38.14 ? 169 VAL A O     1 
ATOM   1285 C CB    . VAL A 1 166 ? -10.562 6.370   9.924   1.00 36.31 ? 169 VAL A CB    1 
ATOM   1286 C CG1   . VAL A 1 166 ? -9.859  7.734   9.668   1.00 35.13 ? 169 VAL A CG1   1 
ATOM   1287 C CG2   . VAL A 1 166 ? -10.839 6.173   11.403  1.00 36.36 ? 169 VAL A CG2   1 
ATOM   1288 N N     . ASP A 1 167 ? -13.615 4.713   9.864   1.00 38.02 ? 170 ASP A N     1 
ATOM   1289 C CA    . ASP A 1 167 ? -14.247 3.401   10.071  1.00 37.71 ? 170 ASP A CA    1 
ATOM   1290 C C     . ASP A 1 167 ? -15.560 3.281   9.295   1.00 36.40 ? 170 ASP A C     1 
ATOM   1291 O O     . ASP A 1 167 ? -16.290 2.312   9.455   1.00 37.97 ? 170 ASP A O     1 
ATOM   1292 C CB    . ASP A 1 167 ? -14.485 3.143   11.569  1.00 38.26 ? 170 ASP A CB    1 
ATOM   1293 C CG    . ASP A 1 167 ? -13.191 3.096   12.375  1.00 38.76 ? 170 ASP A CG    1 
ATOM   1294 O OD1   . ASP A 1 167 ? -12.279 2.336   12.002  1.00 43.84 ? 170 ASP A OD1   1 
ATOM   1295 O OD2   . ASP A 1 167 ? -13.091 3.802   13.405  1.00 45.94 ? 170 ASP A OD2   1 
ATOM   1296 N N     . ASN A 1 168 ? -15.851 4.247   8.437   1.00 34.79 ? 171 ASN A N     1 
ATOM   1297 C CA    . ASN A 1 168 ? -17.089 4.242   7.680   1.00 33.83 ? 171 ASN A CA    1 
ATOM   1298 C C     . ASN A 1 168 ? -17.097 3.113   6.678   1.00 33.97 ? 171 ASN A C     1 
ATOM   1299 O O     . ASN A 1 168 ? -16.171 2.991   5.873   1.00 34.77 ? 171 ASN A O     1 
ATOM   1300 C CB    . ASN A 1 168 ? -17.251 5.572   6.988   1.00 33.63 ? 171 ASN A CB    1 
ATOM   1301 C CG    . ASN A 1 168 ? -18.495 5.646   6.162   1.00 36.63 ? 171 ASN A CG    1 
ATOM   1302 O OD1   . ASN A 1 168 ? -18.558 5.100   5.060   1.00 38.52 ? 171 ASN A OD1   1 
ATOM   1303 N ND2   . ASN A 1 168 ? -19.501 6.346   6.678   1.00 39.71 ? 171 ASN A ND2   1 
ATOM   1304 N N     . ARG A 1 169 ? -18.128 2.269   6.718   1.00 33.33 ? 172 ARG A N     1 
ATOM   1305 C CA    . ARG A 1 169 ? -18.131 1.068   5.881   1.00 33.33 ? 172 ARG A CA    1 
ATOM   1306 C C     . ARG A 1 169 ? -18.040 1.396   4.392   1.00 34.20 ? 172 ARG A C     1 
ATOM   1307 O O     . ARG A 1 169 ? -17.406 0.669   3.635   1.00 33.94 ? 172 ARG A O     1 
ATOM   1308 C CB    . ARG A 1 169 ? -19.354 0.170   6.144   1.00 33.70 ? 172 ARG A CB    1 
ATOM   1309 C CG    . ARG A 1 169 ? -20.694 0.842   6.034   1.00 35.87 ? 172 ARG A CG    1 
ATOM   1310 C CD    . ARG A 1 169 ? -21.839 -0.157  5.737   1.00 37.99 ? 172 ARG A CD    1 
ATOM   1311 N NE    . ARG A 1 169 ? -23.112 0.548   5.815   1.00 36.02 ? 172 ARG A NE    1 
ATOM   1312 C CZ    . ARG A 1 169 ? -23.785 1.049   4.780   1.00 38.28 ? 172 ARG A CZ    1 
ATOM   1313 N NH1   . ARG A 1 169 ? -23.367 0.879   3.530   1.00 38.61 ? 172 ARG A NH1   1 
ATOM   1314 N NH2   . ARG A 1 169 ? -24.915 1.709   5.002   1.00 38.21 ? 172 ARG A NH2   1 
ATOM   1315 N N     . GLU A 1 170 ? -18.670 2.486   3.974   1.00 34.06 ? 173 GLU A N     1 
ATOM   1316 C CA    . GLU A 1 170 ? -18.748 2.794   2.557   1.00 36.74 ? 173 GLU A CA    1 
ATOM   1317 C C     . GLU A 1 170 ? -17.362 3.258   2.062   1.00 36.33 ? 173 GLU A C     1 
ATOM   1318 O O     . GLU A 1 170 ? -16.882 2.809   1.029   1.00 36.46 ? 173 GLU A O     1 
ATOM   1319 C CB    . GLU A 1 170 ? -19.855 3.825   2.300   1.00 36.97 ? 173 GLU A CB    1 
ATOM   1320 C CG    . GLU A 1 170 ? -20.118 4.179   0.841   1.00 44.72 ? 173 GLU A CG    1 
ATOM   1321 C CD    . GLU A 1 170 ? -20.894 3.127   0.048   1.00 52.89 ? 173 GLU A CD    1 
ATOM   1322 O OE1   . GLU A 1 170 ? -20.863 1.904   0.374   1.00 53.20 ? 173 GLU A OE1   1 
ATOM   1323 O OE2   . GLU A 1 170 ? -21.524 3.551   -0.950  1.00 58.79 ? 173 GLU A OE2   1 
ATOM   1324 N N     . ILE A 1 171 ? -16.699 4.099   2.839   1.00 36.23 ? 174 ILE A N     1 
ATOM   1325 C CA    . ILE A 1 171 ? -15.347 4.541   2.506   1.00 36.25 ? 174 ILE A CA    1 
ATOM   1326 C C     . ILE A 1 171 ? -14.402 3.342   2.444   1.00 36.09 ? 174 ILE A C     1 
ATOM   1327 O O     . ILE A 1 171 ? -13.615 3.215   1.511   1.00 35.38 ? 174 ILE A O     1 
ATOM   1328 C CB    . ILE A 1 171 ? -14.842 5.571   3.531   1.00 35.70 ? 174 ILE A CB    1 
ATOM   1329 C CG1   . ILE A 1 171 ? -15.594 6.891   3.331   1.00 35.65 ? 174 ILE A CG1   1 
ATOM   1330 C CG2   . ILE A 1 171 ? -13.321 5.750   3.420   1.00 35.85 ? 174 ILE A CG2   1 
ATOM   1331 C CD1   . ILE A 1 171 ? -15.427 7.897   4.466   1.00 34.33 ? 174 ILE A CD1   1 
ATOM   1332 N N     . ILE A 1 172 ? -14.508 2.455   3.430   1.00 35.10 ? 175 ILE A N     1 
ATOM   1333 C CA    . ILE A 1 172 ? -13.645 1.294   3.492   1.00 34.22 ? 175 ILE A CA    1 
ATOM   1334 C C     . ILE A 1 172 ? -13.866 0.368   2.309   1.00 34.97 ? 175 ILE A C     1 
ATOM   1335 O O     . ILE A 1 172 ? -12.910 0.003   1.624   1.00 34.11 ? 175 ILE A O     1 
ATOM   1336 C CB    . ILE A 1 172 ? -13.841 0.508   4.793   1.00 34.31 ? 175 ILE A CB    1 
ATOM   1337 C CG1   . ILE A 1 172 ? -13.331 1.337   5.964   1.00 35.45 ? 175 ILE A CG1   1 
ATOM   1338 C CG2   . ILE A 1 172 ? -13.118 -0.834  4.725   1.00 31.85 ? 175 ILE A CG2   1 
ATOM   1339 C CD1   . ILE A 1 172 ? -13.536 0.696   7.354   1.00 37.73 ? 175 ILE A CD1   1 
ATOM   1340 N N     . PHE A 1 173 ? -15.111 -0.003  2.043   1.00 34.76 ? 176 PHE A N     1 
ATOM   1341 C CA    . PHE A 1 173 ? -15.352 -1.069  1.063   1.00 35.32 ? 176 PHE A CA    1 
ATOM   1342 C C     . PHE A 1 173 ? -15.343 -0.571  -0.376  1.00 34.63 ? 176 PHE A C     1 
ATOM   1343 O O     . PHE A 1 173 ? -14.929 -1.287  -1.286  1.00 33.79 ? 176 PHE A O     1 
ATOM   1344 C CB    . PHE A 1 173 ? -16.619 -1.883  1.416   1.00 35.16 ? 176 PHE A CB    1 
ATOM   1345 C CG    . PHE A 1 173 ? -16.459 -2.694  2.684   1.00 35.81 ? 176 PHE A CG    1 
ATOM   1346 C CD1   . PHE A 1 173 ? -17.024 -2.274  3.876   1.00 39.87 ? 176 PHE A CD1   1 
ATOM   1347 C CD2   . PHE A 1 173 ? -15.690 -3.835  2.695   1.00 36.66 ? 176 PHE A CD2   1 
ATOM   1348 C CE1   . PHE A 1 173 ? -16.848 -2.994  5.036   1.00 38.62 ? 176 PHE A CE1   1 
ATOM   1349 C CE2   . PHE A 1 173 ? -15.508 -4.558  3.852   1.00 37.10 ? 176 PHE A CE2   1 
ATOM   1350 C CZ    . PHE A 1 173 ? -16.090 -4.129  5.029   1.00 38.44 ? 176 PHE A CZ    1 
ATOM   1351 N N     . LYS A 1 174 ? -15.783 0.653   -0.591  1.00 34.61 ? 177 LYS A N     1 
ATOM   1352 C CA    . LYS A 1 174 ? -15.668 1.237   -1.924  1.00 35.73 ? 177 LYS A CA    1 
ATOM   1353 C C     . LYS A 1 174 ? -14.193 1.547   -2.239  1.00 35.75 ? 177 LYS A C     1 
ATOM   1354 O O     . LYS A 1 174 ? -13.802 1.511   -3.401  1.00 33.58 ? 177 LYS A O     1 
ATOM   1355 C CB    . LYS A 1 174 ? -16.533 2.476   -2.059  1.00 36.31 ? 177 LYS A CB    1 
ATOM   1356 C CG    . LYS A 1 174 ? -18.021 2.175   -1.999  1.00 40.59 ? 177 LYS A CG    1 
ATOM   1357 C CD    . LYS A 1 174 ? -18.554 1.614   -3.318  1.00 46.11 ? 177 LYS A CD    1 
ATOM   1358 C CE    . LYS A 1 174 ? -20.036 1.178   -3.219  1.00 49.67 ? 177 LYS A CE    1 
ATOM   1359 N NZ    . LYS A 1 174 ? -20.248 -0.010  -2.312  1.00 52.35 ? 177 LYS A NZ    1 
ATOM   1360 N N     . GLY A 1 175 ? -13.393 1.802   -1.196  1.00 35.05 ? 178 GLY A N     1 
ATOM   1361 C CA    . GLY A 1 175 ? -11.961 2.046   -1.340  1.00 35.30 ? 178 GLY A CA    1 
ATOM   1362 C C     . GLY A 1 175 ? -11.185 0.785   -1.674  1.00 35.34 ? 178 GLY A C     1 
ATOM   1363 O O     . GLY A 1 175 ? -10.267 0.808   -2.492  1.00 34.80 ? 178 GLY A O     1 
ATOM   1364 N N     . ILE A 1 176 ? -11.553 -0.324  -1.045  1.00 35.23 ? 179 ILE A N     1 
ATOM   1365 C CA    . ILE A 1 176 ? -10.970 -1.608  -1.374  1.00 34.52 ? 179 ILE A CA    1 
ATOM   1366 C C     . ILE A 1 176 ? -11.229 -1.898  -2.836  1.00 34.39 ? 179 ILE A C     1 
ATOM   1367 O O     . ILE A 1 176 ? -10.328 -2.330  -3.546  1.00 34.98 ? 179 ILE A O     1 
ATOM   1368 C CB    . ILE A 1 176 ? -11.541 -2.742  -0.508  1.00 35.14 ? 179 ILE A CB    1 
ATOM   1369 C CG1   . ILE A 1 176 ? -10.997 -2.669  0.918   1.00 35.91 ? 179 ILE A CG1   1 
ATOM   1370 C CG2   . ILE A 1 176 ? -11.203 -4.106  -1.086  1.00 34.78 ? 179 ILE A CG2   1 
ATOM   1371 C CD1   . ILE A 1 176 ? -11.868 -3.475  1.912   1.00 35.47 ? 179 ILE A CD1   1 
ATOM   1372 N N     . GLU A 1 177 ? -12.444 -1.642  -3.306  1.00 33.70 ? 180 GLU A N     1 
ATOM   1373 C CA    . GLU A 1 177 ? -12.750 -1.919  -4.708  1.00 34.59 ? 180 GLU A CA    1 
ATOM   1374 C C     . GLU A 1 177 ? -11.935 -1.045  -5.692  1.00 32.30 ? 180 GLU A C     1 
ATOM   1375 O O     . GLU A 1 177 ? -11.439 -1.548  -6.686  1.00 29.14 ? 180 GLU A O     1 
ATOM   1376 C CB    . GLU A 1 177 ? -14.245 -1.826  -4.982  1.00 35.60 ? 180 GLU A CB    1 
ATOM   1377 C CG    . GLU A 1 177 ? -15.039 -3.043  -4.416  1.00 43.36 ? 180 GLU A CG    1 
ATOM   1378 C CD    . GLU A 1 177 ? -16.537 -2.764  -4.235  1.00 52.29 ? 180 GLU A CD    1 
ATOM   1379 O OE1   . GLU A 1 177 ? -17.082 -1.900  -4.969  1.00 56.75 ? 180 GLU A OE1   1 
ATOM   1380 O OE2   . GLU A 1 177 ? -17.168 -3.413  -3.363  1.00 57.22 ? 180 GLU A OE2   1 
ATOM   1381 N N     . GLN A 1 178 ? -11.772 0.240   -5.391  1.00 31.22 ? 181 GLN A N     1 
ATOM   1382 C CA    . GLN A 1 178 ? -10.989 1.123   -6.257  1.00 32.08 ? 181 GLN A CA    1 
ATOM   1383 C C     . GLN A 1 178 ? -9.496  0.736   -6.216  1.00 30.93 ? 181 GLN A C     1 
ATOM   1384 O O     . GLN A 1 178 ? -8.818  0.719   -7.242  1.00 31.35 ? 181 GLN A O     1 
ATOM   1385 C CB    . GLN A 1 178 ? -11.221 2.582   -5.858  1.00 32.31 ? 181 GLN A CB    1 
ATOM   1386 C CG    . GLN A 1 178 ? -10.475 3.615   -6.674  1.00 34.35 ? 181 GLN A CG    1 
ATOM   1387 C CD    . GLN A 1 178 ? -11.138 3.931   -7.991  1.00 37.10 ? 181 GLN A CD    1 
ATOM   1388 O OE1   . GLN A 1 178 ? -12.051 3.239   -8.411  1.00 37.60 ? 181 GLN A OE1   1 
ATOM   1389 N NE2   . GLN A 1 178 ? -10.668 4.983   -8.658  1.00 37.46 ? 181 GLN A NE2   1 
ATOM   1390 N N     . SER A 1 179 ? -9.003  0.376   -5.039  1.00 29.41 ? 182 SER A N     1 
ATOM   1391 C CA    . SER A 1 179 ? -7.636  -0.062  -4.891  1.00 29.13 ? 182 SER A CA    1 
ATOM   1392 C C     . SER A 1 179 ? -7.346  -1.265  -5.758  1.00 30.12 ? 182 SER A C     1 
ATOM   1393 O O     . SER A 1 179 ? -6.275  -1.358  -6.385  1.00 28.81 ? 182 SER A O     1 
ATOM   1394 C CB    . SER A 1 179 ? -7.339  -0.411  -3.428  1.00 30.61 ? 182 SER A CB    1 
ATOM   1395 O OG    . SER A 1 179 ? -6.009  -0.880  -3.288  1.00 26.30 ? 182 SER A OG    1 
ATOM   1396 N N     . TYR A 1 180 ? -8.290  -2.202  -5.788  1.00 30.73 ? 183 TYR A N     1 
ATOM   1397 C CA    . TYR A 1 180 ? -8.141  -3.380  -6.623  1.00 30.92 ? 183 TYR A CA    1 
ATOM   1398 C C     . TYR A 1 180 ? -8.256  -3.045  -8.102  1.00 30.44 ? 183 TYR A C     1 
ATOM   1399 O O     . TYR A 1 180 ? -7.602  -3.672  -8.924  1.00 29.63 ? 183 TYR A O     1 
ATOM   1400 C CB    . TYR A 1 180 ? -9.108  -4.497  -6.207  1.00 32.16 ? 183 TYR A CB    1 
ATOM   1401 C CG    . TYR A 1 180 ? -8.466  -5.395  -5.166  1.00 33.94 ? 183 TYR A CG    1 
ATOM   1402 C CD1   . TYR A 1 180 ? -8.169  -4.912  -3.887  1.00 38.15 ? 183 TYR A CD1   1 
ATOM   1403 C CD2   . TYR A 1 180 ? -8.108  -6.701  -5.468  1.00 37.84 ? 183 TYR A CD2   1 
ATOM   1404 C CE1   . TYR A 1 180 ? -7.542  -5.722  -2.935  1.00 37.44 ? 183 TYR A CE1   1 
ATOM   1405 C CE2   . TYR A 1 180 ? -7.477  -7.520  -4.515  1.00 36.46 ? 183 TYR A CE2   1 
ATOM   1406 C CZ    . TYR A 1 180 ? -7.209  -7.019  -3.263  1.00 36.58 ? 183 TYR A CZ    1 
ATOM   1407 O OH    . TYR A 1 180 ? -6.598  -7.822  -2.336  1.00 39.33 ? 183 TYR A OH    1 
ATOM   1408 N N     . TYR A 1 181 ? -9.074  -2.057  -8.431  1.00 30.56 ? 184 TYR A N     1 
ATOM   1409 C CA    . TYR A 1 181 ? -9.183  -1.569  -9.808  1.00 32.64 ? 184 TYR A CA    1 
ATOM   1410 C C     . TYR A 1 181 ? -7.834  -0.959  -10.282 1.00 33.59 ? 184 TYR A C     1 
ATOM   1411 O O     . TYR A 1 181 ? -7.478  -1.086  -11.444 1.00 32.71 ? 184 TYR A O     1 
ATOM   1412 C CB    . TYR A 1 181 ? -10.323 -0.541  -9.894  1.00 32.58 ? 184 TYR A CB    1 
ATOM   1413 C CG    . TYR A 1 181 ? -10.507 0.177   -11.222 1.00 37.75 ? 184 TYR A CG    1 
ATOM   1414 C CD1   . TYR A 1 181 ? -10.606 -0.525  -12.417 1.00 41.63 ? 184 TYR A CD1   1 
ATOM   1415 C CD2   . TYR A 1 181 ? -10.626 1.563   -11.269 1.00 40.36 ? 184 TYR A CD2   1 
ATOM   1416 C CE1   . TYR A 1 181 ? -10.797 0.139   -13.623 1.00 44.12 ? 184 TYR A CE1   1 
ATOM   1417 C CE2   . TYR A 1 181 ? -10.796 2.227   -12.460 1.00 42.34 ? 184 TYR A CE2   1 
ATOM   1418 C CZ    . TYR A 1 181 ? -10.895 1.512   -13.631 1.00 43.48 ? 184 TYR A CZ    1 
ATOM   1419 O OH    . TYR A 1 181 ? -11.067 2.180   -14.817 1.00 52.15 ? 184 TYR A OH    1 
ATOM   1420 N N     . TYR A 1 182 ? -7.062  -0.350  -9.380  1.00 33.78 ? 185 TYR A N     1 
ATOM   1421 C CA    . TYR A 1 182 ? -5.825  0.291   -9.815  1.00 33.93 ? 185 TYR A CA    1 
ATOM   1422 C C     . TYR A 1 182 ? -4.926  -0.702  -10.545 1.00 36.26 ? 185 TYR A C     1 
ATOM   1423 O O     . TYR A 1 182 ? -4.268  -0.320  -11.510 1.00 35.02 ? 185 TYR A O     1 
ATOM   1424 C CB    . TYR A 1 182 ? -5.062  0.954   -8.670  1.00 31.16 ? 185 TYR A CB    1 
ATOM   1425 C CG    . TYR A 1 182 ? -5.720  2.151   -8.024  1.00 26.33 ? 185 TYR A CG    1 
ATOM   1426 C CD1   . TYR A 1 182 ? -6.627  2.951   -8.695  1.00 29.15 ? 185 TYR A CD1   1 
ATOM   1427 C CD2   . TYR A 1 182 ? -5.380  2.518   -6.734  1.00 30.01 ? 185 TYR A CD2   1 
ATOM   1428 C CE1   . TYR A 1 182 ? -7.195  4.061   -8.086  1.00 28.91 ? 185 TYR A CE1   1 
ATOM   1429 C CE2   . TYR A 1 182 ? -5.957  3.614   -6.116  1.00 29.29 ? 185 TYR A CE2   1 
ATOM   1430 C CZ    . TYR A 1 182 ? -6.853  4.384   -6.791  1.00 27.92 ? 185 TYR A CZ    1 
ATOM   1431 O OH    . TYR A 1 182 ? -7.419  5.475   -6.156  1.00 28.10 ? 185 TYR A OH    1 
ATOM   1432 N N     . GLU A 1 183 ? -4.923  -1.966  -10.113 1.00 39.72 ? 186 GLU A N     1 
ATOM   1433 C CA    . GLU A 1 183 ? -4.109  -2.993  -10.772 1.00 42.93 ? 186 GLU A CA    1 
ATOM   1434 C C     . GLU A 1 183 ? -4.860  -3.921  -11.718 1.00 45.74 ? 186 GLU A C     1 
ATOM   1435 O O     . GLU A 1 183 ? -4.376  -5.002  -12.004 1.00 45.18 ? 186 GLU A O     1 
ATOM   1436 C CB    . GLU A 1 183 ? -3.363  -3.840  -9.744  1.00 44.58 ? 186 GLU A CB    1 
ATOM   1437 C CG    . GLU A 1 183 ? -1.941  -3.352  -9.440  1.00 45.75 ? 186 GLU A CG    1 
ATOM   1438 C CD    . GLU A 1 183 ? -1.907  -1.995  -8.850  1.00 41.97 ? 186 GLU A CD    1 
ATOM   1439 O OE1   . GLU A 1 183 ? -2.155  -1.866  -7.646  1.00 38.74 ? 186 GLU A OE1   1 
ATOM   1440 O OE2   . GLU A 1 183 ? -1.610  -1.054  -9.597  1.00 53.86 ? 186 GLU A OE2   1 
ATOM   1441 N N     . GLY A 1 184 ? -6.030  -3.522  -12.207 1.00 49.79 ? 187 GLY A N     1 
ATOM   1442 C CA    . GLY A 1 184 ? -6.678  -4.265  -13.286 1.00 54.04 ? 187 GLY A CA    1 
ATOM   1443 C C     . GLY A 1 184 ? -8.052  -4.859  -13.025 1.00 57.89 ? 187 GLY A C     1 
ATOM   1444 O O     . GLY A 1 184 ? -8.802  -5.102  -13.977 1.00 58.20 ? 187 GLY A O     1 
ATOM   1445 N N     . TYR A 1 185 ? -8.393  -5.077  -11.753 1.00 62.74 ? 188 TYR A N     1 
ATOM   1446 C CA    . TYR A 1 185 ? -9.613  -5.819  -11.388 1.00 66.63 ? 188 TYR A CA    1 
ATOM   1447 C C     . TYR A 1 185 ? -10.906 -4.987  -11.275 1.00 69.15 ? 188 TYR A C     1 
ATOM   1448 O O     . TYR A 1 185 ? -11.087 -4.238  -10.313 1.00 70.26 ? 188 TYR A O     1 
ATOM   1449 C CB    . TYR A 1 185 ? -9.410  -6.588  -10.069 1.00 66.93 ? 188 TYR A CB    1 
ATOM   1450 C CG    . TYR A 1 185 ? -10.602 -7.464  -9.732  1.00 69.09 ? 188 TYR A CG    1 
ATOM   1451 C CD1   . TYR A 1 185 ? -10.848 -8.641  -10.449 1.00 71.41 ? 188 TYR A CD1   1 
ATOM   1452 C CD2   . TYR A 1 185 ? -11.503 -7.101  -8.741  1.00 69.96 ? 188 TYR A CD2   1 
ATOM   1453 C CE1   . TYR A 1 185 ? -11.948 -9.441  -10.172 1.00 71.71 ? 188 TYR A CE1   1 
ATOM   1454 C CE2   . TYR A 1 185 ? -12.613 -7.895  -8.455  1.00 72.75 ? 188 TYR A CE2   1 
ATOM   1455 C CZ    . TYR A 1 185 ? -12.830 -9.065  -9.173  1.00 73.19 ? 188 TYR A CZ    1 
ATOM   1456 O OH    . TYR A 1 185 ? -13.922 -9.856  -8.886  1.00 73.34 ? 188 TYR A OH    1 
ATOM   1457 N N     . GLU A 1 186 ? -11.811 -5.162  -12.240 1.00 71.97 ? 189 GLU A N     1 
ATOM   1458 C CA    . GLU A 1 186 ? -13.197 -4.678  -12.133 1.00 73.66 ? 189 GLU A CA    1 
ATOM   1459 C C     . GLU A 1 186 ? -14.154 -5.860  -11.995 1.00 74.37 ? 189 GLU A C     1 
ATOM   1460 O O     . GLU A 1 186 ? -14.927 -5.943  -11.033 1.00 75.52 ? 189 GLU A O     1 
ATOM   1461 C CB    . GLU A 1 186 ? -13.570 -3.851  -13.365 1.00 74.56 ? 189 GLU A CB    1 
ATOM   1462 C CG    . GLU A 1 186 ? -13.315 -2.355  -13.210 1.00 77.09 ? 189 GLU A CG    1 
ATOM   1463 C CD    . GLU A 1 186 ? -14.591 -1.544  -13.049 1.00 80.12 ? 189 GLU A CD    1 
ATOM   1464 O OE1   . GLU A 1 186 ? -15.387 -1.509  -14.012 1.00 82.53 ? 189 GLU A OE1   1 
ATOM   1465 O OE2   . GLU A 1 186 ? -14.787 -0.929  -11.975 1.00 81.38 ? 189 GLU A OE2   1 
HETATM 1466 P PB    . ANP B 2 .   ? 0.460   -5.835  -8.387  1.00 68.19 ? 300 ANP A PB    1 
HETATM 1467 O O1B   . ANP B 2 .   ? 0.949   -7.260  -8.230  1.00 61.15 ? 300 ANP A O1B   1 
HETATM 1468 O O2B   . ANP B 2 .   ? -0.052  -5.067  -7.155  1.00 65.46 ? 300 ANP A O2B   1 
HETATM 1469 N N3B   . ANP B 2 .   ? -0.826  -5.993  -9.566  1.00 65.05 ? 300 ANP A N3B   1 
HETATM 1470 P PA    . ANP B 2 .   ? 2.891   -4.342  -8.209  1.00 50.67 ? 300 ANP A PA    1 
HETATM 1471 O O1A   . ANP B 2 .   ? 3.349   -5.306  -7.146  1.00 42.67 ? 300 ANP A O1A   1 
HETATM 1472 O O2A   . ANP B 2 .   ? 3.946   -3.799  -9.167  1.00 57.96 ? 300 ANP A O2A   1 
HETATM 1473 O O3A   . ANP B 2 .   ? 1.662   -4.951  -9.060  1.00 57.24 ? 300 ANP A O3A   1 
HETATM 1474 O "O5'" . ANP B 2 .   ? 2.310   -3.000  -7.528  1.00 48.48 ? 300 ANP A "O5'" 1 
HETATM 1475 C "C5'" . ANP B 2 .   ? 1.796   -1.954  -8.358  1.00 40.34 ? 300 ANP A "C5'" 1 
HETATM 1476 C "C4'" . ANP B 2 .   ? 1.954   -0.601  -7.687  1.00 39.27 ? 300 ANP A "C4'" 1 
HETATM 1477 O "O4'" . ANP B 2 .   ? 3.271   -0.103  -7.956  1.00 42.87 ? 300 ANP A "O4'" 1 
HETATM 1478 C "C3'" . ANP B 2 .   ? 1.014   0.481   -8.214  1.00 38.66 ? 300 ANP A "C3'" 1 
HETATM 1479 O "O3'" . ANP B 2 .   ? -0.282  0.473   -7.621  1.00 35.90 ? 300 ANP A "O3'" 1 
HETATM 1480 C "C2'" . ANP B 2 .   ? 1.809   1.730   -7.903  1.00 39.99 ? 300 ANP A "C2'" 1 
HETATM 1481 O "O2'" . ANP B 2 .   ? 1.720   2.051   -6.513  1.00 42.51 ? 300 ANP A "O2'" 1 
HETATM 1482 C "C1'" . ANP B 2 .   ? 3.248   1.320   -8.112  1.00 38.92 ? 300 ANP A "C1'" 1 
HETATM 1483 N N9    . ANP B 2 .   ? 3.811   1.585   -9.449  1.00 40.93 ? 300 ANP A N9    1 
HETATM 1484 C C8    . ANP B 2 .   ? 3.336   1.194   -10.655 1.00 39.81 ? 300 ANP A C8    1 
HETATM 1485 N N7    . ANP B 2 .   ? 4.177   1.602   -11.643 1.00 39.45 ? 300 ANP A N7    1 
HETATM 1486 C C5    . ANP B 2 .   ? 5.210   2.264   -11.063 1.00 36.62 ? 300 ANP A C5    1 
HETATM 1487 C C6    . ANP B 2 .   ? 6.447   2.939   -11.513 1.00 35.72 ? 300 ANP A C6    1 
HETATM 1488 N N6    . ANP B 2 .   ? 6.795   3.028   -12.839 1.00 35.01 ? 300 ANP A N6    1 
HETATM 1489 N N1    . ANP B 2 .   ? 7.236   3.464   -10.553 1.00 35.94 ? 300 ANP A N1    1 
HETATM 1490 C C2    . ANP B 2 .   ? 6.949   3.407   -9.246  1.00 37.72 ? 300 ANP A C2    1 
HETATM 1491 N N3    . ANP B 2 .   ? 5.856   2.809   -8.769  1.00 32.02 ? 300 ANP A N3    1 
HETATM 1492 C C4    . ANP B 2 .   ? 4.972   2.232   -9.619  1.00 39.84 ? 300 ANP A C4    1 
HETATM 1493 O O     . HOH C 3 .   ? -7.121  0.782   3.775   1.00 27.95 ? 401 HOH A O     1 
HETATM 1494 O O     . HOH C 3 .   ? 4.245   12.206  -7.317  1.00 20.86 ? 402 HOH A O     1 
HETATM 1495 O O     . HOH C 3 .   ? 5.250   15.420  -8.763  1.00 24.02 ? 403 HOH A O     1 
HETATM 1496 O O     . HOH C 3 .   ? 1.151   1.183   16.697  1.00 57.77 ? 404 HOH A O     1 
HETATM 1497 O O     . HOH C 3 .   ? 7.697   5.587   -5.009  1.00 26.66 ? 405 HOH A O     1 
HETATM 1498 O O     . HOH C 3 .   ? 13.462  3.368   -0.810  1.00 29.74 ? 406 HOH A O     1 
HETATM 1499 O O     . HOH C 3 .   ? 10.675  9.812   -0.129  1.00 34.51 ? 407 HOH A O     1 
HETATM 1500 O O     . HOH C 3 .   ? -18.634 6.111   10.221  0.50 14.44 ? 408 HOH A O     1 
HETATM 1501 O O     . HOH C 3 .   ? 1.101   -0.021  8.352   1.00 38.65 ? 409 HOH A O     1 
HETATM 1502 O O     . HOH C 3 .   ? 16.516  1.421   -7.530  1.00 36.07 ? 410 HOH A O     1 
HETATM 1503 O O     . HOH C 3 .   ? -12.435 12.378  -1.353  1.00 43.28 ? 411 HOH A O     1 
HETATM 1504 O O     . HOH C 3 .   ? -8.848  4.146   3.214   1.00 33.36 ? 412 HOH A O     1 
HETATM 1505 O O     . HOH C 3 .   ? 14.650  -4.824  -8.336  1.00 27.52 ? 413 HOH A O     1 
HETATM 1506 O O     . HOH C 3 .   ? 10.364  -1.843  -16.666 1.00 27.84 ? 414 HOH A O     1 
HETATM 1507 O O     . HOH C 3 .   ? -0.350  13.001  -12.840 1.00 38.59 ? 415 HOH A O     1 
HETATM 1508 O O     . HOH C 3 .   ? 1.491   18.480  1.057   1.00 39.13 ? 416 HOH A O     1 
HETATM 1509 O O     . HOH C 3 .   ? -7.782  1.051   11.109  1.00 51.49 ? 417 HOH A O     1 
HETATM 1510 O O     . HOH C 3 .   ? -2.088  14.980  -8.710  1.00 38.57 ? 418 HOH A O     1 
HETATM 1511 O O     . HOH C 3 .   ? 0.606   6.371   -16.434 0.00 31.81 ? 419 HOH A O     1 
HETATM 1512 O O     . HOH C 3 .   ? -12.889 5.286   -0.261  1.00 34.56 ? 420 HOH A O     1 
HETATM 1513 O O     . HOH C 3 .   ? 7.961   -12.064 -3.082  1.00 35.46 ? 421 HOH A O     1 
HETATM 1514 O O     . HOH C 3 .   ? 13.993  -5.012  -15.709 1.00 36.83 ? 422 HOH A O     1 
HETATM 1515 O O     . HOH C 3 .   ? 18.642  -7.978  0.740   1.00 40.05 ? 423 HOH A O     1 
HETATM 1516 O O     . HOH C 3 .   ? 15.592  3.058   -16.930 1.00 32.25 ? 424 HOH A O     1 
HETATM 1517 O O     . HOH C 3 .   ? 18.292  -0.507  -6.818  1.00 33.89 ? 425 HOH A O     1 
HETATM 1518 O O     . HOH C 3 .   ? -15.676 -11.303 7.995   0.00 58.16 ? 426 HOH A O     1 
HETATM 1519 O O     . HOH C 3 .   ? 0.917   1.083   -2.972  1.00 28.37 ? 427 HOH A O     1 
HETATM 1520 O O     . HOH C 3 .   ? 9.225   -5.123  -16.022 1.00 37.45 ? 428 HOH A O     1 
HETATM 1521 O O     . HOH C 3 .   ? 7.856   17.608  -3.741  1.00 41.56 ? 429 HOH A O     1 
HETATM 1522 O O     . HOH C 3 .   ? -5.464  -1.807  -1.102  1.00 34.93 ? 430 HOH A O     1 
HETATM 1523 O O     . HOH C 3 .   ? -9.278  11.841  -8.212  1.00 35.80 ? 431 HOH A O     1 
HETATM 1524 O O     . HOH C 3 .   ? -18.740 7.409   0.802   1.00 38.70 ? 432 HOH A O     1 
HETATM 1525 O O     . HOH C 3 .   ? 3.619   8.908   -15.291 1.00 29.70 ? 433 HOH A O     1 
HETATM 1526 O O     . HOH C 3 .   ? 9.494   -14.187 -3.971  1.00 32.31 ? 434 HOH A O     1 
HETATM 1527 O O     . HOH C 3 .   ? 9.449   10.431  -13.305 1.00 29.72 ? 435 HOH A O     1 
HETATM 1528 O O     . HOH C 3 .   ? 14.558  -6.055  6.435   1.00 35.27 ? 436 HOH A O     1 
HETATM 1529 O O     . HOH C 3 .   ? -10.921 5.929   -12.044 1.00 40.10 ? 437 HOH A O     1 
HETATM 1530 O O     . HOH C 3 .   ? 9.243   9.823   6.785   1.00 32.21 ? 438 HOH A O     1 
HETATM 1531 O O     . HOH C 3 .   ? 0.416   16.857  8.693   1.00 40.42 ? 439 HOH A O     1 
HETATM 1532 O O     . HOH C 3 .   ? 11.694  -13.675 -5.478  1.00 42.47 ? 440 HOH A O     1 
HETATM 1533 O O     . HOH C 3 .   ? -15.452 6.724   11.194  1.00 32.06 ? 441 HOH A O     1 
HETATM 1534 O O     . HOH C 3 .   ? -5.951  0.375   6.058   1.00 33.25 ? 442 HOH A O     1 
HETATM 1535 O O     . HOH C 3 .   ? -3.812  2.605   12.576  1.00 38.15 ? 443 HOH A O     1 
HETATM 1536 O O     . HOH C 3 .   ? 0.230   20.515  -3.961  1.00 72.30 ? 444 HOH A O     1 
HETATM 1537 O O     . HOH C 3 .   ? -10.615 10.314  12.706  1.00 37.78 ? 445 HOH A O     1 
HETATM 1538 O O     . HOH C 3 .   ? 15.989  5.955   8.758   1.00 56.78 ? 446 HOH A O     1 
HETATM 1539 O O     . HOH C 3 .   ? -24.947 1.169   7.961   1.00 34.65 ? 447 HOH A O     1 
HETATM 1540 O O     . HOH C 3 .   ? -17.616 10.798  -1.676  1.00 44.41 ? 448 HOH A O     1 
HETATM 1541 O O     . HOH C 3 .   ? 10.386  11.851  -3.724  1.00 39.24 ? 449 HOH A O     1 
HETATM 1542 O O     . HOH C 3 .   ? -20.758 -0.226  2.392   1.00 39.48 ? 450 HOH A O     1 
HETATM 1543 O O     . HOH C 3 .   ? -1.333  12.692  -10.526 1.00 38.76 ? 451 HOH A O     1 
HETATM 1544 O O     . HOH C 3 .   ? 5.404   -10.476 9.462   1.00 48.24 ? 452 HOH A O     1 
HETATM 1545 O O     . HOH C 3 .   ? 10.271  -6.734  -14.034 1.00 38.48 ? 453 HOH A O     1 
HETATM 1546 O O     . HOH C 3 .   ? 9.880   14.437  -3.570  1.00 39.29 ? 454 HOH A O     1 
HETATM 1547 O O     . HOH C 3 .   ? -12.456 12.976  1.291   1.00 60.51 ? 455 HOH A O     1 
HETATM 1548 O O     . HOH C 3 .   ? 2.488   -18.537 -6.647  1.00 58.14 ? 456 HOH A O     1 
HETATM 1549 O O     . HOH C 3 .   ? 3.390   0.011   -3.674  1.00 31.74 ? 457 HOH A O     1 
HETATM 1550 O O     . HOH C 3 .   ? 14.962  8.436   8.493   1.00 59.05 ? 458 HOH A O     1 
HETATM 1551 O O     . HOH C 3 .   ? -3.462  -2.102  12.964  1.00 38.69 ? 459 HOH A O     1 
HETATM 1552 O O     . HOH C 3 .   ? 15.030  -5.331  -13.140 1.00 55.04 ? 460 HOH A O     1 
HETATM 1553 O O     . HOH C 3 .   ? 1.557   18.887  7.276   1.00 44.38 ? 461 HOH A O     1 
HETATM 1554 O O     . HOH C 3 .   ? -11.292 -16.495 -1.592  1.00 58.33 ? 462 HOH A O     1 
HETATM 1555 O O     . HOH C 3 .   ? 5.466   -1.338  -2.030  1.00 28.39 ? 463 HOH A O     1 
HETATM 1556 O O     . HOH C 3 .   ? -9.870  2.483   7.461   1.00 34.01 ? 464 HOH A O     1 
HETATM 1557 O O     . HOH C 3 .   ? 11.108  -8.484  7.673   1.00 43.06 ? 465 HOH A O     1 
HETATM 1558 O O     . HOH C 3 .   ? -15.305 2.095   -5.653  1.00 41.18 ? 466 HOH A O     1 
HETATM 1559 O O     . HOH C 3 .   ? 6.897   17.542  7.598   1.00 49.93 ? 467 HOH A O     1 
HETATM 1560 O O     . HOH C 3 .   ? 9.560   -5.098  10.738  1.00 34.74 ? 468 HOH A O     1 
HETATM 1561 O O     . HOH C 3 .   ? 16.196  -11.136 -11.087 1.00 52.78 ? 469 HOH A O     1 
HETATM 1562 O O     . HOH C 3 .   ? 6.696   14.334  1.104   1.00 36.76 ? 470 HOH A O     1 
HETATM 1563 O O     . HOH C 3 .   ? -4.499  15.168  11.919  1.00 53.54 ? 471 HOH A O     1 
HETATM 1564 O O     . HOH C 3 .   ? 9.328   11.591  -1.287  1.00 38.43 ? 472 HOH A O     1 
HETATM 1565 O O     . HOH C 3 .   ? -7.489  1.693   8.175   1.00 39.36 ? 473 HOH A O     1 
HETATM 1566 O O     . HOH C 3 .   ? -10.620 1.938   1.875   1.00 58.93 ? 474 HOH A O     1 
HETATM 1567 O O     . HOH C 3 .   ? 7.877   20.864  -6.667  1.00 49.54 ? 475 HOH A O     1 
HETATM 1568 O O     . HOH C 3 .   ? -8.290  -0.081  1.765   1.00 58.02 ? 476 HOH A O     1 
HETATM 1569 O O     . HOH C 3 .   ? 8.619   5.564   -12.213 1.00 43.31 ? 477 HOH A O     1 
HETATM 1570 O O     . HOH C 3 .   ? 12.874  -4.510  7.715   1.00 38.82 ? 478 HOH A O     1 
HETATM 1571 O O     . HOH C 3 .   ? 4.840   21.674  -2.121  1.00 56.60 ? 479 HOH A O     1 
HETATM 1572 O O     . HOH C 3 .   ? -15.602 -3.969  -1.128  1.00 43.71 ? 480 HOH A O     1 
HETATM 1573 O O     . HOH C 3 .   ? 1.112   -2.509  8.349   1.00 42.38 ? 481 HOH A O     1 
HETATM 1574 O O     . HOH C 3 .   ? 22.039  -7.186  -9.141  1.00 46.60 ? 482 HOH A O     1 
HETATM 1575 O O     . HOH C 3 .   ? -4.359  0.258   13.585  1.00 39.90 ? 483 HOH A O     1 
HETATM 1576 O O     . HOH C 3 .   ? -4.529  -3.095  -7.599  1.00 45.76 ? 484 HOH A O     1 
HETATM 1577 O O     . HOH C 3 .   ? -9.051  7.162   -14.048 1.00 43.45 ? 485 HOH A O     1 
HETATM 1578 O O     . HOH C 3 .   ? -2.160  14.318  -15.921 1.00 48.08 ? 486 HOH A O     1 
HETATM 1579 O O     . HOH C 3 .   ? 10.753  -13.070 3.669   1.00 43.07 ? 487 HOH A O     1 
HETATM 1580 O O     . HOH C 3 .   ? 14.474  -1.252  11.354  1.00 44.80 ? 488 HOH A O     1 
HETATM 1581 O O     . HOH C 3 .   ? 11.540  11.410  6.305   1.00 39.34 ? 489 HOH A O     1 
HETATM 1582 O O     . HOH C 3 .   ? 8.746   5.492   13.175  1.00 48.39 ? 490 HOH A O     1 
HETATM 1583 O O     . HOH C 3 .   ? -12.874 14.622  6.629   1.00 53.68 ? 491 HOH A O     1 
HETATM 1584 O O     . HOH C 3 .   ? 7.405   17.395  1.071   1.00 52.90 ? 492 HOH A O     1 
HETATM 1585 O O     . HOH C 3 .   ? -12.005 14.166  -4.898  1.00 45.91 ? 493 HOH A O     1 
HETATM 1586 O O     . HOH C 3 .   ? 0.085   4.116   -16.744 0.00 52.26 ? 494 HOH A O     1 
HETATM 1587 O O     . HOH C 3 .   ? 7.347   9.081   14.120  1.00 46.77 ? 495 HOH A O     1 
HETATM 1588 O O     . HOH C 3 .   ? 3.956   3.282   13.544  1.00 56.24 ? 496 HOH A O     1 
HETATM 1589 O O     . HOH C 3 .   ? 16.277  -7.529  8.155   1.00 47.97 ? 497 HOH A O     1 
HETATM 1590 O O     . HOH C 3 .   ? 11.346  -7.177  9.768   1.00 50.43 ? 498 HOH A O     1 
HETATM 1591 O O     . HOH C 3 .   ? 20.345  -1.206  6.732   1.00 49.30 ? 499 HOH A O     1 
HETATM 1592 O O     . HOH C 3 .   ? 0.626   -18.863 0.070   1.00 50.99 ? 500 HOH A O     1 
HETATM 1593 O O     . HOH C 3 .   ? -6.853  -17.036 0.274   1.00 41.72 ? 501 HOH A O     1 
HETATM 1594 O O     . HOH C 3 .   ? -19.805 7.507   3.251   1.00 48.16 ? 502 HOH A O     1 
HETATM 1595 O O     . HOH C 3 .   ? 8.669   10.696  -15.652 0.50 57.81 ? 503 HOH A O     1 
HETATM 1596 O O     . HOH C 3 .   ? -8.812  14.483  -6.784  1.00 53.35 ? 504 HOH A O     1 
HETATM 1597 O O     . HOH C 3 .   ? 14.014  6.338   -15.808 1.00 50.20 ? 505 HOH A O     1 
HETATM 1598 O O     . HOH C 3 .   ? 11.013  -14.803 -1.959  1.00 47.37 ? 506 HOH A O     1 
HETATM 1599 O O     . HOH C 3 .   ? -17.059 0.237   -6.462  1.00 46.76 ? 507 HOH A O     1 
HETATM 1600 O O     . HOH C 3 .   ? -13.116 -2.938  -16.337 1.00 67.94 ? 508 HOH A O     1 
HETATM 1601 O O     . HOH C 3 .   ? -6.201  0.491   0.632   1.00 49.72 ? 509 HOH A O     1 
HETATM 1602 O O     . HOH C 3 .   ? 13.018  -8.084  5.573   1.00 42.90 ? 510 HOH A O     1 
HETATM 1603 O O     . HOH C 3 .   ? 12.908  10.753  1.352   1.00 53.93 ? 511 HOH A O     1 
HETATM 1604 O O     . HOH C 3 .   ? -1.319  -11.778 8.413   1.00 42.88 ? 512 HOH A O     1 
HETATM 1605 O O     . HOH C 3 .   ? -17.175 9.975   0.642   1.00 41.98 ? 513 HOH A O     1 
HETATM 1606 O O     . HOH C 3 .   ? -4.928  4.014   14.878  1.00 46.01 ? 514 HOH A O     1 
HETATM 1607 O O     . HOH C 3 .   ? 8.671   -5.241  13.449  1.00 53.04 ? 515 HOH A O     1 
HETATM 1608 O O     . HOH C 3 .   ? 4.376   -17.855 1.537   1.00 46.53 ? 516 HOH A O     1 
HETATM 1609 O O     . HOH C 3 .   ? -9.139  11.536  -13.859 1.00 55.80 ? 517 HOH A O     1 
HETATM 1610 O O     . HOH C 3 .   ? 1.468   -1.263  15.890  1.00 47.54 ? 518 HOH A O     1 
HETATM 1611 O O     . HOH C 3 .   ? -6.817  -0.430  12.638  1.00 43.09 ? 519 HOH A O     1 
HETATM 1612 O O     . HOH C 3 .   ? -14.267 8.177   13.108  1.00 45.83 ? 520 HOH A O     1 
HETATM 1613 O O     . HOH C 3 .   ? 20.709  -4.110  7.668   1.00 54.08 ? 521 HOH A O     1 
HETATM 1614 O O     . HOH C 3 .   ? 8.019   -10.814 9.098   1.00 52.43 ? 522 HOH A O     1 
HETATM 1615 O O     . HOH C 3 .   ? -0.266  -20.777 -3.546  1.00 56.91 ? 523 HOH A O     1 
HETATM 1616 O O     . HOH C 3 .   ? 7.853   -18.871 -3.260  1.00 59.90 ? 524 HOH A O     1 
HETATM 1617 O O     . HOH C 3 .   ? 22.271  -10.142 -0.603  1.00 53.77 ? 525 HOH A O     1 
HETATM 1618 O O     . HOH C 3 .   ? -13.288 6.418   14.606  1.00 53.78 ? 526 HOH A O     1 
HETATM 1619 O O     . HOH C 3 .   ? -12.554 7.906   -9.218  1.00 56.06 ? 527 HOH A O     1 
HETATM 1620 O O     . HOH C 3 .   ? -15.230 12.493  4.421   1.00 50.83 ? 528 HOH A O     1 
HETATM 1621 O O     . HOH C 3 .   ? -4.899  -1.831  -15.247 1.00 59.07 ? 529 HOH A O     1 
HETATM 1622 O O     . HOH C 3 .   ? 0.680   16.812  11.529  1.00 56.64 ? 530 HOH A O     1 
HETATM 1623 O O     . HOH C 3 .   ? -10.167 8.434   14.659  1.00 52.61 ? 531 HOH A O     1 
HETATM 1624 O O     . HOH C 3 .   ? -2.678  16.575  7.681   1.00 63.96 ? 532 HOH A O     1 
HETATM 1625 O O     . HOH C 3 .   ? -24.188 2.559   -0.933  1.00 52.24 ? 533 HOH A O     1 
HETATM 1626 O O     . HOH C 3 .   ? 5.784   -5.955  -9.476  1.00 47.56 ? 534 HOH A O     1 
HETATM 1627 O O     . HOH C 3 .   ? -9.921  -13.285 13.572  1.00 55.87 ? 535 HOH A O     1 
HETATM 1628 O O     . HOH C 3 .   ? 12.054  12.315  3.726   1.00 50.25 ? 536 HOH A O     1 
HETATM 1629 O O     . HOH C 3 .   ? -14.019 2.929   -11.171 1.00 60.75 ? 537 HOH A O     1 
HETATM 1630 O O     . HOH C 3 .   ? 19.273  -6.233  7.091   1.00 58.14 ? 538 HOH A O     1 
HETATM 1631 O O     . HOH C 3 .   ? 9.060   -16.627 -5.399  1.00 55.54 ? 539 HOH A O     1 
HETATM 1632 O O     . HOH C 3 .   ? 9.727   -3.040  14.544  1.00 60.94 ? 540 HOH A O     1 
HETATM 1633 O O     . HOH C 3 .   ? -2.399  -11.028 10.987  1.00 64.18 ? 541 HOH A O     1 
HETATM 1634 O O     . HOH C 3 .   ? 16.107  -9.940  -0.967  1.00 42.34 ? 542 HOH A O     1 
HETATM 1635 O O     . HOH C 3 .   ? -3.783  11.900  -18.810 1.00 59.30 ? 543 HOH A O     1 
HETATM 1636 O O     . HOH C 3 .   ? 4.117   0.169   15.219  1.00 53.06 ? 544 HOH A O     1 
HETATM 1637 O O     . HOH C 3 .   ? -8.670  1.061   -16.338 1.00 62.80 ? 545 HOH A O     1 
HETATM 1638 O O     . HOH C 3 .   ? 9.020   16.647  5.694   1.00 54.54 ? 546 HOH A O     1 
HETATM 1639 O O     . HOH C 3 .   ? -17.714 5.330   -4.918  1.00 53.38 ? 547 HOH A O     1 
HETATM 1640 O O     . HOH C 3 .   ? -8.258  16.416  5.723   1.00 52.62 ? 548 HOH A O     1 
HETATM 1641 O O     . HOH C 3 .   ? -7.720  -8.607  -12.938 1.00 68.70 ? 549 HOH A O     1 
HETATM 1642 O O     . HOH C 3 .   ? 10.307  6.810   -16.749 1.00 64.17 ? 550 HOH A O     1 
HETATM 1643 O O     . HOH C 3 .   ? 8.043   5.369   -15.171 1.00 55.54 ? 551 HOH A O     1 
HETATM 1644 O O     . HOH C 3 .   ? -9.658  2.202   4.824   1.00 52.66 ? 552 HOH A O     1 
HETATM 1645 O O     . HOH C 3 .   ? -5.413  -15.237 4.366   1.00 61.45 ? 553 HOH A O     1 
HETATM 1646 O O     . HOH C 3 .   ? -14.025 -1.173  -9.054  1.00 55.40 ? 554 HOH A O     1 
HETATM 1647 O O     . HOH C 3 .   ? -8.036  8.528   -17.936 1.00 56.29 ? 555 HOH A O     1 
HETATM 1648 O O     . HOH C 3 .   ? -13.661 -11.451 13.778  1.00 58.07 ? 556 HOH A O     1 
HETATM 1649 O O     . HOH C 3 .   ? 9.152   14.764  4.263   1.00 58.30 ? 557 HOH A O     1 
HETATM 1650 O O     . HOH C 3 .   ? -9.868  -6.028  -17.349 1.00 59.71 ? 558 HOH A O     1 
HETATM 1651 O O     . HOH C 3 .   ? 7.522   -17.200 -7.851  1.00 55.00 ? 559 HOH A O     1 
HETATM 1652 O O     . HOH C 3 .   ? -2.587  -1.143  -13.802 1.00 52.02 ? 560 HOH A O     1 
HETATM 1653 O O     . HOH C 3 .   ? -2.844  -14.152 7.520   1.00 57.31 ? 561 HOH A O     1 
HETATM 1654 O O     . HOH C 3 .   ? 0.388   20.558  0.506   1.00 55.35 ? 562 HOH A O     1 
HETATM 1655 O O     . HOH C 3 .   ? 3.203   -0.093  -16.349 1.00 47.87 ? 563 HOH A O     1 
HETATM 1656 O O     . HOH C 3 .   ? 1.429   13.129  14.279  1.00 50.33 ? 564 HOH A O     1 
HETATM 1657 O O     . HOH C 3 .   ? 10.554  4.518   -19.618 1.00 58.85 ? 565 HOH A O     1 
HETATM 1658 O O     . HOH C 3 .   ? 1.298   -15.075 -9.953  1.00 63.61 ? 566 HOH A O     1 
HETATM 1659 O O     . HOH C 3 .   ? -8.442  14.006  11.992  1.00 56.17 ? 567 HOH A O     1 
HETATM 1660 O O     . HOH C 3 .   ? -6.846  16.205  -7.396  1.00 57.70 ? 568 HOH A O     1 
HETATM 1661 O O     . HOH C 3 .   ? 7.942   2.222   12.998  1.00 59.06 ? 569 HOH A O     1 
HETATM 1662 O O     . HOH C 3 .   ? -4.619  16.054  -8.860  1.00 58.10 ? 570 HOH A O     1 
HETATM 1663 O O     . HOH C 3 .   ? 11.628  -11.010 -11.687 1.00 60.04 ? 571 HOH A O     1 
HETATM 1664 O O     . HOH C 3 .   ? 7.008   -9.811  -10.975 1.00 52.26 ? 572 HOH A O     1 
HETATM 1665 O O     . HOH C 3 .   ? -11.017 -6.387  -15.023 1.00 61.16 ? 573 HOH A O     1 
HETATM 1666 O O     . HOH C 3 .   ? 10.688  14.180  2.366   1.00 48.66 ? 574 HOH A O     1 
HETATM 1667 O O     . HOH C 3 .   ? -15.090 4.878   -7.324  1.00 61.44 ? 575 HOH A O     1 
HETATM 1668 O O     . HOH C 3 .   ? -18.129 9.393   -4.090  1.00 62.67 ? 576 HOH A O     1 
HETATM 1669 O O     . HOH C 3 .   ? -7.175  -5.897  -16.556 1.00 63.05 ? 577 HOH A O     1 
HETATM 1670 O O     . HOH C 3 .   ? -4.887  13.152  -16.414 1.00 65.38 ? 578 HOH A O     1 
HETATM 1671 O O     . HOH C 3 .   ? 0.959   -3.585  -12.120 1.00 57.53 ? 579 HOH A O     1 
HETATM 1672 O O     . HOH C 3 .   ? -1.642  -2.791  16.324  1.00 57.91 ? 580 HOH A O     1 
HETATM 1673 O O     . HOH C 3 .   ? -8.605  -2.310  -14.198 1.00 56.07 ? 581 HOH A O     1 
HETATM 1674 O O     . HOH C 3 .   ? -11.393 -14.615 3.079   1.00 61.62 ? 582 HOH A O     1 
HETATM 1675 O O     . HOH C 3 .   ? -13.861 0.403   13.932  1.00 65.46 ? 583 HOH A O     1 
HETATM 1676 O O     . HOH C 3 .   ? -4.247  -9.657  12.004  1.00 55.88 ? 584 HOH A O     1 
# 
loop_
_pdbx_poly_seq_scheme.asym_id 
_pdbx_poly_seq_scheme.entity_id 
_pdbx_poly_seq_scheme.seq_id 
_pdbx_poly_seq_scheme.mon_id 
_pdbx_poly_seq_scheme.ndb_seq_num 
_pdbx_poly_seq_scheme.pdb_seq_num 
_pdbx_poly_seq_scheme.auth_seq_num 
_pdbx_poly_seq_scheme.pdb_mon_id 
_pdbx_poly_seq_scheme.auth_mon_id 
_pdbx_poly_seq_scheme.pdb_strand_id 
_pdbx_poly_seq_scheme.pdb_ins_code 
_pdbx_poly_seq_scheme.hetero 
A 1 1   MET 1   4   ?   ?   ?   A . n 
A 1 2   HIS 2   5   ?   ?   ?   A . n 
A 1 3   HIS 3   6   ?   ?   ?   A . n 
A 1 4   HIS 4   7   ?   ?   ?   A . n 
A 1 5   HIS 5   8   ?   ?   ?   A . n 
A 1 6   HIS 6   9   ?   ?   ?   A . n 
A 1 7   HIS 7   10  ?   ?   ?   A . n 
A 1 8   MET 8   11  ?   ?   ?   A . n 
A 1 9   LYS 9   12  12  LYS LYS A . n 
A 1 10  SER 10  13  13  SER SER A . n 
A 1 11  ILE 11  14  14  ILE ILE A . n 
A 1 12  ASP 12  15  15  ASP ASP A . n 
A 1 13  GLU 13  16  16  GLU GLU A . n 
A 1 14  GLN 14  17  17  GLN GLN A . n 
A 1 15  SER 15  18  18  SER SER A . n 
A 1 16  LEU 16  19  19  LEU LEU A . n 
A 1 17  HIS 17  20  20  HIS HIS A . n 
A 1 18  ASN 18  21  21  ASN ASN A . n 
A 1 19  ALA 19  22  22  ALA ALA A . n 
A 1 20  ARG 20  23  23  ARG ARG A . n 
A 1 21  ARG 21  24  24  ARG ARG A . n 
A 1 22  LEU 22  25  25  LEU LEU A . n 
A 1 23  PHE 23  26  26  PHE PHE A . n 
A 1 24  GLU 24  27  27  GLU GLU A . n 
A 1 25  SER 25  28  28  SER SER A . n 
A 1 26  GLY 26  29  29  GLY GLY A . n 
A 1 27  ASP 27  30  30  ASP ASP A . n 
A 1 28  ILE 28  31  31  ILE ILE A . n 
A 1 29  ASP 29  32  32  ASP ASP A . n 
A 1 30  ARG 30  33  33  ARG ARG A . n 
A 1 31  ILE 31  34  34  ILE ILE A . n 
A 1 32  GLU 32  35  35  GLU GLU A . n 
A 1 33  VAL 33  36  36  VAL VAL A . n 
A 1 34  GLY 34  37  37  GLY GLY A . n 
A 1 35  THR 35  38  38  THR THR A . n 
A 1 36  THR 36  39  39  THR THR A . n 
A 1 37  ALA 37  40  40  ALA ALA A . n 
A 1 38  GLY 38  41  41  GLY GLY A . n 
A 1 39  LEU 39  42  42  LEU LEU A . n 
A 1 40  GLN 40  43  43  GLN GLN A . n 
A 1 41  GLN 41  44  44  GLN GLN A . n 
A 1 42  ILE 42  45  45  ILE ILE A . n 
A 1 43  HIS 43  46  46  HIS HIS A . n 
A 1 44  ARG 44  47  47  ARG ARG A . n 
A 1 45  TYR 45  48  48  TYR TYR A . n 
A 1 46  LEU 46  49  49  LEU LEU A . n 
A 1 47  PHE 47  50  50  PHE PHE A . n 
A 1 48  GLY 48  51  51  GLY GLY A . n 
A 1 49  GLY 49  52  52  GLY GLY A . n 
A 1 50  LEU 50  53  53  LEU LEU A . n 
A 1 51  TYR 51  54  54  TYR TYR A . n 
A 1 52  ASP 52  55  55  ASP ASP A . n 
A 1 53  PHE 53  56  56  PHE PHE A . n 
A 1 54  ALA 54  57  57  ALA ALA A . n 
A 1 55  GLY 55  58  58  GLY GLY A . n 
A 1 56  GLN 56  59  59  GLN GLN A . n 
A 1 57  ILE 57  60  60  ILE ILE A . n 
A 1 58  ARG 58  61  61  ARG ARG A . n 
A 1 59  GLU 59  62  62  GLU GLU A . n 
A 1 60  ASP 60  63  63  ASP ASP A . n 
A 1 61  ASN 61  64  64  ASN ASN A . n 
A 1 62  ILE 62  65  65  ILE ILE A . n 
A 1 63  SER 63  66  66  SER SER A . n 
A 1 64  LYS 64  67  67  LYS LYS A . n 
A 1 65  GLY 65  68  68  GLY GLY A . n 
A 1 66  GLY 66  69  69  GLY GLY A . n 
A 1 67  PHE 67  70  70  PHE PHE A . n 
A 1 68  ARG 68  71  71  ARG ARG A . n 
A 1 69  PHE 69  72  72  PHE PHE A . n 
A 1 70  ALA 70  73  73  ALA ALA A . n 
A 1 71  ASN 71  74  74  ASN ASN A . n 
A 1 72  ALA 72  75  75  ALA ALA A . n 
A 1 73  MET 73  76  76  MET MET A . n 
A 1 74  TYR 74  77  77  TYR TYR A . n 
A 1 75  LEU 75  78  78  LEU LEU A . n 
A 1 76  LYS 76  79  79  LYS LYS A . n 
A 1 77  GLU 77  80  80  GLU GLU A . n 
A 1 78  ALA 78  81  81  ALA ALA A . n 
A 1 79  LEU 79  82  82  LEU LEU A . n 
A 1 80  VAL 80  83  83  VAL VAL A . n 
A 1 81  LYS 81  84  84  LYS LYS A . n 
A 1 82  ILE 82  85  85  ILE ILE A . n 
A 1 83  GLU 83  86  86  GLU GLU A . n 
A 1 84  GLN 84  87  87  GLN GLN A . n 
A 1 85  MET 85  88  88  MET MET A . n 
A 1 86  PRO 86  89  89  PRO PRO A . n 
A 1 87  GLU 87  90  90  GLU GLU A . n 
A 1 88  ARG 88  91  91  ARG ARG A . n 
A 1 89  THR 89  92  92  THR THR A . n 
A 1 90  PHE 90  93  93  PHE PHE A . n 
A 1 91  GLU 91  94  94  GLU GLU A . n 
A 1 92  GLU 92  95  95  GLU GLU A . n 
A 1 93  ILE 93  96  96  ILE ILE A . n 
A 1 94  ILE 94  97  97  ILE ILE A . n 
A 1 95  ALA 95  98  98  ALA ALA A . n 
A 1 96  LYS 96  99  99  LYS LYS A . n 
A 1 97  TYR 97  100 100 TYR TYR A . n 
A 1 98  VAL 98  101 101 VAL VAL A . n 
A 1 99  GLU 99  102 102 GLU GLU A . n 
A 1 100 MET 100 103 103 MET MET A . n 
A 1 101 ASN 101 104 104 ASN ASN A . n 
A 1 102 ILE 102 105 105 ILE ILE A . n 
A 1 103 ALA 103 106 106 ALA ALA A . n 
A 1 104 HIS 104 107 107 HIS HIS A . n 
A 1 105 PRO 105 108 108 PRO PRO A . n 
A 1 106 PHE 106 109 109 PHE PHE A . n 
A 1 107 LEU 107 110 110 LEU LEU A . n 
A 1 108 GLU 108 111 111 GLU GLU A . n 
A 1 109 GLY 109 112 112 GLY GLY A . n 
A 1 110 ASN 110 113 113 ASN ASN A . n 
A 1 111 GLY 111 114 114 GLY GLY A . n 
A 1 112 ARG 112 115 115 ARG ARG A . n 
A 1 113 SER 113 116 116 SER SER A . n 
A 1 114 THR 114 117 117 THR THR A . n 
A 1 115 ARG 115 118 118 ARG ARG A . n 
A 1 116 ILE 116 119 119 ILE ILE A . n 
A 1 117 TRP 117 120 120 TRP TRP A . n 
A 1 118 LEU 118 121 121 LEU LEU A . n 
A 1 119 ASP 119 122 122 ASP ASP A . n 
A 1 120 LEU 120 123 123 LEU LEU A . n 
A 1 121 VAL 121 124 124 VAL VAL A . n 
A 1 122 LEU 122 125 125 LEU LEU A . n 
A 1 123 LYS 123 126 126 LYS LYS A . n 
A 1 124 LYS 124 127 127 LYS LYS A . n 
A 1 125 ASN 125 128 128 ASN ASN A . n 
A 1 126 LEU 126 129 129 LEU LEU A . n 
A 1 127 LYS 127 130 130 LYS LYS A . n 
A 1 128 LYS 128 131 131 LYS LYS A . n 
A 1 129 VAL 129 132 132 VAL VAL A . n 
A 1 130 VAL 130 133 133 VAL VAL A . n 
A 1 131 ASN 131 134 134 ASN ASN A . n 
A 1 132 TRP 132 135 135 TRP TRP A . n 
A 1 133 GLN 133 136 136 GLN GLN A . n 
A 1 134 ASN 134 137 137 ASN ASN A . n 
A 1 135 VAL 135 138 138 VAL VAL A . n 
A 1 136 SER 136 139 139 SER SER A . n 
A 1 137 LYS 137 140 140 LYS LYS A . n 
A 1 138 THR 138 141 141 THR THR A . n 
A 1 139 LEU 139 142 142 LEU LEU A . n 
A 1 140 TYR 140 143 143 TYR TYR A . n 
A 1 141 LEU 141 144 144 LEU LEU A . n 
A 1 142 GLN 142 145 145 GLN GLN A . n 
A 1 143 ALA 143 146 146 ALA ALA A . n 
A 1 144 MET 144 147 147 MET MET A . n 
A 1 145 GLU 145 148 148 GLU GLU A . n 
A 1 146 ARG 146 149 149 ARG ARG A . n 
A 1 147 SER 147 150 150 SER SER A . n 
A 1 148 PRO 148 151 151 PRO PRO A . n 
A 1 149 VAL 149 152 152 VAL VAL A . n 
A 1 150 ASN 150 153 153 ASN ASN A . n 
A 1 151 ASP 151 154 154 ASP ASP A . n 
A 1 152 LEU 152 155 155 LEU LEU A . n 
A 1 153 GLU 153 156 156 GLU GLU A . n 
A 1 154 LEU 154 157 157 LEU LEU A . n 
A 1 155 ARG 155 158 158 ARG ARG A . n 
A 1 156 PHE 156 159 159 PHE PHE A . n 
A 1 157 LEU 157 160 160 LEU LEU A . n 
A 1 158 LEU 158 161 161 LEU LEU A . n 
A 1 159 LYS 159 162 162 LYS LYS A . n 
A 1 160 ASP 160 163 163 ASP ASP A . n 
A 1 161 ASN 161 164 164 ASN ASN A . n 
A 1 162 LEU 162 165 165 LEU LEU A . n 
A 1 163 THR 163 166 166 THR THR A . n 
A 1 164 ASP 164 167 167 ASP ASP A . n 
A 1 165 ASP 165 168 168 ASP ASP A . n 
A 1 166 VAL 166 169 169 VAL VAL A . n 
A 1 167 ASP 167 170 170 ASP ASP A . n 
A 1 168 ASN 168 171 171 ASN ASN A . n 
A 1 169 ARG 169 172 172 ARG ARG A . n 
A 1 170 GLU 170 173 173 GLU GLU A . n 
A 1 171 ILE 171 174 174 ILE ILE A . n 
A 1 172 ILE 172 175 175 ILE ILE A . n 
A 1 173 PHE 173 176 176 PHE PHE A . n 
A 1 174 LYS 174 177 177 LYS LYS A . n 
A 1 175 GLY 175 178 178 GLY GLY A . n 
A 1 176 ILE 176 179 179 ILE ILE A . n 
A 1 177 GLU 177 180 180 GLU GLU A . n 
A 1 178 GLN 178 181 181 GLN GLN A . n 
A 1 179 SER 179 182 182 SER SER A . n 
A 1 180 TYR 180 183 183 TYR TYR A . n 
A 1 181 TYR 181 184 184 TYR TYR A . n 
A 1 182 TYR 182 185 185 TYR TYR A . n 
A 1 183 GLU 183 186 186 GLU GLU A . n 
A 1 184 GLY 184 187 187 GLY GLY A . n 
A 1 185 TYR 185 188 188 TYR TYR A . n 
A 1 186 GLU 186 189 189 GLU GLU A . n 
A 1 187 LYS 187 190 ?   ?   ?   A . n 
A 1 188 GLY 188 191 ?   ?   ?   A . n 
# 
loop_
_pdbx_nonpoly_scheme.asym_id 
_pdbx_nonpoly_scheme.entity_id 
_pdbx_nonpoly_scheme.mon_id 
_pdbx_nonpoly_scheme.ndb_seq_num 
_pdbx_nonpoly_scheme.pdb_seq_num 
_pdbx_nonpoly_scheme.auth_seq_num 
_pdbx_nonpoly_scheme.pdb_mon_id 
_pdbx_nonpoly_scheme.auth_mon_id 
_pdbx_nonpoly_scheme.pdb_strand_id 
_pdbx_nonpoly_scheme.pdb_ins_code 
B 2 ANP 1   300 300 ANP ANP A . 
C 3 HOH 1   401 1   HOH HOH A . 
C 3 HOH 2   402 2   HOH HOH A . 
C 3 HOH 3   403 5   HOH HOH A . 
C 3 HOH 4   404 193 HOH HOH A . 
C 3 HOH 5   405 6   HOH HOH A . 
C 3 HOH 6   406 7   HOH HOH A . 
C 3 HOH 7   407 8   HOH HOH A . 
C 3 HOH 8   408 9   HOH HOH A . 
C 3 HOH 9   409 10  HOH HOH A . 
C 3 HOH 10  410 11  HOH HOH A . 
C 3 HOH 11  411 12  HOH HOH A . 
C 3 HOH 12  412 13  HOH HOH A . 
C 3 HOH 13  413 14  HOH HOH A . 
C 3 HOH 14  414 15  HOH HOH A . 
C 3 HOH 15  415 16  HOH HOH A . 
C 3 HOH 16  416 17  HOH HOH A . 
C 3 HOH 17  417 18  HOH HOH A . 
C 3 HOH 18  418 19  HOH HOH A . 
C 3 HOH 19  419 20  HOH HOH A . 
C 3 HOH 20  420 21  HOH HOH A . 
C 3 HOH 21  421 22  HOH HOH A . 
C 3 HOH 22  422 23  HOH HOH A . 
C 3 HOH 23  423 24  HOH HOH A . 
C 3 HOH 24  424 25  HOH HOH A . 
C 3 HOH 25  425 26  HOH HOH A . 
C 3 HOH 26  426 27  HOH HOH A . 
C 3 HOH 27  427 28  HOH HOH A . 
C 3 HOH 28  428 29  HOH HOH A . 
C 3 HOH 29  429 30  HOH HOH A . 
C 3 HOH 30  430 31  HOH HOH A . 
C 3 HOH 31  431 32  HOH HOH A . 
C 3 HOH 32  432 33  HOH HOH A . 
C 3 HOH 33  433 34  HOH HOH A . 
C 3 HOH 34  434 35  HOH HOH A . 
C 3 HOH 35  435 36  HOH HOH A . 
C 3 HOH 36  436 37  HOH HOH A . 
C 3 HOH 37  437 38  HOH HOH A . 
C 3 HOH 38  438 39  HOH HOH A . 
C 3 HOH 39  439 40  HOH HOH A . 
C 3 HOH 40  440 41  HOH HOH A . 
C 3 HOH 41  441 42  HOH HOH A . 
C 3 HOH 42  442 43  HOH HOH A . 
C 3 HOH 43  443 44  HOH HOH A . 
C 3 HOH 44  444 45  HOH HOH A . 
C 3 HOH 45  445 46  HOH HOH A . 
C 3 HOH 46  446 47  HOH HOH A . 
C 3 HOH 47  447 48  HOH HOH A . 
C 3 HOH 48  448 49  HOH HOH A . 
C 3 HOH 49  449 50  HOH HOH A . 
C 3 HOH 50  450 51  HOH HOH A . 
C 3 HOH 51  451 52  HOH HOH A . 
C 3 HOH 52  452 54  HOH HOH A . 
C 3 HOH 53  453 55  HOH HOH A . 
C 3 HOH 54  454 56  HOH HOH A . 
C 3 HOH 55  455 57  HOH HOH A . 
C 3 HOH 56  456 58  HOH HOH A . 
C 3 HOH 57  457 59  HOH HOH A . 
C 3 HOH 58  458 60  HOH HOH A . 
C 3 HOH 59  459 61  HOH HOH A . 
C 3 HOH 60  460 62  HOH HOH A . 
C 3 HOH 61  461 63  HOH HOH A . 
C 3 HOH 62  462 64  HOH HOH A . 
C 3 HOH 63  463 65  HOH HOH A . 
C 3 HOH 64  464 66  HOH HOH A . 
C 3 HOH 65  465 67  HOH HOH A . 
C 3 HOH 66  466 68  HOH HOH A . 
C 3 HOH 67  467 69  HOH HOH A . 
C 3 HOH 68  468 70  HOH HOH A . 
C 3 HOH 69  469 71  HOH HOH A . 
C 3 HOH 70  470 72  HOH HOH A . 
C 3 HOH 71  471 74  HOH HOH A . 
C 3 HOH 72  472 75  HOH HOH A . 
C 3 HOH 73  473 76  HOH HOH A . 
C 3 HOH 74  474 77  HOH HOH A . 
C 3 HOH 75  475 78  HOH HOH A . 
C 3 HOH 76  476 79  HOH HOH A . 
C 3 HOH 77  477 80  HOH HOH A . 
C 3 HOH 78  478 81  HOH HOH A . 
C 3 HOH 79  479 82  HOH HOH A . 
C 3 HOH 80  480 83  HOH HOH A . 
C 3 HOH 81  481 84  HOH HOH A . 
C 3 HOH 82  482 85  HOH HOH A . 
C 3 HOH 83  483 86  HOH HOH A . 
C 3 HOH 84  484 87  HOH HOH A . 
C 3 HOH 85  485 88  HOH HOH A . 
C 3 HOH 86  486 89  HOH HOH A . 
C 3 HOH 87  487 90  HOH HOH A . 
C 3 HOH 88  488 91  HOH HOH A . 
C 3 HOH 89  489 92  HOH HOH A . 
C 3 HOH 90  490 93  HOH HOH A . 
C 3 HOH 91  491 94  HOH HOH A . 
C 3 HOH 92  492 95  HOH HOH A . 
C 3 HOH 93  493 96  HOH HOH A . 
C 3 HOH 94  494 97  HOH HOH A . 
C 3 HOH 95  495 98  HOH HOH A . 
C 3 HOH 96  496 99  HOH HOH A . 
C 3 HOH 97  497 100 HOH HOH A . 
C 3 HOH 98  498 101 HOH HOH A . 
C 3 HOH 99  499 102 HOH HOH A . 
C 3 HOH 100 500 103 HOH HOH A . 
C 3 HOH 101 501 104 HOH HOH A . 
C 3 HOH 102 502 105 HOH HOH A . 
C 3 HOH 103 503 106 HOH HOH A . 
C 3 HOH 104 504 107 HOH HOH A . 
C 3 HOH 105 505 108 HOH HOH A . 
C 3 HOH 106 506 109 HOH HOH A . 
C 3 HOH 107 507 110 HOH HOH A . 
C 3 HOH 108 508 111 HOH HOH A . 
C 3 HOH 109 509 112 HOH HOH A . 
C 3 HOH 110 510 113 HOH HOH A . 
C 3 HOH 111 511 114 HOH HOH A . 
C 3 HOH 112 512 115 HOH HOH A . 
C 3 HOH 113 513 116 HOH HOH A . 
C 3 HOH 114 514 117 HOH HOH A . 
C 3 HOH 115 515 118 HOH HOH A . 
C 3 HOH 116 516 119 HOH HOH A . 
C 3 HOH 117 517 120 HOH HOH A . 
C 3 HOH 118 518 121 HOH HOH A . 
C 3 HOH 119 519 122 HOH HOH A . 
C 3 HOH 120 520 123 HOH HOH A . 
C 3 HOH 121 521 124 HOH HOH A . 
C 3 HOH 122 522 125 HOH HOH A . 
C 3 HOH 123 523 126 HOH HOH A . 
C 3 HOH 124 524 127 HOH HOH A . 
C 3 HOH 125 525 128 HOH HOH A . 
C 3 HOH 126 526 129 HOH HOH A . 
C 3 HOH 127 527 130 HOH HOH A . 
C 3 HOH 128 528 131 HOH HOH A . 
C 3 HOH 129 529 132 HOH HOH A . 
C 3 HOH 130 530 133 HOH HOH A . 
C 3 HOH 131 531 134 HOH HOH A . 
C 3 HOH 132 532 135 HOH HOH A . 
C 3 HOH 133 533 136 HOH HOH A . 
C 3 HOH 134 534 137 HOH HOH A . 
C 3 HOH 135 535 138 HOH HOH A . 
C 3 HOH 136 536 139 HOH HOH A . 
C 3 HOH 137 537 140 HOH HOH A . 
C 3 HOH 138 538 141 HOH HOH A . 
C 3 HOH 139 539 142 HOH HOH A . 
C 3 HOH 140 540 143 HOH HOH A . 
C 3 HOH 141 541 144 HOH HOH A . 
C 3 HOH 142 542 145 HOH HOH A . 
C 3 HOH 143 543 146 HOH HOH A . 
C 3 HOH 144 544 148 HOH HOH A . 
C 3 HOH 145 545 149 HOH HOH A . 
C 3 HOH 146 546 150 HOH HOH A . 
C 3 HOH 147 547 151 HOH HOH A . 
C 3 HOH 148 548 152 HOH HOH A . 
C 3 HOH 149 549 153 HOH HOH A . 
C 3 HOH 150 550 154 HOH HOH A . 
C 3 HOH 151 551 155 HOH HOH A . 
C 3 HOH 152 552 156 HOH HOH A . 
C 3 HOH 153 553 157 HOH HOH A . 
C 3 HOH 154 554 158 HOH HOH A . 
C 3 HOH 155 555 159 HOH HOH A . 
C 3 HOH 156 556 160 HOH HOH A . 
C 3 HOH 157 557 161 HOH HOH A . 
C 3 HOH 158 558 162 HOH HOH A . 
C 3 HOH 159 559 163 HOH HOH A . 
C 3 HOH 160 560 164 HOH HOH A . 
C 3 HOH 161 561 165 HOH HOH A . 
C 3 HOH 162 562 166 HOH HOH A . 
C 3 HOH 163 563 167 HOH HOH A . 
C 3 HOH 164 564 168 HOH HOH A . 
C 3 HOH 165 565 169 HOH HOH A . 
C 3 HOH 166 566 170 HOH HOH A . 
C 3 HOH 167 567 171 HOH HOH A . 
C 3 HOH 168 568 172 HOH HOH A . 
C 3 HOH 169 569 173 HOH HOH A . 
C 3 HOH 170 570 174 HOH HOH A . 
C 3 HOH 171 571 175 HOH HOH A . 
C 3 HOH 172 572 176 HOH HOH A . 
C 3 HOH 173 573 177 HOH HOH A . 
C 3 HOH 174 574 178 HOH HOH A . 
C 3 HOH 175 575 179 HOH HOH A . 
C 3 HOH 176 576 180 HOH HOH A . 
C 3 HOH 177 577 181 HOH HOH A . 
C 3 HOH 178 578 182 HOH HOH A . 
C 3 HOH 179 579 183 HOH HOH A . 
C 3 HOH 180 580 184 HOH HOH A . 
C 3 HOH 181 581 185 HOH HOH A . 
C 3 HOH 182 582 186 HOH HOH A . 
C 3 HOH 183 583 188 HOH HOH A . 
C 3 HOH 184 584 191 HOH HOH A . 
# 
loop_
_pdbx_struct_assembly.id 
_pdbx_struct_assembly.details 
_pdbx_struct_assembly.method_details 
_pdbx_struct_assembly.oligomeric_details 
_pdbx_struct_assembly.oligomeric_count 
1 author_defined_assembly   ?    monomeric 1 
2 software_defined_assembly PISA dimeric   2 
# 
loop_
_pdbx_struct_assembly_gen.assembly_id 
_pdbx_struct_assembly_gen.oper_expression 
_pdbx_struct_assembly_gen.asym_id_list 
1 1   A,B,C 
2 1,2 A,B,C 
# 
loop_
_pdbx_struct_assembly_prop.biol_id 
_pdbx_struct_assembly_prop.type 
_pdbx_struct_assembly_prop.value 
_pdbx_struct_assembly_prop.details 
2 'ABSA (A^2)' 3370  ? 
2 MORE         -19   ? 
2 'SSA (A^2)'  15920 ? 
# 
loop_
_pdbx_struct_oper_list.id 
_pdbx_struct_oper_list.type 
_pdbx_struct_oper_list.name 
_pdbx_struct_oper_list.symmetry_operation 
_pdbx_struct_oper_list.matrix[1][1] 
_pdbx_struct_oper_list.matrix[1][2] 
_pdbx_struct_oper_list.matrix[1][3] 
_pdbx_struct_oper_list.vector[1] 
_pdbx_struct_oper_list.matrix[2][1] 
_pdbx_struct_oper_list.matrix[2][2] 
_pdbx_struct_oper_list.matrix[2][3] 
_pdbx_struct_oper_list.vector[2] 
_pdbx_struct_oper_list.matrix[3][1] 
_pdbx_struct_oper_list.matrix[3][2] 
_pdbx_struct_oper_list.matrix[3][3] 
_pdbx_struct_oper_list.vector[3] 
1 'identity operation'         1_555 x,y,z     1.0000000000  0.0000000000  0.0000000000 0.0000000000  0.0000000000  1.0000000000  0.0000000000  0.0000000000 0.0000000000 0.0000000000  1.0000000000 0.0000000000   
2 'crystal symmetry operation' 4_565 -x,-y+1,z -0.6449047187 -0.3199691555 0.6940588183 32.9202661814 -0.3199691555 -0.7116822840 -0.6254023235 5.3384171407 0.6940588183 -0.6254023235 0.3565870027 -14.3816375375 
# 
_pdbx_struct_special_symmetry.id              1 
_pdbx_struct_special_symmetry.PDB_model_num   1 
_pdbx_struct_special_symmetry.auth_asym_id    A 
_pdbx_struct_special_symmetry.auth_comp_id    HOH 
_pdbx_struct_special_symmetry.auth_seq_id     503 
_pdbx_struct_special_symmetry.PDB_ins_code    ? 
_pdbx_struct_special_symmetry.label_asym_id   C 
_pdbx_struct_special_symmetry.label_comp_id   HOH 
_pdbx_struct_special_symmetry.label_seq_id    . 
# 
loop_
_pdbx_audit_revision_history.ordinal 
_pdbx_audit_revision_history.data_content_type 
_pdbx_audit_revision_history.major_revision 
_pdbx_audit_revision_history.minor_revision 
_pdbx_audit_revision_history.revision_date 
1 'Structure model' 1 0 2012-01-25 
2 'Structure model' 1 1 2012-02-08 
3 'Structure model' 1 2 2012-02-15 
4 'Structure model' 1 3 2017-11-08 
5 'Structure model' 1 4 2023-09-13 
# 
_pdbx_audit_revision_details.ordinal             1 
_pdbx_audit_revision_details.revision_ordinal    1 
_pdbx_audit_revision_details.data_content_type   'Structure model' 
_pdbx_audit_revision_details.provider            repository 
_pdbx_audit_revision_details.type                'Initial release' 
_pdbx_audit_revision_details.description         ? 
_pdbx_audit_revision_details.details             ? 
# 
loop_
_pdbx_audit_revision_group.ordinal 
_pdbx_audit_revision_group.revision_ordinal 
_pdbx_audit_revision_group.data_content_type 
_pdbx_audit_revision_group.group 
1 2 'Structure model' 'Database references'    
2 3 'Structure model' 'Database references'    
3 4 'Structure model' Advisory                 
4 4 'Structure model' 'Refinement description' 
5 5 'Structure model' Advisory                 
6 5 'Structure model' 'Data collection'        
7 5 'Structure model' 'Database references'    
8 5 'Structure model' 'Derived calculations'   
9 5 'Structure model' 'Refinement description' 
# 
loop_
_pdbx_audit_revision_category.ordinal 
_pdbx_audit_revision_category.revision_ordinal 
_pdbx_audit_revision_category.data_content_type 
_pdbx_audit_revision_category.category 
1 4 'Structure model' pdbx_unobs_or_zero_occ_residues 
2 4 'Structure model' software                        
3 5 'Structure model' chem_comp_atom                  
4 5 'Structure model' chem_comp_bond                  
5 5 'Structure model' database_2                      
6 5 'Structure model' pdbx_initial_refinement_model   
7 5 'Structure model' pdbx_unobs_or_zero_occ_residues 
8 5 'Structure model' struct_ref_seq_dif              
9 5 'Structure model' struct_site                     
# 
loop_
_pdbx_audit_revision_item.ordinal 
_pdbx_audit_revision_item.revision_ordinal 
_pdbx_audit_revision_item.data_content_type 
_pdbx_audit_revision_item.item 
1 5 'Structure model' '_database_2.pdbx_DOI'                
2 5 'Structure model' '_database_2.pdbx_database_accession' 
3 5 'Structure model' '_struct_ref_seq_dif.details'         
4 5 'Structure model' '_struct_site.pdbx_auth_asym_id'      
5 5 'Structure model' '_struct_site.pdbx_auth_comp_id'      
6 5 'Structure model' '_struct_site.pdbx_auth_seq_id'       
# 
_diffrn_reflns.number      371482 
_diffrn_reflns.diffrn_id   1 
# 
loop_
_software.name 
_software.version 
_software.date 
_software.type 
_software.contact_author 
_software.contact_author_email 
_software.classification 
_software.location 
_software.language 
_software.citation_id 
_software.description 
_software.pdbx_ordinal 
SCALA  'CCP4_3.3.16 2010/01/06' ? program 'P.R. Evans' pre@mrc-lmb.cam.ac.uk 'data scaling'   
http://www.ccp4.ac.uk/dist/html/refmac5.html Fortran_77 ? 'scale together multiple observations of reflections' 1 
MOSFLM .                        ? ?       ?            ?                     'data reduction' ? ?          ? ? 2 
FFT    .                        ? ?       ?            ?                     phasing          ? ?          ? ? 3 
REFMAC 5.5.0109                 ? ?       ?            ?                     refinement       ? ?          ? ? 4 
# 
_pdbx_validate_symm_contact.id                1 
_pdbx_validate_symm_contact.PDB_model_num     1 
_pdbx_validate_symm_contact.auth_atom_id_1    OE2 
_pdbx_validate_symm_contact.auth_asym_id_1    A 
_pdbx_validate_symm_contact.auth_comp_id_1    GLU 
_pdbx_validate_symm_contact.auth_seq_id_1     27 
_pdbx_validate_symm_contact.PDB_ins_code_1    ? 
_pdbx_validate_symm_contact.label_alt_id_1    ? 
_pdbx_validate_symm_contact.site_symmetry_1   1_555 
_pdbx_validate_symm_contact.auth_atom_id_2    OE2 
_pdbx_validate_symm_contact.auth_asym_id_2    A 
_pdbx_validate_symm_contact.auth_comp_id_2    GLU 
_pdbx_validate_symm_contact.auth_seq_id_2     27 
_pdbx_validate_symm_contact.PDB_ins_code_2    ? 
_pdbx_validate_symm_contact.label_alt_id_2    ? 
_pdbx_validate_symm_contact.site_symmetry_2   11_555 
_pdbx_validate_symm_contact.dist              1.90 
# 
loop_
_pdbx_unobs_or_zero_occ_atoms.id 
_pdbx_unobs_or_zero_occ_atoms.PDB_model_num 
_pdbx_unobs_or_zero_occ_atoms.polymer_flag 
_pdbx_unobs_or_zero_occ_atoms.occupancy_flag 
_pdbx_unobs_or_zero_occ_atoms.auth_asym_id 
_pdbx_unobs_or_zero_occ_atoms.auth_comp_id 
_pdbx_unobs_or_zero_occ_atoms.auth_seq_id 
_pdbx_unobs_or_zero_occ_atoms.PDB_ins_code 
_pdbx_unobs_or_zero_occ_atoms.auth_atom_id 
_pdbx_unobs_or_zero_occ_atoms.label_alt_id 
_pdbx_unobs_or_zero_occ_atoms.label_asym_id 
_pdbx_unobs_or_zero_occ_atoms.label_comp_id 
_pdbx_unobs_or_zero_occ_atoms.label_seq_id 
_pdbx_unobs_or_zero_occ_atoms.label_atom_id 
1 1 Y 1 A LYS 12  ? CG  ? A LYS 9 CG  
2 1 Y 1 A LYS 12  ? CD  ? A LYS 9 CD  
3 1 Y 1 A LYS 12  ? CE  ? A LYS 9 CE  
4 1 Y 1 A LYS 12  ? NZ  ? A LYS 9 NZ  
5 1 N 1 A ANP 300 ? PG  ? B ANP 1 PG  
6 1 N 1 A ANP 300 ? O1G ? B ANP 1 O1G 
7 1 N 1 A ANP 300 ? O2G ? B ANP 1 O2G 
8 1 N 1 A ANP 300 ? O3G ? B ANP 1 O3G 
# 
loop_
_pdbx_unobs_or_zero_occ_residues.id 
_pdbx_unobs_or_zero_occ_residues.PDB_model_num 
_pdbx_unobs_or_zero_occ_residues.polymer_flag 
_pdbx_unobs_or_zero_occ_residues.occupancy_flag 
_pdbx_unobs_or_zero_occ_residues.auth_asym_id 
_pdbx_unobs_or_zero_occ_residues.auth_comp_id 
_pdbx_unobs_or_zero_occ_residues.auth_seq_id 
_pdbx_unobs_or_zero_occ_residues.PDB_ins_code 
_pdbx_unobs_or_zero_occ_residues.label_asym_id 
_pdbx_unobs_or_zero_occ_residues.label_comp_id 
_pdbx_unobs_or_zero_occ_residues.label_seq_id 
1  1 Y 1 A MET 4   ? A MET 1   
2  1 Y 1 A HIS 5   ? A HIS 2   
3  1 Y 1 A HIS 6   ? A HIS 3   
4  1 Y 1 A HIS 7   ? A HIS 4   
5  1 Y 1 A HIS 8   ? A HIS 5   
6  1 Y 1 A HIS 9   ? A HIS 6   
7  1 Y 1 A HIS 10  ? A HIS 7   
8  1 Y 1 A MET 11  ? A MET 8   
9  1 Y 1 A LYS 190 ? A LYS 187 
10 1 Y 1 A GLY 191 ? A GLY 188 
11 1 N 0 A HOH 419 ? C HOH ?   
12 1 N 0 A HOH 426 ? C HOH ?   
13 1 N 0 A HOH 494 ? C HOH ?   
# 
loop_
_chem_comp_atom.comp_id 
_chem_comp_atom.atom_id 
_chem_comp_atom.type_symbol 
_chem_comp_atom.pdbx_aromatic_flag 
_chem_comp_atom.pdbx_stereo_config 
_chem_comp_atom.pdbx_ordinal 
ALA N      N N N 1   
ALA CA     C N S 2   
ALA C      C N N 3   
ALA O      O N N 4   
ALA CB     C N N 5   
ALA OXT    O N N 6   
ALA H      H N N 7   
ALA H2     H N N 8   
ALA HA     H N N 9   
ALA HB1    H N N 10  
ALA HB2    H N N 11  
ALA HB3    H N N 12  
ALA HXT    H N N 13  
ANP PG     P N N 14  
ANP O1G    O N N 15  
ANP O2G    O N N 16  
ANP O3G    O N N 17  
ANP PB     P N N 18  
ANP O1B    O N N 19  
ANP O2B    O N N 20  
ANP N3B    N N N 21  
ANP PA     P N N 22  
ANP O1A    O N N 23  
ANP O2A    O N N 24  
ANP O3A    O N N 25  
ANP "O5'"  O N N 26  
ANP "C5'"  C N N 27  
ANP "C4'"  C N R 28  
ANP "O4'"  O N N 29  
ANP "C3'"  C N S 30  
ANP "O3'"  O N N 31  
ANP "C2'"  C N R 32  
ANP "O2'"  O N N 33  
ANP "C1'"  C N R 34  
ANP N9     N Y N 35  
ANP C8     C Y N 36  
ANP N7     N Y N 37  
ANP C5     C Y N 38  
ANP C6     C Y N 39  
ANP N6     N N N 40  
ANP N1     N Y N 41  
ANP C2     C Y N 42  
ANP N3     N Y N 43  
ANP C4     C Y N 44  
ANP HOG2   H N N 45  
ANP HOG3   H N N 46  
ANP HOB2   H N N 47  
ANP HNB1   H N N 48  
ANP HOA2   H N N 49  
ANP "H5'1" H N N 50  
ANP "H5'2" H N N 51  
ANP "H4'"  H N N 52  
ANP "H3'"  H N N 53  
ANP "HO3'" H N N 54  
ANP "H2'"  H N N 55  
ANP "HO2'" H N N 56  
ANP "H1'"  H N N 57  
ANP H8     H N N 58  
ANP HN61   H N N 59  
ANP HN62   H N N 60  
ANP H2     H N N 61  
ARG N      N N N 62  
ARG CA     C N S 63  
ARG C      C N N 64  
ARG O      O N N 65  
ARG CB     C N N 66  
ARG CG     C N N 67  
ARG CD     C N N 68  
ARG NE     N N N 69  
ARG CZ     C N N 70  
ARG NH1    N N N 71  
ARG NH2    N N N 72  
ARG OXT    O N N 73  
ARG H      H N N 74  
ARG H2     H N N 75  
ARG HA     H N N 76  
ARG HB2    H N N 77  
ARG HB3    H N N 78  
ARG HG2    H N N 79  
ARG HG3    H N N 80  
ARG HD2    H N N 81  
ARG HD3    H N N 82  
ARG HE     H N N 83  
ARG HH11   H N N 84  
ARG HH12   H N N 85  
ARG HH21   H N N 86  
ARG HH22   H N N 87  
ARG HXT    H N N 88  
ASN N      N N N 89  
ASN CA     C N S 90  
ASN C      C N N 91  
ASN O      O N N 92  
ASN CB     C N N 93  
ASN CG     C N N 94  
ASN OD1    O N N 95  
ASN ND2    N N N 96  
ASN OXT    O N N 97  
ASN H      H N N 98  
ASN H2     H N N 99  
ASN HA     H N N 100 
ASN HB2    H N N 101 
ASN HB3    H N N 102 
ASN HD21   H N N 103 
ASN HD22   H N N 104 
ASN HXT    H N N 105 
ASP N      N N N 106 
ASP CA     C N S 107 
ASP C      C N N 108 
ASP O      O N N 109 
ASP CB     C N N 110 
ASP CG     C N N 111 
ASP OD1    O N N 112 
ASP OD2    O N N 113 
ASP OXT    O N N 114 
ASP H      H N N 115 
ASP H2     H N N 116 
ASP HA     H N N 117 
ASP HB2    H N N 118 
ASP HB3    H N N 119 
ASP HD2    H N N 120 
ASP HXT    H N N 121 
GLN N      N N N 122 
GLN CA     C N S 123 
GLN C      C N N 124 
GLN O      O N N 125 
GLN CB     C N N 126 
GLN CG     C N N 127 
GLN CD     C N N 128 
GLN OE1    O N N 129 
GLN NE2    N N N 130 
GLN OXT    O N N 131 
GLN H      H N N 132 
GLN H2     H N N 133 
GLN HA     H N N 134 
GLN HB2    H N N 135 
GLN HB3    H N N 136 
GLN HG2    H N N 137 
GLN HG3    H N N 138 
GLN HE21   H N N 139 
GLN HE22   H N N 140 
GLN HXT    H N N 141 
GLU N      N N N 142 
GLU CA     C N S 143 
GLU C      C N N 144 
GLU O      O N N 145 
GLU CB     C N N 146 
GLU CG     C N N 147 
GLU CD     C N N 148 
GLU OE1    O N N 149 
GLU OE2    O N N 150 
GLU OXT    O N N 151 
GLU H      H N N 152 
GLU H2     H N N 153 
GLU HA     H N N 154 
GLU HB2    H N N 155 
GLU HB3    H N N 156 
GLU HG2    H N N 157 
GLU HG3    H N N 158 
GLU HE2    H N N 159 
GLU HXT    H N N 160 
GLY N      N N N 161 
GLY CA     C N N 162 
GLY C      C N N 163 
GLY O      O N N 164 
GLY OXT    O N N 165 
GLY H      H N N 166 
GLY H2     H N N 167 
GLY HA2    H N N 168 
GLY HA3    H N N 169 
GLY HXT    H N N 170 
HIS N      N N N 171 
HIS CA     C N S 172 
HIS C      C N N 173 
HIS O      O N N 174 
HIS CB     C N N 175 
HIS CG     C Y N 176 
HIS ND1    N Y N 177 
HIS CD2    C Y N 178 
HIS CE1    C Y N 179 
HIS NE2    N Y N 180 
HIS OXT    O N N 181 
HIS H      H N N 182 
HIS H2     H N N 183 
HIS HA     H N N 184 
HIS HB2    H N N 185 
HIS HB3    H N N 186 
HIS HD1    H N N 187 
HIS HD2    H N N 188 
HIS HE1    H N N 189 
HIS HE2    H N N 190 
HIS HXT    H N N 191 
HOH O      O N N 192 
HOH H1     H N N 193 
HOH H2     H N N 194 
ILE N      N N N 195 
ILE CA     C N S 196 
ILE C      C N N 197 
ILE O      O N N 198 
ILE CB     C N S 199 
ILE CG1    C N N 200 
ILE CG2    C N N 201 
ILE CD1    C N N 202 
ILE OXT    O N N 203 
ILE H      H N N 204 
ILE H2     H N N 205 
ILE HA     H N N 206 
ILE HB     H N N 207 
ILE HG12   H N N 208 
ILE HG13   H N N 209 
ILE HG21   H N N 210 
ILE HG22   H N N 211 
ILE HG23   H N N 212 
ILE HD11   H N N 213 
ILE HD12   H N N 214 
ILE HD13   H N N 215 
ILE HXT    H N N 216 
LEU N      N N N 217 
LEU CA     C N S 218 
LEU C      C N N 219 
LEU O      O N N 220 
LEU CB     C N N 221 
LEU CG     C N N 222 
LEU CD1    C N N 223 
LEU CD2    C N N 224 
LEU OXT    O N N 225 
LEU H      H N N 226 
LEU H2     H N N 227 
LEU HA     H N N 228 
LEU HB2    H N N 229 
LEU HB3    H N N 230 
LEU HG     H N N 231 
LEU HD11   H N N 232 
LEU HD12   H N N 233 
LEU HD13   H N N 234 
LEU HD21   H N N 235 
LEU HD22   H N N 236 
LEU HD23   H N N 237 
LEU HXT    H N N 238 
LYS N      N N N 239 
LYS CA     C N S 240 
LYS C      C N N 241 
LYS O      O N N 242 
LYS CB     C N N 243 
LYS CG     C N N 244 
LYS CD     C N N 245 
LYS CE     C N N 246 
LYS NZ     N N N 247 
LYS OXT    O N N 248 
LYS H      H N N 249 
LYS H2     H N N 250 
LYS HA     H N N 251 
LYS HB2    H N N 252 
LYS HB3    H N N 253 
LYS HG2    H N N 254 
LYS HG3    H N N 255 
LYS HD2    H N N 256 
LYS HD3    H N N 257 
LYS HE2    H N N 258 
LYS HE3    H N N 259 
LYS HZ1    H N N 260 
LYS HZ2    H N N 261 
LYS HZ3    H N N 262 
LYS HXT    H N N 263 
MET N      N N N 264 
MET CA     C N S 265 
MET C      C N N 266 
MET O      O N N 267 
MET CB     C N N 268 
MET CG     C N N 269 
MET SD     S N N 270 
MET CE     C N N 271 
MET OXT    O N N 272 
MET H      H N N 273 
MET H2     H N N 274 
MET HA     H N N 275 
MET HB2    H N N 276 
MET HB3    H N N 277 
MET HG2    H N N 278 
MET HG3    H N N 279 
MET HE1    H N N 280 
MET HE2    H N N 281 
MET HE3    H N N 282 
MET HXT    H N N 283 
PHE N      N N N 284 
PHE CA     C N S 285 
PHE C      C N N 286 
PHE O      O N N 287 
PHE CB     C N N 288 
PHE CG     C Y N 289 
PHE CD1    C Y N 290 
PHE CD2    C Y N 291 
PHE CE1    C Y N 292 
PHE CE2    C Y N 293 
PHE CZ     C Y N 294 
PHE OXT    O N N 295 
PHE H      H N N 296 
PHE H2     H N N 297 
PHE HA     H N N 298 
PHE HB2    H N N 299 
PHE HB3    H N N 300 
PHE HD1    H N N 301 
PHE HD2    H N N 302 
PHE HE1    H N N 303 
PHE HE2    H N N 304 
PHE HZ     H N N 305 
PHE HXT    H N N 306 
PRO N      N N N 307 
PRO CA     C N S 308 
PRO C      C N N 309 
PRO O      O N N 310 
PRO CB     C N N 311 
PRO CG     C N N 312 
PRO CD     C N N 313 
PRO OXT    O N N 314 
PRO H      H N N 315 
PRO HA     H N N 316 
PRO HB2    H N N 317 
PRO HB3    H N N 318 
PRO HG2    H N N 319 
PRO HG3    H N N 320 
PRO HD2    H N N 321 
PRO HD3    H N N 322 
PRO HXT    H N N 323 
SER N      N N N 324 
SER CA     C N S 325 
SER C      C N N 326 
SER O      O N N 327 
SER CB     C N N 328 
SER OG     O N N 329 
SER OXT    O N N 330 
SER H      H N N 331 
SER H2     H N N 332 
SER HA     H N N 333 
SER HB2    H N N 334 
SER HB3    H N N 335 
SER HG     H N N 336 
SER HXT    H N N 337 
THR N      N N N 338 
THR CA     C N S 339 
THR C      C N N 340 
THR O      O N N 341 
THR CB     C N R 342 
THR OG1    O N N 343 
THR CG2    C N N 344 
THR OXT    O N N 345 
THR H      H N N 346 
THR H2     H N N 347 
THR HA     H N N 348 
THR HB     H N N 349 
THR HG1    H N N 350 
THR HG21   H N N 351 
THR HG22   H N N 352 
THR HG23   H N N 353 
THR HXT    H N N 354 
TRP N      N N N 355 
TRP CA     C N S 356 
TRP C      C N N 357 
TRP O      O N N 358 
TRP CB     C N N 359 
TRP CG     C Y N 360 
TRP CD1    C Y N 361 
TRP CD2    C Y N 362 
TRP NE1    N Y N 363 
TRP CE2    C Y N 364 
TRP CE3    C Y N 365 
TRP CZ2    C Y N 366 
TRP CZ3    C Y N 367 
TRP CH2    C Y N 368 
TRP OXT    O N N 369 
TRP H      H N N 370 
TRP H2     H N N 371 
TRP HA     H N N 372 
TRP HB2    H N N 373 
TRP HB3    H N N 374 
TRP HD1    H N N 375 
TRP HE1    H N N 376 
TRP HE3    H N N 377 
TRP HZ2    H N N 378 
TRP HZ3    H N N 379 
TRP HH2    H N N 380 
TRP HXT    H N N 381 
TYR N      N N N 382 
TYR CA     C N S 383 
TYR C      C N N 384 
TYR O      O N N 385 
TYR CB     C N N 386 
TYR CG     C Y N 387 
TYR CD1    C Y N 388 
TYR CD2    C Y N 389 
TYR CE1    C Y N 390 
TYR CE2    C Y N 391 
TYR CZ     C Y N 392 
TYR OH     O N N 393 
TYR OXT    O N N 394 
TYR H      H N N 395 
TYR H2     H N N 396 
TYR HA     H N N 397 
TYR HB2    H N N 398 
TYR HB3    H N N 399 
TYR HD1    H N N 400 
TYR HD2    H N N 401 
TYR HE1    H N N 402 
TYR HE2    H N N 403 
TYR HH     H N N 404 
TYR HXT    H N N 405 
VAL N      N N N 406 
VAL CA     C N S 407 
VAL C      C N N 408 
VAL O      O N N 409 
VAL CB     C N N 410 
VAL CG1    C N N 411 
VAL CG2    C N N 412 
VAL OXT    O N N 413 
VAL H      H N N 414 
VAL H2     H N N 415 
VAL HA     H N N 416 
VAL HB     H N N 417 
VAL HG11   H N N 418 
VAL HG12   H N N 419 
VAL HG13   H N N 420 
VAL HG21   H N N 421 
VAL HG22   H N N 422 
VAL HG23   H N N 423 
VAL HXT    H N N 424 
# 
loop_
_chem_comp_bond.comp_id 
_chem_comp_bond.atom_id_1 
_chem_comp_bond.atom_id_2 
_chem_comp_bond.value_order 
_chem_comp_bond.pdbx_aromatic_flag 
_chem_comp_bond.pdbx_stereo_config 
_chem_comp_bond.pdbx_ordinal 
ALA N     CA     sing N N 1   
ALA N     H      sing N N 2   
ALA N     H2     sing N N 3   
ALA CA    C      sing N N 4   
ALA CA    CB     sing N N 5   
ALA CA    HA     sing N N 6   
ALA C     O      doub N N 7   
ALA C     OXT    sing N N 8   
ALA CB    HB1    sing N N 9   
ALA CB    HB2    sing N N 10  
ALA CB    HB3    sing N N 11  
ALA OXT   HXT    sing N N 12  
ANP PG    O1G    doub N N 13  
ANP PG    O2G    sing N N 14  
ANP PG    O3G    sing N N 15  
ANP PG    N3B    sing N N 16  
ANP O2G   HOG2   sing N N 17  
ANP O3G   HOG3   sing N N 18  
ANP PB    O1B    doub N N 19  
ANP PB    O2B    sing N N 20  
ANP PB    N3B    sing N N 21  
ANP PB    O3A    sing N N 22  
ANP O2B   HOB2   sing N N 23  
ANP N3B   HNB1   sing N N 24  
ANP PA    O1A    doub N N 25  
ANP PA    O2A    sing N N 26  
ANP PA    O3A    sing N N 27  
ANP PA    "O5'"  sing N N 28  
ANP O2A   HOA2   sing N N 29  
ANP "O5'" "C5'"  sing N N 30  
ANP "C5'" "C4'"  sing N N 31  
ANP "C5'" "H5'1" sing N N 32  
ANP "C5'" "H5'2" sing N N 33  
ANP "C4'" "O4'"  sing N N 34  
ANP "C4'" "C3'"  sing N N 35  
ANP "C4'" "H4'"  sing N N 36  
ANP "O4'" "C1'"  sing N N 37  
ANP "C3'" "O3'"  sing N N 38  
ANP "C3'" "C2'"  sing N N 39  
ANP "C3'" "H3'"  sing N N 40  
ANP "O3'" "HO3'" sing N N 41  
ANP "C2'" "O2'"  sing N N 42  
ANP "C2'" "C1'"  sing N N 43  
ANP "C2'" "H2'"  sing N N 44  
ANP "O2'" "HO2'" sing N N 45  
ANP "C1'" N9     sing N N 46  
ANP "C1'" "H1'"  sing N N 47  
ANP N9    C8     sing Y N 48  
ANP N9    C4     sing Y N 49  
ANP C8    N7     doub Y N 50  
ANP C8    H8     sing N N 51  
ANP N7    C5     sing Y N 52  
ANP C5    C6     sing Y N 53  
ANP C5    C4     doub Y N 54  
ANP C6    N6     sing N N 55  
ANP C6    N1     doub Y N 56  
ANP N6    HN61   sing N N 57  
ANP N6    HN62   sing N N 58  
ANP N1    C2     sing Y N 59  
ANP C2    N3     doub Y N 60  
ANP C2    H2     sing N N 61  
ANP N3    C4     sing Y N 62  
ARG N     CA     sing N N 63  
ARG N     H      sing N N 64  
ARG N     H2     sing N N 65  
ARG CA    C      sing N N 66  
ARG CA    CB     sing N N 67  
ARG CA    HA     sing N N 68  
ARG C     O      doub N N 69  
ARG C     OXT    sing N N 70  
ARG CB    CG     sing N N 71  
ARG CB    HB2    sing N N 72  
ARG CB    HB3    sing N N 73  
ARG CG    CD     sing N N 74  
ARG CG    HG2    sing N N 75  
ARG CG    HG3    sing N N 76  
ARG CD    NE     sing N N 77  
ARG CD    HD2    sing N N 78  
ARG CD    HD3    sing N N 79  
ARG NE    CZ     sing N N 80  
ARG NE    HE     sing N N 81  
ARG CZ    NH1    sing N N 82  
ARG CZ    NH2    doub N N 83  
ARG NH1   HH11   sing N N 84  
ARG NH1   HH12   sing N N 85  
ARG NH2   HH21   sing N N 86  
ARG NH2   HH22   sing N N 87  
ARG OXT   HXT    sing N N 88  
ASN N     CA     sing N N 89  
ASN N     H      sing N N 90  
ASN N     H2     sing N N 91  
ASN CA    C      sing N N 92  
ASN CA    CB     sing N N 93  
ASN CA    HA     sing N N 94  
ASN C     O      doub N N 95  
ASN C     OXT    sing N N 96  
ASN CB    CG     sing N N 97  
ASN CB    HB2    sing N N 98  
ASN CB    HB3    sing N N 99  
ASN CG    OD1    doub N N 100 
ASN CG    ND2    sing N N 101 
ASN ND2   HD21   sing N N 102 
ASN ND2   HD22   sing N N 103 
ASN OXT   HXT    sing N N 104 
ASP N     CA     sing N N 105 
ASP N     H      sing N N 106 
ASP N     H2     sing N N 107 
ASP CA    C      sing N N 108 
ASP CA    CB     sing N N 109 
ASP CA    HA     sing N N 110 
ASP C     O      doub N N 111 
ASP C     OXT    sing N N 112 
ASP CB    CG     sing N N 113 
ASP CB    HB2    sing N N 114 
ASP CB    HB3    sing N N 115 
ASP CG    OD1    doub N N 116 
ASP CG    OD2    sing N N 117 
ASP OD2   HD2    sing N N 118 
ASP OXT   HXT    sing N N 119 
GLN N     CA     sing N N 120 
GLN N     H      sing N N 121 
GLN N     H2     sing N N 122 
GLN CA    C      sing N N 123 
GLN CA    CB     sing N N 124 
GLN CA    HA     sing N N 125 
GLN C     O      doub N N 126 
GLN C     OXT    sing N N 127 
GLN CB    CG     sing N N 128 
GLN CB    HB2    sing N N 129 
GLN CB    HB3    sing N N 130 
GLN CG    CD     sing N N 131 
GLN CG    HG2    sing N N 132 
GLN CG    HG3    sing N N 133 
GLN CD    OE1    doub N N 134 
GLN CD    NE2    sing N N 135 
GLN NE2   HE21   sing N N 136 
GLN NE2   HE22   sing N N 137 
GLN OXT   HXT    sing N N 138 
GLU N     CA     sing N N 139 
GLU N     H      sing N N 140 
GLU N     H2     sing N N 141 
GLU CA    C      sing N N 142 
GLU CA    CB     sing N N 143 
GLU CA    HA     sing N N 144 
GLU C     O      doub N N 145 
GLU C     OXT    sing N N 146 
GLU CB    CG     sing N N 147 
GLU CB    HB2    sing N N 148 
GLU CB    HB3    sing N N 149 
GLU CG    CD     sing N N 150 
GLU CG    HG2    sing N N 151 
GLU CG    HG3    sing N N 152 
GLU CD    OE1    doub N N 153 
GLU CD    OE2    sing N N 154 
GLU OE2   HE2    sing N N 155 
GLU OXT   HXT    sing N N 156 
GLY N     CA     sing N N 157 
GLY N     H      sing N N 158 
GLY N     H2     sing N N 159 
GLY CA    C      sing N N 160 
GLY CA    HA2    sing N N 161 
GLY CA    HA3    sing N N 162 
GLY C     O      doub N N 163 
GLY C     OXT    sing N N 164 
GLY OXT   HXT    sing N N 165 
HIS N     CA     sing N N 166 
HIS N     H      sing N N 167 
HIS N     H2     sing N N 168 
HIS CA    C      sing N N 169 
HIS CA    CB     sing N N 170 
HIS CA    HA     sing N N 171 
HIS C     O      doub N N 172 
HIS C     OXT    sing N N 173 
HIS CB    CG     sing N N 174 
HIS CB    HB2    sing N N 175 
HIS CB    HB3    sing N N 176 
HIS CG    ND1    sing Y N 177 
HIS CG    CD2    doub Y N 178 
HIS ND1   CE1    doub Y N 179 
HIS ND1   HD1    sing N N 180 
HIS CD2   NE2    sing Y N 181 
HIS CD2   HD2    sing N N 182 
HIS CE1   NE2    sing Y N 183 
HIS CE1   HE1    sing N N 184 
HIS NE2   HE2    sing N N 185 
HIS OXT   HXT    sing N N 186 
HOH O     H1     sing N N 187 
HOH O     H2     sing N N 188 
ILE N     CA     sing N N 189 
ILE N     H      sing N N 190 
ILE N     H2     sing N N 191 
ILE CA    C      sing N N 192 
ILE CA    CB     sing N N 193 
ILE CA    HA     sing N N 194 
ILE C     O      doub N N 195 
ILE C     OXT    sing N N 196 
ILE CB    CG1    sing N N 197 
ILE CB    CG2    sing N N 198 
ILE CB    HB     sing N N 199 
ILE CG1   CD1    sing N N 200 
ILE CG1   HG12   sing N N 201 
ILE CG1   HG13   sing N N 202 
ILE CG2   HG21   sing N N 203 
ILE CG2   HG22   sing N N 204 
ILE CG2   HG23   sing N N 205 
ILE CD1   HD11   sing N N 206 
ILE CD1   HD12   sing N N 207 
ILE CD1   HD13   sing N N 208 
ILE OXT   HXT    sing N N 209 
LEU N     CA     sing N N 210 
LEU N     H      sing N N 211 
LEU N     H2     sing N N 212 
LEU CA    C      sing N N 213 
LEU CA    CB     sing N N 214 
LEU CA    HA     sing N N 215 
LEU C     O      doub N N 216 
LEU C     OXT    sing N N 217 
LEU CB    CG     sing N N 218 
LEU CB    HB2    sing N N 219 
LEU CB    HB3    sing N N 220 
LEU CG    CD1    sing N N 221 
LEU CG    CD2    sing N N 222 
LEU CG    HG     sing N N 223 
LEU CD1   HD11   sing N N 224 
LEU CD1   HD12   sing N N 225 
LEU CD1   HD13   sing N N 226 
LEU CD2   HD21   sing N N 227 
LEU CD2   HD22   sing N N 228 
LEU CD2   HD23   sing N N 229 
LEU OXT   HXT    sing N N 230 
LYS N     CA     sing N N 231 
LYS N     H      sing N N 232 
LYS N     H2     sing N N 233 
LYS CA    C      sing N N 234 
LYS CA    CB     sing N N 235 
LYS CA    HA     sing N N 236 
LYS C     O      doub N N 237 
LYS C     OXT    sing N N 238 
LYS CB    CG     sing N N 239 
LYS CB    HB2    sing N N 240 
LYS CB    HB3    sing N N 241 
LYS CG    CD     sing N N 242 
LYS CG    HG2    sing N N 243 
LYS CG    HG3    sing N N 244 
LYS CD    CE     sing N N 245 
LYS CD    HD2    sing N N 246 
LYS CD    HD3    sing N N 247 
LYS CE    NZ     sing N N 248 
LYS CE    HE2    sing N N 249 
LYS CE    HE3    sing N N 250 
LYS NZ    HZ1    sing N N 251 
LYS NZ    HZ2    sing N N 252 
LYS NZ    HZ3    sing N N 253 
LYS OXT   HXT    sing N N 254 
MET N     CA     sing N N 255 
MET N     H      sing N N 256 
MET N     H2     sing N N 257 
MET CA    C      sing N N 258 
MET CA    CB     sing N N 259 
MET CA    HA     sing N N 260 
MET C     O      doub N N 261 
MET C     OXT    sing N N 262 
MET CB    CG     sing N N 263 
MET CB    HB2    sing N N 264 
MET CB    HB3    sing N N 265 
MET CG    SD     sing N N 266 
MET CG    HG2    sing N N 267 
MET CG    HG3    sing N N 268 
MET SD    CE     sing N N 269 
MET CE    HE1    sing N N 270 
MET CE    HE2    sing N N 271 
MET CE    HE3    sing N N 272 
MET OXT   HXT    sing N N 273 
PHE N     CA     sing N N 274 
PHE N     H      sing N N 275 
PHE N     H2     sing N N 276 
PHE CA    C      sing N N 277 
PHE CA    CB     sing N N 278 
PHE CA    HA     sing N N 279 
PHE C     O      doub N N 280 
PHE C     OXT    sing N N 281 
PHE CB    CG     sing N N 282 
PHE CB    HB2    sing N N 283 
PHE CB    HB3    sing N N 284 
PHE CG    CD1    doub Y N 285 
PHE CG    CD2    sing Y N 286 
PHE CD1   CE1    sing Y N 287 
PHE CD1   HD1    sing N N 288 
PHE CD2   CE2    doub Y N 289 
PHE CD2   HD2    sing N N 290 
PHE CE1   CZ     doub Y N 291 
PHE CE1   HE1    sing N N 292 
PHE CE2   CZ     sing Y N 293 
PHE CE2   HE2    sing N N 294 
PHE CZ    HZ     sing N N 295 
PHE OXT   HXT    sing N N 296 
PRO N     CA     sing N N 297 
PRO N     CD     sing N N 298 
PRO N     H      sing N N 299 
PRO CA    C      sing N N 300 
PRO CA    CB     sing N N 301 
PRO CA    HA     sing N N 302 
PRO C     O      doub N N 303 
PRO C     OXT    sing N N 304 
PRO CB    CG     sing N N 305 
PRO CB    HB2    sing N N 306 
PRO CB    HB3    sing N N 307 
PRO CG    CD     sing N N 308 
PRO CG    HG2    sing N N 309 
PRO CG    HG3    sing N N 310 
PRO CD    HD2    sing N N 311 
PRO CD    HD3    sing N N 312 
PRO OXT   HXT    sing N N 313 
SER N     CA     sing N N 314 
SER N     H      sing N N 315 
SER N     H2     sing N N 316 
SER CA    C      sing N N 317 
SER CA    CB     sing N N 318 
SER CA    HA     sing N N 319 
SER C     O      doub N N 320 
SER C     OXT    sing N N 321 
SER CB    OG     sing N N 322 
SER CB    HB2    sing N N 323 
SER CB    HB3    sing N N 324 
SER OG    HG     sing N N 325 
SER OXT   HXT    sing N N 326 
THR N     CA     sing N N 327 
THR N     H      sing N N 328 
THR N     H2     sing N N 329 
THR CA    C      sing N N 330 
THR CA    CB     sing N N 331 
THR CA    HA     sing N N 332 
THR C     O      doub N N 333 
THR C     OXT    sing N N 334 
THR CB    OG1    sing N N 335 
THR CB    CG2    sing N N 336 
THR CB    HB     sing N N 337 
THR OG1   HG1    sing N N 338 
THR CG2   HG21   sing N N 339 
THR CG2   HG22   sing N N 340 
THR CG2   HG23   sing N N 341 
THR OXT   HXT    sing N N 342 
TRP N     CA     sing N N 343 
TRP N     H      sing N N 344 
TRP N     H2     sing N N 345 
TRP CA    C      sing N N 346 
TRP CA    CB     sing N N 347 
TRP CA    HA     sing N N 348 
TRP C     O      doub N N 349 
TRP C     OXT    sing N N 350 
TRP CB    CG     sing N N 351 
TRP CB    HB2    sing N N 352 
TRP CB    HB3    sing N N 353 
TRP CG    CD1    doub Y N 354 
TRP CG    CD2    sing Y N 355 
TRP CD1   NE1    sing Y N 356 
TRP CD1   HD1    sing N N 357 
TRP CD2   CE2    doub Y N 358 
TRP CD2   CE3    sing Y N 359 
TRP NE1   CE2    sing Y N 360 
TRP NE1   HE1    sing N N 361 
TRP CE2   CZ2    sing Y N 362 
TRP CE3   CZ3    doub Y N 363 
TRP CE3   HE3    sing N N 364 
TRP CZ2   CH2    doub Y N 365 
TRP CZ2   HZ2    sing N N 366 
TRP CZ3   CH2    sing Y N 367 
TRP CZ3   HZ3    sing N N 368 
TRP CH2   HH2    sing N N 369 
TRP OXT   HXT    sing N N 370 
TYR N     CA     sing N N 371 
TYR N     H      sing N N 372 
TYR N     H2     sing N N 373 
TYR CA    C      sing N N 374 
TYR CA    CB     sing N N 375 
TYR CA    HA     sing N N 376 
TYR C     O      doub N N 377 
TYR C     OXT    sing N N 378 
TYR CB    CG     sing N N 379 
TYR CB    HB2    sing N N 380 
TYR CB    HB3    sing N N 381 
TYR CG    CD1    doub Y N 382 
TYR CG    CD2    sing Y N 383 
TYR CD1   CE1    sing Y N 384 
TYR CD1   HD1    sing N N 385 
TYR CD2   CE2    doub Y N 386 
TYR CD2   HD2    sing N N 387 
TYR CE1   CZ     doub Y N 388 
TYR CE1   HE1    sing N N 389 
TYR CE2   CZ     sing Y N 390 
TYR CE2   HE2    sing N N 391 
TYR CZ    OH     sing N N 392 
TYR OH    HH     sing N N 393 
TYR OXT   HXT    sing N N 394 
VAL N     CA     sing N N 395 
VAL N     H      sing N N 396 
VAL N     H2     sing N N 397 
VAL CA    C      sing N N 398 
VAL CA    CB     sing N N 399 
VAL CA    HA     sing N N 400 
VAL C     O      doub N N 401 
VAL C     OXT    sing N N 402 
VAL CB    CG1    sing N N 403 
VAL CB    CG2    sing N N 404 
VAL CB    HB     sing N N 405 
VAL CG1   HG11   sing N N 406 
VAL CG1   HG12   sing N N 407 
VAL CG1   HG13   sing N N 408 
VAL CG2   HG21   sing N N 409 
VAL CG2   HG22   sing N N 410 
VAL CG2   HG23   sing N N 411 
VAL OXT   HXT    sing N N 412 
# 
loop_
_pdbx_entity_nonpoly.entity_id 
_pdbx_entity_nonpoly.name 
_pdbx_entity_nonpoly.comp_id 
2 'PHOSPHOAMINOPHOSPHONIC ACID-ADENYLATE ESTER' ANP 
3 water                                         HOH 
# 
_pdbx_initial_refinement_model.id               1 
_pdbx_initial_refinement_model.entity_id_list   ? 
_pdbx_initial_refinement_model.type             'experimental model' 
_pdbx_initial_refinement_model.source_name      PDB 
_pdbx_initial_refinement_model.accession_code   2G03 
_pdbx_initial_refinement_model.details          'PDB entry 2g03' 
# 
